data_9PS8
#
_entry.id   9PS8
#
_cell.length_a   1.00
_cell.length_b   1.00
_cell.length_c   1.00
_cell.angle_alpha   90.00
_cell.angle_beta   90.00
_cell.angle_gamma   90.00
#
_symmetry.space_group_name_H-M   'P 1'
#
loop_
_entity.id
_entity.type
_entity.pdbx_description
1 polymer NCLX
2 non-polymer 'CALCIUM ION'
#
_entity_poly.entity_id   1
_entity_poly.type   'polypeptide(L)'
_entity_poly.pdbx_seq_one_letter_code
;MAGRWLDPLWAPGFLCVALILETASGAGDLSTKAHGHIQFSARGVNQTAMADCRAVCSLNTSDRCDFVKRNPDCHSEGGY
LDYLKGIFCYFPPNLLPLAITLYVFWLLYLFLILGVTAAKFFCPNLSAISTSLKLSHNVAGVTFLAFGNGAPDIFSALVA
FSDPRTAGLAIGALFGAGVLVTTVVAGGITILRPFMAASRPFLRDITFYMVAVFLTFTALYLGRITLVWALGYLGLYVFY
VVTVIICTWVYQRQRSRSLVHSISETPELLTDSEEDQMSSNTNSYDYGEEYRPLLLGEETTGQILLQALNPLDYRKWRTQ
SISCKLLKVAKLPVEFLLLLTVPVVDPDKDDRNWKRPLNCLQLVISPLVLVLTLQSGVYGIYEIGGLLPVWAVVVIVGTA
LASVTFFATSNSEPPRLHWLFAFLGFLTSALWINAAATEVVNILRSLGVVFRLSNTVLGLTLLAWGNSIGDAFSDFTLAR
QGYPRMAFSACFGGIIFNILVGVGLGCLLQIVRSHASEVKLEPDGLLVWVLASALGLSLVFSLVSVPLQCFQLSKAYGLC
LLLFYICFIVVVLLTEFGVIHLKAD
;
_entity_poly.pdbx_strand_id   A,B,C
#
loop_
_chem_comp.id
_chem_comp.type
_chem_comp.name
_chem_comp.formula
CA non-polymer 'CALCIUM ION' 'Ca 2'
#
# COMPACT_ATOMS: atom_id res chain seq x y z
N MET A 50 -38.13 -27.74 5.58
CA MET A 50 -36.74 -28.15 5.46
C MET A 50 -35.89 -27.47 6.53
N ALA A 51 -35.10 -28.26 7.24
CA ALA A 51 -34.23 -27.74 8.29
C ALA A 51 -32.79 -27.63 7.78
N ASP A 52 -32.09 -26.60 8.25
CA ASP A 52 -30.70 -26.41 7.88
C ASP A 52 -29.84 -27.55 8.41
N CYS A 53 -28.81 -27.92 7.64
CA CYS A 53 -27.93 -29.01 8.05
C CYS A 53 -27.18 -28.67 9.34
N ARG A 54 -26.94 -27.38 9.59
CA ARG A 54 -26.27 -26.97 10.82
C ARG A 54 -27.02 -27.43 12.06
N ALA A 55 -28.35 -27.54 11.96
CA ALA A 55 -29.15 -28.03 13.08
C ALA A 55 -28.76 -29.43 13.51
N VAL A 56 -27.88 -30.11 12.77
CA VAL A 56 -27.33 -31.38 13.22
C VAL A 56 -26.66 -31.21 14.58
N CYS A 57 -25.93 -30.11 14.75
CA CYS A 57 -25.26 -29.85 16.03
C CYS A 57 -26.24 -29.66 17.19
N SER A 58 -27.39 -29.03 16.93
CA SER A 58 -28.36 -28.75 17.98
C SER A 58 -29.25 -29.94 18.32
N LEU A 59 -29.28 -30.96 17.47
CA LEU A 59 -30.11 -32.13 17.74
C LEU A 59 -29.42 -33.08 18.71
N ASN A 60 -30.19 -34.03 19.23
CA ASN A 60 -29.64 -35.05 20.11
C ASN A 60 -28.69 -35.95 19.34
N THR A 61 -27.69 -36.47 20.05
CA THR A 61 -26.65 -37.28 19.41
C THR A 61 -27.21 -38.52 18.75
N SER A 62 -28.31 -39.07 19.27
CA SER A 62 -28.92 -40.25 18.68
C SER A 62 -29.57 -39.94 17.33
N ASP A 63 -30.12 -38.73 17.19
CA ASP A 63 -30.87 -38.37 15.99
C ASP A 63 -30.02 -37.67 14.92
N ARG A 64 -28.74 -37.43 15.19
CA ARG A 64 -27.90 -36.73 14.23
C ARG A 64 -27.71 -37.55 12.96
N CYS A 65 -27.36 -38.83 13.11
CA CYS A 65 -27.13 -39.68 11.94
C CYS A 65 -28.41 -39.87 11.14
N ASP A 66 -29.55 -40.06 11.83
CA ASP A 66 -30.82 -40.20 11.14
C ASP A 66 -31.17 -38.92 10.38
N PHE A 67 -30.94 -37.75 10.99
CA PHE A 67 -31.23 -36.49 10.31
C PHE A 67 -30.34 -36.32 9.09
N VAL A 68 -29.07 -36.67 9.20
CA VAL A 68 -28.16 -36.57 8.06
C VAL A 68 -28.62 -37.51 6.94
N LYS A 69 -29.03 -38.73 7.29
CA LYS A 69 -29.50 -39.68 6.29
C LYS A 69 -30.78 -39.19 5.62
N ARG A 70 -31.68 -38.57 6.38
CA ARG A 70 -32.97 -38.16 5.84
C ARG A 70 -32.93 -36.83 5.11
N ASN A 71 -31.89 -36.01 5.34
CA ASN A 71 -31.82 -34.69 4.73
C ASN A 71 -30.88 -34.71 3.55
N PRO A 72 -31.36 -34.55 2.32
CA PRO A 72 -30.45 -34.53 1.17
C PRO A 72 -29.47 -33.36 1.18
N ASP A 73 -29.80 -32.28 1.89
CA ASP A 73 -28.92 -31.11 1.91
C ASP A 73 -27.60 -31.39 2.59
N CYS A 74 -27.55 -32.35 3.52
CA CYS A 74 -26.32 -32.68 4.22
C CYS A 74 -25.39 -33.58 3.40
N HIS A 75 -25.79 -33.82 2.15
CA HIS A 75 -24.93 -34.62 1.24
C HIS A 75 -23.88 -33.69 0.66
N SER A 76 -22.69 -34.21 0.37
CA SER A 76 -21.57 -33.34 -0.08
C SER A 76 -21.81 -32.82 -1.51
N GLU A 77 -21.77 -31.50 -1.68
CA GLU A 77 -21.88 -30.92 -3.04
C GLU A 77 -20.66 -31.40 -3.85
N GLY A 78 -19.49 -31.44 -3.20
CA GLY A 78 -18.27 -31.93 -3.86
C GLY A 78 -18.42 -33.39 -4.26
N GLY A 79 -19.06 -34.20 -3.41
CA GLY A 79 -19.34 -35.61 -3.76
C GLY A 79 -18.21 -36.56 -3.40
N TYR A 80 -18.09 -37.67 -4.14
CA TYR A 80 -17.03 -38.68 -3.88
C TYR A 80 -17.16 -39.22 -2.45
N LEU A 81 -16.04 -39.27 -1.72
CA LEU A 81 -16.06 -39.83 -0.33
C LEU A 81 -16.91 -38.92 0.55
N ASP A 82 -17.93 -39.47 1.22
CA ASP A 82 -18.71 -38.60 2.15
C ASP A 82 -17.95 -38.48 3.47
N TYR A 83 -18.14 -37.42 4.21
CA TYR A 83 -17.40 -37.10 5.42
C TYR A 83 -18.33 -36.91 6.61
N LEU A 84 -19.46 -36.24 6.40
CA LEU A 84 -20.40 -35.99 7.50
C LEU A 84 -20.98 -37.30 8.02
N LYS A 85 -21.29 -38.24 7.11
CA LYS A 85 -21.77 -39.54 7.54
C LYS A 85 -20.71 -40.26 8.38
N GLY A 86 -19.45 -40.19 7.96
CA GLY A 86 -18.40 -40.81 8.75
C GLY A 86 -18.26 -40.18 10.12
N ILE A 87 -18.43 -38.86 10.20
CA ILE A 87 -18.30 -38.16 11.48
C ILE A 87 -19.44 -38.54 12.42
N PHE A 88 -20.67 -38.51 11.92
CA PHE A 88 -21.84 -38.57 12.80
C PHE A 88 -22.46 -39.96 12.92
N CYS A 89 -22.07 -40.91 12.08
CA CYS A 89 -22.66 -42.25 12.10
C CYS A 89 -21.68 -43.34 12.51
N TYR A 90 -20.53 -43.42 11.85
CA TYR A 90 -19.57 -44.48 12.14
C TYR A 90 -18.77 -44.24 13.41
N PHE A 91 -18.50 -42.98 13.74
CA PHE A 91 -17.62 -42.67 14.87
C PHE A 91 -18.44 -42.19 16.06
N PRO A 92 -18.27 -42.78 17.24
CA PRO A 92 -19.00 -42.33 18.41
C PRO A 92 -18.56 -40.93 18.79
N PRO A 93 -19.43 -40.17 19.48
CA PRO A 93 -19.08 -38.78 19.81
C PRO A 93 -17.85 -38.64 20.69
N ASN A 94 -17.64 -39.65 21.54
CA ASN A 94 -16.49 -39.65 22.44
C ASN A 94 -15.25 -39.88 21.58
N LEU A 95 -15.41 -40.59 20.46
CA LEU A 95 -14.28 -40.80 19.52
C LEU A 95 -14.24 -39.65 18.51
N LEU A 96 -15.27 -38.80 18.49
CA LEU A 96 -15.34 -37.72 17.47
C LEU A 96 -14.14 -36.76 17.60
N PRO A 97 -13.68 -36.33 18.81
CA PRO A 97 -12.50 -35.46 18.87
C PRO A 97 -11.32 -36.21 18.31
N LEU A 98 -11.20 -37.50 18.63
CA LEU A 98 -10.11 -38.32 18.05
C LEU A 98 -10.32 -38.35 16.52
N ALA A 99 -11.54 -38.66 16.09
CA ALA A 99 -11.82 -38.68 14.65
C ALA A 99 -11.28 -37.41 14.03
N ILE A 100 -11.55 -36.26 14.65
CA ILE A 100 -11.18 -34.93 14.05
C ILE A 100 -9.70 -34.91 13.70
N THR A 101 -8.84 -35.50 14.53
CA THR A 101 -7.39 -35.41 14.28
C THR A 101 -7.09 -36.07 12.93
N LEU A 102 -7.76 -37.20 12.66
CA LEU A 102 -7.52 -37.95 11.41
C LEU A 102 -7.83 -37.08 10.18
N TYR A 103 -8.88 -36.24 10.24
CA TYR A 103 -9.21 -35.53 9.02
C TYR A 103 -8.20 -34.44 8.73
N VAL A 104 -7.80 -33.69 9.76
CA VAL A 104 -6.78 -32.67 9.56
C VAL A 104 -5.52 -33.30 8.97
N PHE A 105 -5.07 -34.42 9.56
CA PHE A 105 -3.95 -35.14 8.97
C PHE A 105 -4.25 -35.50 7.53
N TRP A 106 -5.42 -36.09 7.28
CA TRP A 106 -5.81 -36.41 5.92
C TRP A 106 -5.71 -35.18 5.03
N LEU A 107 -6.20 -34.04 5.51
CA LEU A 107 -6.13 -32.81 4.73
C LEU A 107 -4.69 -32.53 4.29
N LEU A 108 -3.75 -32.58 5.24
CA LEU A 108 -2.37 -32.31 4.91
C LEU A 108 -1.86 -33.25 3.83
N TYR A 109 -2.29 -34.52 3.88
CA TYR A 109 -1.82 -35.48 2.90
C TYR A 109 -2.24 -35.06 1.50
N LEU A 110 -3.45 -34.52 1.33
CA LEU A 110 -3.83 -34.02 0.00
C LEU A 110 -2.91 -32.90 -0.44
N PHE A 111 -2.53 -32.02 0.47
CA PHE A 111 -1.59 -30.96 0.11
C PHE A 111 -0.24 -31.54 -0.30
N LEU A 112 0.09 -32.74 0.18
CA LEU A 112 1.27 -33.42 -0.33
C LEU A 112 1.04 -33.92 -1.75
N ILE A 113 -0.14 -34.51 -2.01
CA ILE A 113 -0.42 -35.08 -3.33
C ILE A 113 -0.35 -33.99 -4.39
N LEU A 114 -1.06 -32.89 -4.16
CA LEU A 114 -0.99 -31.76 -5.08
C LEU A 114 0.43 -31.26 -5.24
N GLY A 115 1.25 -31.40 -4.19
CA GLY A 115 2.64 -31.02 -4.29
C GLY A 115 3.43 -31.92 -5.23
N VAL A 116 3.13 -33.23 -5.21
CA VAL A 116 3.91 -34.17 -5.99
C VAL A 116 3.49 -34.15 -7.45
N THR A 117 2.19 -34.23 -7.70
CA THR A 117 1.69 -34.34 -9.08
C THR A 117 2.13 -33.15 -9.92
N ALA A 118 2.07 -31.95 -9.34
CA ALA A 118 2.51 -30.76 -10.07
C ALA A 118 4.01 -30.75 -10.26
N ALA A 119 4.75 -31.31 -9.31
CA ALA A 119 6.21 -31.19 -9.34
C ALA A 119 6.83 -32.09 -10.39
N LYS A 120 6.35 -33.33 -10.51
CA LYS A 120 7.04 -34.33 -11.32
C LYS A 120 6.31 -34.72 -12.59
N PHE A 121 4.99 -34.48 -12.67
CA PHE A 121 4.21 -34.97 -13.81
C PHE A 121 3.56 -33.86 -14.62
N PHE A 122 2.93 -32.89 -13.96
CA PHE A 122 2.17 -31.87 -14.68
C PHE A 122 3.10 -30.89 -15.39
N CYS A 123 3.94 -30.19 -14.62
CA CYS A 123 4.83 -29.18 -15.21
C CYS A 123 5.83 -29.76 -16.22
N PRO A 124 6.52 -30.88 -15.97
CA PRO A 124 7.39 -31.43 -17.02
C PRO A 124 6.65 -31.75 -18.30
N ASN A 125 5.42 -32.28 -18.21
CA ASN A 125 4.64 -32.58 -19.40
C ASN A 125 4.25 -31.31 -20.14
N LEU A 126 3.88 -30.26 -19.39
CA LEU A 126 3.57 -28.99 -20.03
C LEU A 126 4.80 -28.42 -20.74
N SER A 127 5.96 -28.54 -20.10
CA SER A 127 7.19 -28.07 -20.74
C SER A 127 7.50 -28.86 -22.00
N ALA A 128 7.30 -30.18 -21.95
CA ALA A 128 7.51 -31.01 -23.14
C ALA A 128 6.57 -30.61 -24.27
N ILE A 129 5.30 -30.34 -23.94
CA ILE A 129 4.33 -29.92 -24.94
C ILE A 129 4.76 -28.59 -25.55
N SER A 130 5.19 -27.64 -24.70
CA SER A 130 5.60 -26.33 -25.19
C SER A 130 6.82 -26.44 -26.10
N THR A 131 7.80 -27.26 -25.73
CA THR A 131 9.01 -27.40 -26.54
C THR A 131 8.72 -28.12 -27.84
N SER A 132 7.88 -29.15 -27.80
CA SER A 132 7.64 -29.97 -29.00
C SER A 132 7.00 -29.16 -30.11
N LEU A 133 6.03 -28.30 -29.78
CA LEU A 133 5.31 -27.52 -30.77
C LEU A 133 6.00 -26.19 -31.06
N LYS A 134 7.14 -25.91 -30.44
CA LYS A 134 7.88 -24.66 -30.66
C LYS A 134 7.03 -23.44 -30.30
N LEU A 135 6.11 -23.62 -29.35
CA LEU A 135 5.31 -22.51 -28.87
C LEU A 135 6.11 -21.64 -27.91
N SER A 136 5.84 -20.34 -27.97
CA SER A 136 6.41 -19.44 -26.98
C SER A 136 5.74 -19.66 -25.63
N HIS A 137 6.34 -19.11 -24.59
CA HIS A 137 5.78 -19.28 -23.25
C HIS A 137 4.40 -18.63 -23.15
N ASN A 138 4.23 -17.46 -23.77
CA ASN A 138 2.97 -16.73 -23.66
C ASN A 138 1.80 -17.53 -24.24
N VAL A 139 1.95 -18.04 -25.47
CA VAL A 139 0.84 -18.73 -26.11
C VAL A 139 0.53 -20.03 -25.37
N ALA A 140 1.56 -20.76 -24.95
CA ALA A 140 1.34 -22.00 -24.21
C ALA A 140 0.60 -21.74 -22.91
N GLY A 141 1.02 -20.72 -22.16
CA GLY A 141 0.30 -20.39 -20.93
C GLY A 141 -1.11 -19.90 -21.21
N VAL A 142 -1.31 -19.23 -22.34
CA VAL A 142 -2.63 -18.71 -22.70
C VAL A 142 -3.60 -19.84 -23.03
N THR A 143 -3.11 -20.92 -23.66
CA THR A 143 -4.05 -21.97 -24.04
C THR A 143 -4.02 -23.19 -23.11
N PHE A 144 -2.89 -23.88 -22.98
CA PHE A 144 -2.90 -25.21 -22.38
C PHE A 144 -3.01 -25.13 -20.86
N LEU A 145 -2.11 -24.37 -20.23
CA LEU A 145 -2.20 -24.19 -18.78
C LEU A 145 -3.51 -23.52 -18.40
N ALA A 146 -4.03 -22.66 -19.28
CA ALA A 146 -5.32 -22.01 -19.02
C ALA A 146 -6.45 -23.04 -18.96
N PHE A 147 -6.52 -23.94 -19.95
CA PHE A 147 -7.55 -24.98 -19.91
C PHE A 147 -7.39 -25.86 -18.68
N GLY A 148 -6.16 -26.26 -18.37
CA GLY A 148 -5.93 -27.12 -17.23
C GLY A 148 -6.32 -26.47 -15.92
N ASN A 149 -6.09 -25.16 -15.80
CA ASN A 149 -6.41 -24.46 -14.56
C ASN A 149 -7.90 -24.14 -14.49
N GLY A 150 -8.55 -24.00 -15.65
CA GLY A 150 -9.93 -23.57 -15.68
C GLY A 150 -10.97 -24.67 -15.71
N ALA A 151 -10.57 -25.91 -15.97
CA ALA A 151 -11.54 -27.01 -15.96
C ALA A 151 -12.35 -27.09 -14.67
N PRO A 152 -11.74 -27.10 -13.47
CA PRO A 152 -12.60 -27.09 -12.27
C PRO A 152 -13.48 -25.86 -12.19
N ASP A 153 -12.99 -24.71 -12.64
CA ASP A 153 -13.78 -23.49 -12.53
C ASP A 153 -14.94 -23.49 -13.51
N ILE A 154 -14.70 -23.95 -14.73
CA ILE A 154 -15.82 -24.05 -15.68
C ILE A 154 -16.87 -25.01 -15.16
N PHE A 155 -16.44 -26.16 -14.61
CA PHE A 155 -17.43 -27.12 -14.12
C PHE A 155 -18.23 -26.53 -12.95
N SER A 156 -17.55 -25.89 -12.00
CA SER A 156 -18.24 -25.30 -10.86
C SER A 156 -19.17 -24.18 -11.29
N ALA A 157 -18.72 -23.32 -12.20
CA ALA A 157 -19.55 -22.22 -12.66
C ALA A 157 -20.80 -22.76 -13.37
N LEU A 158 -20.64 -23.80 -14.19
CA LEU A 158 -21.78 -24.36 -14.90
C LEU A 158 -22.79 -24.96 -13.92
N VAL A 159 -22.31 -25.77 -12.97
CA VAL A 159 -23.24 -26.42 -12.05
C VAL A 159 -23.93 -25.39 -11.16
N ALA A 160 -23.21 -24.33 -10.79
CA ALA A 160 -23.83 -23.27 -9.99
C ALA A 160 -24.86 -22.48 -10.81
N PHE A 161 -24.56 -22.20 -12.07
CA PHE A 161 -25.47 -21.47 -12.94
C PHE A 161 -26.66 -22.32 -13.37
N SER A 162 -26.76 -23.53 -12.85
CA SER A 162 -27.94 -24.36 -13.15
C SER A 162 -29.34 -23.80 -12.75
N ASP A 163 -29.42 -22.88 -11.80
CA ASP A 163 -30.75 -22.40 -11.32
C ASP A 163 -30.81 -20.88 -11.17
N PRO A 164 -32.02 -20.30 -11.24
CA PRO A 164 -32.14 -18.84 -11.18
C PRO A 164 -31.66 -18.21 -9.87
N ARG A 165 -31.93 -18.83 -8.72
CA ARG A 165 -31.46 -18.31 -7.42
C ARG A 165 -29.94 -18.29 -7.26
N THR A 166 -29.27 -19.31 -7.76
CA THR A 166 -27.82 -19.42 -7.67
C THR A 166 -27.14 -18.42 -8.58
N ALA A 167 -27.87 -17.80 -9.49
CA ALA A 167 -27.25 -16.95 -10.51
C ALA A 167 -26.47 -15.79 -9.97
N GLY A 168 -26.93 -15.12 -8.94
CA GLY A 168 -26.12 -14.05 -8.40
C GLY A 168 -24.79 -14.57 -7.87
N LEU A 169 -24.81 -15.70 -7.18
CA LEU A 169 -23.59 -16.23 -6.59
C LEU A 169 -22.61 -16.72 -7.64
N ALA A 170 -23.13 -17.09 -8.80
CA ALA A 170 -22.25 -17.64 -9.83
C ALA A 170 -21.23 -16.60 -10.22
N ILE A 171 -21.67 -15.36 -10.33
CA ILE A 171 -20.77 -14.29 -10.70
C ILE A 171 -19.81 -13.93 -9.59
N GLY A 172 -20.25 -14.03 -8.33
CA GLY A 172 -19.38 -13.59 -7.26
C GLY A 172 -18.18 -14.48 -7.07
N ALA A 173 -18.38 -15.80 -7.16
CA ALA A 173 -17.25 -16.73 -7.08
C ALA A 173 -16.27 -16.51 -8.21
N LEU A 174 -16.78 -16.28 -9.42
CA LEU A 174 -15.91 -16.01 -10.56
C LEU A 174 -15.07 -14.76 -10.32
N PHE A 175 -15.70 -13.68 -9.87
CA PHE A 175 -14.95 -12.44 -9.62
C PHE A 175 -13.94 -12.61 -8.50
N GLY A 176 -14.31 -13.33 -7.44
CA GLY A 176 -13.37 -13.55 -6.35
C GLY A 176 -12.16 -14.36 -6.79
N ALA A 177 -12.40 -15.42 -7.56
CA ALA A 177 -11.29 -16.22 -8.07
C ALA A 177 -10.42 -15.39 -9.01
N GLY A 178 -11.03 -14.56 -9.84
CA GLY A 178 -10.25 -13.70 -10.71
C GLY A 178 -9.36 -12.74 -9.93
N VAL A 179 -9.91 -12.09 -8.91
CA VAL A 179 -9.13 -11.17 -8.09
C VAL A 179 -7.98 -11.91 -7.43
N LEU A 180 -8.27 -13.06 -6.83
CA LEU A 180 -7.24 -13.81 -6.11
C LEU A 180 -6.11 -14.24 -7.04
N VAL A 181 -6.46 -14.77 -8.21
CA VAL A 181 -5.43 -15.23 -9.14
C VAL A 181 -4.63 -14.06 -9.67
N THR A 182 -5.30 -13.00 -10.11
CA THR A 182 -4.58 -11.87 -10.69
C THR A 182 -3.72 -11.13 -9.67
N THR A 183 -4.02 -11.25 -8.38
CA THR A 183 -3.24 -10.53 -7.37
C THR A 183 -2.21 -11.40 -6.67
N VAL A 184 -2.66 -12.42 -5.94
CA VAL A 184 -1.75 -13.13 -5.05
C VAL A 184 -0.81 -14.05 -5.83
N VAL A 185 -1.35 -14.79 -6.79
CA VAL A 185 -0.52 -15.70 -7.58
C VAL A 185 0.50 -14.91 -8.39
N ALA A 186 0.06 -13.80 -9.00
CA ALA A 186 0.99 -12.97 -9.76
C ALA A 186 2.08 -12.39 -8.87
N GLY A 187 1.71 -11.92 -7.68
CA GLY A 187 2.72 -11.41 -6.76
C GLY A 187 3.70 -12.47 -6.34
N GLY A 188 3.21 -13.67 -6.05
CA GLY A 188 4.11 -14.75 -5.69
C GLY A 188 5.05 -15.14 -6.81
N ILE A 189 4.54 -15.17 -8.04
CA ILE A 189 5.39 -15.50 -9.20
C ILE A 189 6.48 -14.45 -9.36
N THR A 190 6.11 -13.17 -9.25
CA THR A 190 7.10 -12.11 -9.37
C THR A 190 8.14 -12.16 -8.25
N ILE A 191 7.71 -12.46 -7.02
CA ILE A 191 8.64 -12.48 -5.89
C ILE A 191 9.60 -13.66 -6.01
N LEU A 192 9.07 -14.84 -6.33
CA LEU A 192 9.89 -16.05 -6.32
C LEU A 192 10.98 -16.00 -7.38
N ARG A 193 10.66 -15.47 -8.56
CA ARG A 193 11.60 -15.42 -9.68
C ARG A 193 11.35 -14.16 -10.51
N PRO A 194 12.21 -13.14 -10.36
CA PRO A 194 12.08 -11.96 -11.22
C PRO A 194 12.38 -12.30 -12.67
N PHE A 195 11.76 -11.57 -13.59
CA PHE A 195 11.88 -11.87 -15.01
C PHE A 195 11.52 -10.64 -15.83
N MET A 196 11.73 -10.76 -17.14
CA MET A 196 11.33 -9.73 -18.09
C MET A 196 10.12 -10.22 -18.87
N ALA A 197 9.03 -9.45 -18.82
CA ALA A 197 7.83 -9.84 -19.53
C ALA A 197 7.85 -9.34 -20.97
N ALA A 198 7.08 -10.00 -21.83
CA ALA A 198 6.95 -9.58 -23.22
C ALA A 198 5.88 -8.50 -23.31
N SER A 199 6.23 -7.35 -23.89
CA SER A 199 5.36 -6.18 -23.84
C SER A 199 4.07 -6.41 -24.61
N ARG A 200 4.19 -6.81 -25.88
CA ARG A 200 2.99 -6.91 -26.73
C ARG A 200 2.02 -7.98 -26.24
N PRO A 201 2.45 -9.21 -25.95
CA PRO A 201 1.48 -10.19 -25.41
C PRO A 201 0.83 -9.74 -24.11
N PHE A 202 1.60 -9.11 -23.22
CA PHE A 202 1.03 -8.64 -21.96
C PHE A 202 -0.04 -7.59 -22.21
N LEU A 203 0.24 -6.63 -23.09
CA LEU A 203 -0.73 -5.58 -23.38
C LEU A 203 -1.99 -6.17 -24.01
N ARG A 204 -1.83 -7.10 -24.96
CA ARG A 204 -2.98 -7.72 -25.60
C ARG A 204 -3.83 -8.48 -24.58
N ASP A 205 -3.19 -9.27 -23.73
CA ASP A 205 -3.91 -10.06 -22.74
C ASP A 205 -4.67 -9.15 -21.76
N ILE A 206 -4.00 -8.10 -21.27
CA ILE A 206 -4.66 -7.24 -20.29
C ILE A 206 -5.80 -6.46 -20.94
N THR A 207 -5.65 -6.06 -22.21
CA THR A 207 -6.74 -5.36 -22.88
C THR A 207 -7.96 -6.27 -23.06
N PHE A 208 -7.73 -7.51 -23.49
CA PHE A 208 -8.85 -8.43 -23.65
C PHE A 208 -9.52 -8.73 -22.31
N TYR A 209 -8.72 -8.91 -21.25
CA TYR A 209 -9.28 -9.12 -19.93
C TYR A 209 -10.13 -7.93 -19.48
N MET A 210 -9.63 -6.72 -19.70
CA MET A 210 -10.38 -5.54 -19.31
C MET A 210 -11.70 -5.45 -20.06
N VAL A 211 -11.68 -5.75 -21.36
CA VAL A 211 -12.91 -5.71 -22.15
C VAL A 211 -13.91 -6.72 -21.62
N ALA A 212 -13.45 -7.94 -21.32
CA ALA A 212 -14.36 -8.97 -20.81
C ALA A 212 -14.94 -8.58 -19.46
N VAL A 213 -14.10 -8.04 -18.57
CA VAL A 213 -14.57 -7.64 -17.25
C VAL A 213 -15.61 -6.54 -17.37
N PHE A 214 -15.37 -5.58 -18.26
CA PHE A 214 -16.35 -4.50 -18.47
C PHE A 214 -17.66 -5.05 -19.02
N LEU A 215 -17.58 -6.01 -19.95
CA LEU A 215 -18.79 -6.61 -20.48
C LEU A 215 -19.59 -7.33 -19.40
N THR A 216 -18.90 -8.07 -18.53
CA THR A 216 -19.60 -8.74 -17.43
C THR A 216 -20.20 -7.74 -16.45
N PHE A 217 -19.49 -6.65 -16.19
CA PHE A 217 -20.02 -5.59 -15.32
C PHE A 217 -21.29 -4.99 -15.91
N THR A 218 -21.29 -4.72 -17.22
CA THR A 218 -22.49 -4.20 -17.88
C THR A 218 -23.63 -5.21 -17.82
N ALA A 219 -23.32 -6.49 -18.02
CA ALA A 219 -24.34 -7.52 -17.95
C ALA A 219 -24.97 -7.57 -16.55
N LEU A 220 -24.15 -7.47 -15.50
CA LEU A 220 -24.69 -7.42 -14.15
C LEU A 220 -25.53 -6.17 -13.94
N TYR A 221 -25.09 -5.02 -14.45
CA TYR A 221 -25.85 -3.79 -14.27
C TYR A 221 -27.21 -3.87 -14.94
N LEU A 222 -27.27 -4.47 -16.14
CA LEU A 222 -28.55 -4.61 -16.83
C LEU A 222 -29.47 -5.61 -16.14
N GLY A 223 -28.91 -6.57 -15.39
CA GLY A 223 -29.72 -7.51 -14.64
C GLY A 223 -30.29 -8.66 -15.44
N ARG A 224 -29.87 -8.85 -16.68
CA ARG A 224 -30.38 -9.93 -17.50
C ARG A 224 -29.35 -10.29 -18.56
N ILE A 225 -29.37 -11.55 -19.00
CA ILE A 225 -28.51 -12.01 -20.08
C ILE A 225 -29.40 -12.72 -21.10
N THR A 226 -29.37 -12.23 -22.34
CA THR A 226 -30.15 -12.85 -23.41
C THR A 226 -29.28 -13.80 -24.22
N LEU A 227 -29.85 -14.31 -25.31
CA LEU A 227 -29.09 -15.17 -26.21
C LEU A 227 -27.91 -14.42 -26.82
N VAL A 228 -28.17 -13.18 -27.27
CA VAL A 228 -27.15 -12.41 -27.97
C VAL A 228 -25.91 -12.26 -27.11
N TRP A 229 -26.08 -12.05 -25.81
CA TRP A 229 -24.93 -11.91 -24.91
C TRP A 229 -24.10 -13.19 -24.87
N ALA A 230 -24.77 -14.35 -24.83
CA ALA A 230 -24.06 -15.62 -24.76
C ALA A 230 -23.27 -15.89 -26.04
N LEU A 231 -23.93 -15.73 -27.20
CA LEU A 231 -23.20 -15.90 -28.45
C LEU A 231 -22.10 -14.85 -28.61
N GLY A 232 -22.30 -13.65 -28.07
CA GLY A 232 -21.24 -12.65 -28.10
C GLY A 232 -20.04 -13.05 -27.27
N TYR A 233 -20.28 -13.62 -26.08
CA TYR A 233 -19.19 -14.11 -25.26
C TYR A 233 -18.41 -15.21 -25.97
N LEU A 234 -19.13 -16.17 -26.56
CA LEU A 234 -18.45 -17.26 -27.26
C LEU A 234 -17.67 -16.74 -28.45
N GLY A 235 -18.26 -15.83 -29.24
CA GLY A 235 -17.56 -15.27 -30.37
C GLY A 235 -16.35 -14.46 -29.97
N LEU A 236 -16.44 -13.72 -28.87
CA LEU A 236 -15.30 -12.97 -28.37
C LEU A 236 -14.17 -13.88 -27.96
N TYR A 237 -14.48 -14.99 -27.29
CA TYR A 237 -13.42 -15.93 -26.92
C TYR A 237 -12.78 -16.55 -28.16
N VAL A 238 -13.59 -16.95 -29.14
CA VAL A 238 -13.04 -17.53 -30.37
C VAL A 238 -12.16 -16.51 -31.09
N PHE A 239 -12.61 -15.26 -31.14
CA PHE A 239 -11.82 -14.20 -31.77
C PHE A 239 -10.51 -13.99 -31.04
N TYR A 240 -10.52 -14.03 -29.70
CA TYR A 240 -9.29 -13.88 -28.95
C TYR A 240 -8.30 -15.01 -29.27
N VAL A 241 -8.79 -16.25 -29.32
CA VAL A 241 -7.91 -17.37 -29.62
C VAL A 241 -7.34 -17.24 -31.03
N VAL A 242 -8.19 -16.87 -32.00
CA VAL A 242 -7.74 -16.72 -33.38
C VAL A 242 -6.71 -15.60 -33.48
N THR A 243 -6.94 -14.50 -32.78
CA THR A 243 -5.99 -13.39 -32.79
C THR A 243 -4.65 -13.81 -32.21
N VAL A 244 -4.68 -14.58 -31.11
CA VAL A 244 -3.44 -15.07 -30.52
C VAL A 244 -2.67 -15.93 -31.53
N ILE A 245 -3.37 -16.85 -32.19
CA ILE A 245 -2.72 -17.74 -33.14
C ILE A 245 -2.13 -16.94 -34.30
N ILE A 246 -2.90 -15.99 -34.84
CA ILE A 246 -2.45 -15.20 -35.99
C ILE A 246 -1.23 -14.36 -35.62
N CYS A 247 -1.27 -13.71 -34.45
CA CYS A 247 -0.14 -12.89 -34.03
C CYS A 247 1.10 -13.75 -33.81
N THR A 248 0.93 -14.93 -33.22
CA THR A 248 2.08 -15.82 -33.02
C THR A 248 2.68 -16.24 -34.36
N TRP A 249 1.83 -16.58 -35.33
CA TRP A 249 2.33 -16.96 -36.64
C TRP A 249 3.05 -15.79 -37.32
N VAL A 250 2.50 -14.59 -37.21
CA VAL A 250 3.13 -13.42 -37.82
C VAL A 250 4.50 -13.16 -37.20
N TYR A 251 4.58 -13.25 -35.87
CA TYR A 251 5.87 -13.04 -35.21
C TYR A 251 6.87 -14.12 -35.62
N GLN A 252 6.41 -15.37 -35.72
CA GLN A 252 7.30 -16.46 -36.11
C GLN A 252 7.83 -16.24 -37.53
N ARG A 253 6.97 -15.79 -38.45
CA ARG A 253 7.42 -15.53 -39.81
C ARG A 253 8.44 -14.40 -39.85
N GLN A 254 8.24 -13.37 -39.06
CA GLN A 254 9.15 -12.22 -39.02
C GLN A 254 10.51 -12.63 -38.48
N THR A 300 16.22 -57.81 -19.51
CA THR A 300 14.92 -58.30 -19.96
C THR A 300 13.82 -57.27 -19.74
N THR A 301 12.71 -57.42 -20.47
CA THR A 301 11.61 -56.47 -20.36
C THR A 301 11.00 -56.48 -18.96
N GLY A 302 10.87 -57.67 -18.35
CA GLY A 302 10.32 -57.73 -17.00
C GLY A 302 11.20 -57.01 -15.99
N GLN A 303 12.51 -57.16 -16.10
CA GLN A 303 13.42 -56.45 -15.20
C GLN A 303 13.33 -54.94 -15.41
N ILE A 304 13.20 -54.51 -16.67
CA ILE A 304 13.06 -53.09 -16.96
C ILE A 304 11.78 -52.55 -16.33
N LEU A 305 10.67 -53.29 -16.45
CA LEU A 305 9.41 -52.87 -15.84
C LEU A 305 9.53 -52.81 -14.32
N LEU A 306 10.18 -53.82 -13.72
CA LEU A 306 10.32 -53.86 -12.28
C LEU A 306 11.15 -52.68 -11.77
N GLN A 307 12.27 -52.38 -12.44
CA GLN A 307 13.11 -51.27 -12.01
C GLN A 307 12.44 -49.93 -12.29
N ALA A 308 11.59 -49.87 -13.32
CA ALA A 308 10.88 -48.64 -13.63
C ALA A 308 9.75 -48.38 -12.64
N LEU A 309 9.05 -49.42 -12.22
CA LEU A 309 7.96 -49.28 -11.26
C LEU A 309 8.43 -48.91 -9.87
N ASN A 310 9.73 -48.99 -9.59
CA ASN A 310 10.25 -48.70 -8.27
C ASN A 310 10.58 -47.21 -8.18
N PRO A 311 9.87 -46.43 -7.35
CA PRO A 311 10.22 -45.00 -7.22
C PRO A 311 11.33 -44.74 -6.22
N LEU A 312 11.83 -45.76 -5.54
CA LEU A 312 12.79 -45.60 -4.46
C LEU A 312 14.19 -45.89 -4.98
N ASP A 313 15.09 -44.93 -4.85
CA ASP A 313 16.51 -45.12 -5.14
C ASP A 313 17.20 -45.45 -3.83
N TYR A 314 17.79 -46.65 -3.76
CA TYR A 314 18.36 -47.14 -2.50
C TYR A 314 19.54 -46.28 -2.06
N ARG A 315 20.40 -45.89 -3.01
CA ARG A 315 21.61 -45.15 -2.67
C ARG A 315 21.29 -43.80 -2.05
N LYS A 316 20.33 -43.07 -2.65
CA LYS A 316 19.95 -41.79 -2.09
C LYS A 316 19.14 -41.96 -0.81
N TRP A 317 18.37 -43.06 -0.70
CA TRP A 317 17.60 -43.30 0.51
C TRP A 317 18.51 -43.51 1.71
N ARG A 318 19.62 -44.24 1.53
CA ARG A 318 20.54 -44.48 2.64
C ARG A 318 21.15 -43.18 3.15
N THR A 319 21.50 -42.27 2.24
CA THR A 319 22.14 -41.01 2.63
C THR A 319 21.16 -40.00 3.22
N GLN A 320 19.86 -40.21 3.07
CA GLN A 320 18.88 -39.27 3.58
C GLN A 320 18.75 -39.37 5.09
N SER A 321 18.34 -38.25 5.72
CA SER A 321 18.14 -38.23 7.15
C SER A 321 16.86 -38.97 7.53
N ILE A 322 16.67 -39.16 8.83
CA ILE A 322 15.52 -39.91 9.32
C ILE A 322 14.22 -39.20 8.92
N SER A 323 14.18 -37.88 9.10
CA SER A 323 13.01 -37.12 8.66
C SER A 323 12.82 -37.20 7.15
N CYS A 324 13.92 -37.09 6.40
CA CYS A 324 13.83 -37.21 4.95
C CYS A 324 13.42 -38.62 4.54
N LYS A 325 13.91 -39.64 5.25
CA LYS A 325 13.49 -41.01 4.98
C LYS A 325 11.99 -41.17 5.21
N LEU A 326 11.48 -40.59 6.30
CA LEU A 326 10.05 -40.67 6.59
C LEU A 326 9.24 -39.96 5.52
N LEU A 327 9.72 -38.79 5.06
CA LEU A 327 9.03 -38.07 4.00
C LEU A 327 9.00 -38.89 2.72
N LYS A 328 10.12 -39.54 2.37
CA LYS A 328 10.16 -40.38 1.19
C LYS A 328 9.20 -41.56 1.32
N VAL A 329 9.14 -42.17 2.50
CA VAL A 329 8.21 -43.29 2.71
C VAL A 329 6.77 -42.81 2.56
N ALA A 330 6.46 -41.63 3.10
CA ALA A 330 5.11 -41.08 2.96
C ALA A 330 4.78 -40.79 1.49
N LYS A 331 5.74 -40.29 0.73
CA LYS A 331 5.48 -39.95 -0.67
C LYS A 331 5.50 -41.18 -1.59
N LEU A 332 6.03 -42.31 -1.11
CA LEU A 332 6.17 -43.49 -1.96
C LEU A 332 4.86 -43.98 -2.56
N PRO A 333 3.77 -44.16 -1.81
CA PRO A 333 2.56 -44.75 -2.43
C PRO A 333 1.96 -43.90 -3.54
N VAL A 334 1.80 -42.59 -3.31
CA VAL A 334 1.24 -41.73 -4.34
C VAL A 334 2.17 -41.65 -5.54
N GLU A 335 3.49 -41.65 -5.30
CA GLU A 335 4.43 -41.67 -6.40
C GLU A 335 4.26 -42.92 -7.25
N PHE A 336 4.14 -44.08 -6.61
CA PHE A 336 3.95 -45.33 -7.35
C PHE A 336 2.65 -45.30 -8.15
N LEU A 337 1.57 -44.82 -7.53
CA LEU A 337 0.28 -44.81 -8.22
C LEU A 337 0.31 -43.85 -9.41
N LEU A 338 0.90 -42.67 -9.23
CA LEU A 338 1.00 -41.71 -10.33
C LEU A 338 1.87 -42.25 -11.45
N LEU A 339 3.00 -42.89 -11.11
CA LEU A 339 3.88 -43.45 -12.14
C LEU A 339 3.17 -44.56 -12.90
N LEU A 340 2.31 -45.32 -12.21
CA LEU A 340 1.54 -46.35 -12.89
C LEU A 340 0.45 -45.74 -13.77
N THR A 341 -0.08 -44.58 -13.39
CA THR A 341 -1.24 -44.02 -14.07
C THR A 341 -0.93 -42.92 -15.08
N VAL A 342 0.11 -42.12 -14.86
CA VAL A 342 0.33 -40.92 -15.67
C VAL A 342 1.65 -41.00 -16.42
N PRO A 343 1.63 -40.98 -17.76
CA PRO A 343 2.89 -40.90 -18.51
C PRO A 343 3.56 -39.54 -18.34
N VAL A 344 4.89 -39.56 -18.40
CA VAL A 344 5.70 -38.35 -18.39
C VAL A 344 6.74 -38.49 -19.48
N VAL A 345 6.87 -37.46 -20.31
CA VAL A 345 7.88 -37.40 -21.38
C VAL A 345 8.77 -36.21 -21.10
N ASP A 346 10.06 -36.47 -20.88
CA ASP A 346 11.03 -35.37 -20.64
C ASP A 346 11.86 -35.15 -21.91
N PRO A 347 11.61 -34.06 -22.68
CA PRO A 347 12.30 -33.85 -23.96
C PRO A 347 13.82 -33.67 -23.86
N ASP A 348 14.30 -32.96 -22.83
CA ASP A 348 15.75 -32.65 -22.76
C ASP A 348 16.60 -33.92 -22.65
N LYS A 349 16.18 -34.90 -21.84
CA LYS A 349 16.95 -36.17 -21.82
C LYS A 349 16.78 -36.88 -23.17
N ASP A 350 17.85 -37.47 -23.70
CA ASP A 350 17.79 -38.16 -25.02
C ASP A 350 16.76 -39.29 -24.97
N ASP A 351 16.72 -40.06 -23.88
CA ASP A 351 15.80 -41.23 -23.78
C ASP A 351 14.34 -40.74 -23.75
N ARG A 352 14.12 -39.48 -23.36
CA ARG A 352 12.75 -38.91 -23.29
C ARG A 352 11.82 -39.87 -22.53
N ASN A 353 12.30 -40.46 -21.42
CA ASN A 353 11.43 -41.32 -20.58
C ASN A 353 10.72 -42.38 -21.45
N TRP A 354 11.41 -42.96 -22.43
CA TRP A 354 10.73 -44.02 -23.19
C TRP A 354 10.91 -45.34 -22.45
N LYS A 355 9.85 -45.79 -21.78
CA LYS A 355 9.85 -47.03 -20.99
C LYS A 355 8.73 -47.89 -21.58
N ARG A 356 9.11 -48.83 -22.44
CA ARG A 356 8.20 -49.51 -23.34
C ARG A 356 7.08 -50.27 -22.62
N PRO A 357 7.38 -51.27 -21.78
CA PRO A 357 6.28 -52.07 -21.22
C PRO A 357 5.35 -51.25 -20.34
N LEU A 358 5.91 -50.34 -19.55
CA LEU A 358 5.10 -49.49 -18.69
C LEU A 358 4.20 -48.60 -19.56
N ASN A 359 4.73 -48.09 -20.67
CA ASN A 359 3.93 -47.27 -21.57
C ASN A 359 2.80 -48.07 -22.20
N CYS A 360 3.04 -49.32 -22.60
CA CYS A 360 1.95 -50.14 -23.13
C CYS A 360 0.89 -50.39 -22.07
N LEU A 361 1.31 -50.61 -20.82
CA LEU A 361 0.33 -50.76 -19.75
C LEU A 361 -0.48 -49.48 -19.54
N GLN A 362 0.20 -48.33 -19.61
CA GLN A 362 -0.48 -47.06 -19.43
C GLN A 362 -1.47 -46.78 -20.56
N LEU A 363 -1.16 -47.22 -21.77
CA LEU A 363 -2.06 -47.03 -22.90
C LEU A 363 -3.42 -47.66 -22.66
N VAL A 364 -3.52 -48.61 -21.74
CA VAL A 364 -4.81 -49.25 -21.45
C VAL A 364 -5.34 -48.83 -20.09
N ILE A 365 -4.49 -48.42 -19.14
CA ILE A 365 -5.06 -48.05 -17.84
C ILE A 365 -5.52 -46.59 -17.84
N SER A 366 -4.78 -45.70 -18.52
CA SER A 366 -5.11 -44.28 -18.47
C SER A 366 -6.49 -43.96 -19.04
N PRO A 367 -6.89 -44.46 -20.22
CA PRO A 367 -8.27 -44.21 -20.67
C PRO A 367 -9.31 -44.78 -19.71
N LEU A 368 -9.03 -45.93 -19.10
CA LEU A 368 -9.94 -46.47 -18.09
C LEU A 368 -10.08 -45.52 -16.92
N VAL A 369 -8.97 -44.96 -16.45
CA VAL A 369 -9.02 -44.01 -15.35
C VAL A 369 -9.86 -42.80 -15.74
N LEU A 370 -9.66 -42.30 -16.97
CA LEU A 370 -10.45 -41.17 -17.44
C LEU A 370 -11.95 -41.51 -17.44
N VAL A 371 -12.30 -42.69 -17.94
CA VAL A 371 -13.71 -43.05 -18.09
C VAL A 371 -14.37 -43.22 -16.73
N LEU A 372 -13.74 -43.97 -15.81
CA LEU A 372 -14.34 -44.16 -14.49
C LEU A 372 -14.12 -42.98 -13.56
N THR A 373 -13.38 -41.95 -13.97
CA THR A 373 -13.23 -40.75 -13.14
C THR A 373 -14.13 -39.61 -13.59
N LEU A 374 -14.47 -39.52 -14.88
CA LEU A 374 -15.28 -38.42 -15.36
C LEU A 374 -16.67 -38.44 -14.72
N GLN A 375 -16.99 -37.38 -14.00
CA GLN A 375 -18.28 -37.21 -13.33
C GLN A 375 -18.65 -38.41 -12.46
N SER A 376 -17.67 -38.87 -11.69
CA SER A 376 -17.87 -39.92 -10.68
C SER A 376 -18.40 -41.21 -11.29
N GLY A 377 -17.94 -41.54 -12.50
CA GLY A 377 -18.23 -42.83 -13.10
C GLY A 377 -19.63 -43.03 -13.64
N VAL A 378 -20.37 -41.94 -13.88
CA VAL A 378 -21.73 -42.09 -14.44
C VAL A 378 -21.67 -42.77 -15.80
N TYR A 379 -20.75 -42.35 -16.66
CA TYR A 379 -20.54 -43.05 -17.92
C TYR A 379 -19.96 -44.44 -17.72
N GLY A 380 -19.18 -44.65 -16.67
CA GLY A 380 -18.63 -45.97 -16.42
C GLY A 380 -19.70 -47.00 -16.10
N ILE A 381 -20.71 -46.60 -15.33
CA ILE A 381 -21.82 -47.51 -15.01
C ILE A 381 -22.76 -47.71 -16.19
N TYR A 382 -22.72 -46.84 -17.20
CA TYR A 382 -23.63 -46.94 -18.33
C TYR A 382 -23.39 -48.23 -19.11
N GLU A 383 -24.48 -48.88 -19.51
CA GLU A 383 -24.45 -50.04 -20.39
C GLU A 383 -25.00 -49.65 -21.74
N ILE A 384 -24.30 -50.03 -22.82
CA ILE A 384 -24.75 -49.72 -24.16
C ILE A 384 -25.73 -50.80 -24.61
N GLY A 385 -27.03 -50.48 -24.57
CA GLY A 385 -28.03 -51.43 -24.99
C GLY A 385 -28.26 -52.57 -24.03
N GLY A 386 -27.68 -52.51 -22.84
CA GLY A 386 -27.83 -53.60 -21.88
C GLY A 386 -27.00 -54.82 -22.17
N LEU A 387 -26.10 -54.75 -23.14
CA LEU A 387 -25.27 -55.89 -23.52
C LEU A 387 -23.78 -55.64 -23.31
N LEU A 388 -23.26 -54.52 -23.78
CA LEU A 388 -21.84 -54.20 -23.67
C LEU A 388 -21.65 -52.92 -22.87
N PRO A 389 -20.99 -52.96 -21.72
CA PRO A 389 -20.73 -51.73 -20.98
C PRO A 389 -19.69 -50.88 -21.69
N VAL A 390 -19.69 -49.58 -21.33
CA VAL A 390 -18.76 -48.64 -21.95
C VAL A 390 -17.31 -49.00 -21.63
N TRP A 391 -17.05 -49.38 -20.38
CA TRP A 391 -15.69 -49.71 -19.98
C TRP A 391 -15.15 -50.91 -20.76
N ALA A 392 -16.03 -51.85 -21.13
CA ALA A 392 -15.59 -52.97 -21.94
C ALA A 392 -15.10 -52.52 -23.31
N VAL A 393 -15.84 -51.60 -23.95
CA VAL A 393 -15.42 -51.07 -25.24
C VAL A 393 -14.11 -50.29 -25.10
N VAL A 394 -13.99 -49.52 -24.02
CA VAL A 394 -12.75 -48.78 -23.78
C VAL A 394 -11.57 -49.74 -23.62
N VAL A 395 -11.77 -50.83 -22.89
CA VAL A 395 -10.71 -51.82 -22.70
C VAL A 395 -10.35 -52.47 -24.04
N ILE A 396 -11.36 -52.78 -24.86
CA ILE A 396 -11.09 -53.41 -26.16
C ILE A 396 -10.26 -52.48 -27.04
N VAL A 397 -10.65 -51.21 -27.10
CA VAL A 397 -9.90 -50.24 -27.91
C VAL A 397 -8.49 -50.09 -27.38
N GLY A 398 -8.35 -50.00 -26.05
CA GLY A 398 -7.04 -49.84 -25.45
C GLY A 398 -6.12 -51.01 -25.73
N THR A 399 -6.63 -52.24 -25.61
CA THR A 399 -5.80 -53.41 -25.85
C THR A 399 -5.48 -53.57 -27.33
N ALA A 400 -6.40 -53.15 -28.21
CA ALA A 400 -6.08 -53.15 -29.64
C ALA A 400 -4.94 -52.18 -29.94
N LEU A 401 -5.01 -50.97 -29.38
CA LEU A 401 -3.92 -50.02 -29.58
C LEU A 401 -2.62 -50.52 -28.96
N ALA A 402 -2.71 -51.16 -27.80
CA ALA A 402 -1.52 -51.71 -27.16
C ALA A 402 -0.88 -52.80 -28.01
N SER A 403 -1.70 -53.67 -28.61
CA SER A 403 -1.16 -54.70 -29.49
C SER A 403 -0.53 -54.10 -30.73
N VAL A 404 -1.16 -53.06 -31.28
CA VAL A 404 -0.58 -52.39 -32.46
C VAL A 404 0.78 -51.79 -32.12
N THR A 405 0.87 -51.11 -30.97
CA THR A 405 2.15 -50.55 -30.55
C THR A 405 3.17 -51.65 -30.27
N PHE A 406 2.73 -52.75 -29.66
CA PHE A 406 3.61 -53.87 -29.37
C PHE A 406 4.23 -54.43 -30.65
N PHE A 407 3.42 -54.59 -31.69
CA PHE A 407 3.91 -55.14 -32.95
C PHE A 407 4.71 -54.14 -33.76
N ALA A 408 4.39 -52.85 -33.67
CA ALA A 408 4.98 -51.86 -34.56
C ALA A 408 6.09 -51.03 -33.93
N THR A 409 6.47 -51.30 -32.68
CA THR A 409 7.50 -50.51 -32.00
C THR A 409 8.58 -51.42 -31.44
N SER A 410 9.79 -50.88 -31.35
CA SER A 410 10.94 -51.58 -30.79
C SER A 410 11.26 -51.07 -29.39
N ASN A 411 12.11 -51.82 -28.70
CA ASN A 411 12.45 -51.49 -27.31
C ASN A 411 13.41 -50.32 -27.22
N SER A 412 14.51 -50.31 -27.94
CA SER A 412 15.51 -49.27 -27.58
C SER A 412 15.38 -47.95 -28.35
N GLU A 413 14.49 -47.87 -29.33
CA GLU A 413 14.43 -46.64 -30.17
C GLU A 413 13.10 -45.94 -29.91
N PRO A 414 13.11 -44.63 -29.63
CA PRO A 414 11.86 -43.96 -29.26
C PRO A 414 10.86 -43.99 -30.42
N PRO A 415 9.53 -44.08 -30.18
CA PRO A 415 8.56 -43.98 -31.27
C PRO A 415 8.56 -42.53 -31.78
N ARG A 416 8.40 -42.34 -33.09
CA ARG A 416 8.47 -40.96 -33.66
C ARG A 416 7.31 -40.11 -33.13
N LEU A 417 6.23 -40.75 -32.66
CA LEU A 417 5.04 -40.00 -32.20
C LEU A 417 4.98 -39.99 -30.67
N HIS A 418 6.14 -40.06 -30.02
CA HIS A 418 6.19 -40.07 -28.53
C HIS A 418 5.59 -38.78 -27.97
N TRP A 419 5.86 -37.64 -28.61
CA TRP A 419 5.39 -36.33 -28.08
C TRP A 419 3.88 -36.32 -27.84
N LEU A 420 3.09 -37.01 -28.68
CA LEU A 420 1.65 -37.07 -28.45
C LEU A 420 1.32 -37.70 -27.11
N PHE A 421 2.10 -38.71 -26.69
CA PHE A 421 1.87 -39.32 -25.38
C PHE A 421 1.86 -38.28 -24.28
N ALA A 422 2.70 -37.25 -24.40
CA ALA A 422 2.74 -36.20 -23.38
C ALA A 422 1.36 -35.61 -23.15
N PHE A 423 0.61 -35.35 -24.23
CA PHE A 423 -0.74 -34.83 -24.08
C PHE A 423 -1.57 -35.69 -23.14
N LEU A 424 -1.56 -37.02 -23.37
CA LEU A 424 -2.27 -37.90 -22.46
C LEU A 424 -1.77 -37.72 -21.03
N GLY A 425 -0.45 -37.73 -20.86
CA GLY A 425 0.10 -37.53 -19.53
C GLY A 425 -0.29 -36.20 -18.95
N PHE A 426 -0.47 -35.19 -19.80
CA PHE A 426 -1.00 -33.92 -19.32
C PHE A 426 -2.44 -34.10 -18.82
N LEU A 427 -3.30 -34.66 -19.67
CA LEU A 427 -4.73 -34.63 -19.38
C LEU A 427 -5.04 -35.37 -18.08
N THR A 428 -4.59 -36.63 -17.97
CA THR A 428 -4.78 -37.39 -16.75
C THR A 428 -4.24 -36.63 -15.55
N SER A 429 -3.05 -36.03 -15.69
CA SER A 429 -2.48 -35.28 -14.58
C SER A 429 -3.42 -34.19 -14.10
N ALA A 430 -4.04 -33.46 -15.04
CA ALA A 430 -4.99 -32.44 -14.64
C ALA A 430 -6.10 -33.04 -13.79
N LEU A 431 -6.66 -34.16 -14.22
CA LEU A 431 -7.69 -34.82 -13.42
C LEU A 431 -7.12 -35.25 -12.07
N TRP A 432 -5.89 -35.76 -12.05
CA TRP A 432 -5.29 -36.16 -10.79
C TRP A 432 -5.18 -34.99 -9.84
N ILE A 433 -5.08 -33.77 -10.38
CA ILE A 433 -5.13 -32.59 -9.52
C ILE A 433 -6.55 -32.38 -9.00
N ASN A 434 -7.52 -32.38 -9.92
CA ASN A 434 -8.85 -31.87 -9.61
C ASN A 434 -9.46 -32.60 -8.43
N ALA A 435 -9.53 -33.94 -8.53
CA ALA A 435 -10.08 -34.74 -7.44
C ALA A 435 -9.42 -34.38 -6.12
N ALA A 436 -8.09 -34.34 -6.10
CA ALA A 436 -7.39 -34.00 -4.86
C ALA A 436 -7.89 -32.66 -4.33
N ALA A 437 -7.93 -31.64 -5.19
CA ALA A 437 -8.43 -30.34 -4.75
C ALA A 437 -9.83 -30.47 -4.18
N THR A 438 -10.70 -31.20 -4.88
CA THR A 438 -12.07 -31.38 -4.40
C THR A 438 -12.06 -31.94 -2.99
N GLU A 439 -11.22 -32.95 -2.74
CA GLU A 439 -11.19 -33.56 -1.40
C GLU A 439 -10.86 -32.52 -0.35
N VAL A 440 -9.91 -31.63 -0.65
CA VAL A 440 -9.56 -30.57 0.30
C VAL A 440 -10.80 -29.78 0.68
N VAL A 441 -11.58 -29.37 -0.32
CA VAL A 441 -12.81 -28.64 -0.02
C VAL A 441 -13.73 -29.50 0.85
N ASN A 442 -13.89 -30.77 0.48
CA ASN A 442 -14.79 -31.65 1.23
C ASN A 442 -14.30 -31.79 2.67
N ILE A 443 -13.00 -31.58 2.90
CA ILE A 443 -12.51 -31.50 4.27
C ILE A 443 -13.02 -30.22 4.93
N LEU A 444 -12.54 -29.08 4.44
CA LEU A 444 -12.87 -27.78 5.10
C LEU A 444 -14.38 -27.65 5.32
N ARG A 445 -15.19 -27.92 4.30
CA ARG A 445 -16.67 -27.72 4.43
C ARG A 445 -17.21 -28.59 5.56
N SER A 446 -16.78 -29.86 5.64
CA SER A 446 -17.32 -30.79 6.67
C SER A 446 -16.94 -30.32 8.08
N LEU A 447 -15.64 -30.24 8.36
CA LEU A 447 -15.18 -29.83 9.71
C LEU A 447 -15.93 -28.56 10.12
N GLY A 448 -16.16 -27.65 9.17
CA GLY A 448 -16.88 -26.39 9.47
C GLY A 448 -18.29 -26.63 10.00
N VAL A 449 -19.04 -27.62 9.52
CA VAL A 449 -20.40 -27.75 10.08
C VAL A 449 -20.29 -28.02 11.59
N VAL A 450 -19.34 -28.85 12.02
CA VAL A 450 -19.13 -29.08 13.49
C VAL A 450 -18.71 -27.73 14.07
N PHE A 451 -17.88 -26.97 13.35
CA PHE A 451 -17.42 -25.64 13.82
C PHE A 451 -18.60 -24.65 13.82
N ARG A 452 -19.56 -24.84 12.89
CA ARG A 452 -20.71 -23.90 12.72
C ARG A 452 -20.25 -22.59 12.03
N LEU A 453 -19.47 -22.67 10.95
CA LEU A 453 -19.00 -21.47 10.20
C LEU A 453 -20.17 -20.77 9.48
N SER A 454 -20.17 -19.43 9.42
CA SER A 454 -21.28 -18.64 8.79
C SER A 454 -21.39 -18.87 7.27
N ASN A 455 -22.62 -18.96 6.74
CA ASN A 455 -22.88 -19.16 5.28
C ASN A 455 -22.42 -17.99 4.42
N THR A 456 -22.62 -16.75 4.89
CA THR A 456 -22.34 -15.59 4.02
C THR A 456 -20.88 -15.56 3.64
N VAL A 457 -20.01 -15.87 4.60
CA VAL A 457 -18.55 -15.77 4.30
C VAL A 457 -18.11 -16.98 3.47
N LEU A 458 -18.70 -18.16 3.68
CA LEU A 458 -18.14 -19.34 2.97
C LEU A 458 -18.42 -19.39 1.47
N GLY A 459 -19.63 -19.08 1.04
CA GLY A 459 -19.93 -19.31 -0.40
C GLY A 459 -19.04 -18.45 -1.25
N LEU A 460 -18.15 -17.73 -0.61
CA LEU A 460 -17.36 -16.70 -1.31
C LEU A 460 -15.86 -16.83 -1.05
N THR A 461 -15.46 -17.31 0.13
CA THR A 461 -14.05 -17.43 0.44
C THR A 461 -13.54 -18.86 0.23
N LEU A 462 -14.22 -19.84 0.83
CA LEU A 462 -13.78 -21.23 0.69
C LEU A 462 -13.90 -21.72 -0.74
N LEU A 463 -14.98 -21.37 -1.43
CA LEU A 463 -15.19 -21.90 -2.78
C LEU A 463 -14.17 -21.36 -3.77
N ALA A 464 -13.91 -20.05 -3.74
CA ALA A 464 -12.94 -19.46 -4.65
C ALA A 464 -11.53 -20.00 -4.38
N TRP A 465 -11.16 -20.12 -3.11
CA TRP A 465 -9.85 -20.65 -2.77
C TRP A 465 -9.72 -22.11 -3.20
N GLY A 466 -10.78 -22.90 -3.02
CA GLY A 466 -10.74 -24.28 -3.47
C GLY A 466 -10.62 -24.40 -4.97
N ASN A 467 -11.30 -23.50 -5.70
CA ASN A 467 -11.21 -23.51 -7.16
C ASN A 467 -9.81 -23.12 -7.62
N SER A 468 -9.19 -22.14 -6.94
CA SER A 468 -7.92 -21.59 -7.39
C SER A 468 -6.71 -22.27 -6.76
N ILE A 469 -6.91 -23.26 -5.88
CA ILE A 469 -5.77 -23.93 -5.27
C ILE A 469 -4.94 -24.67 -6.32
N GLY A 470 -5.60 -25.27 -7.32
CA GLY A 470 -4.87 -25.93 -8.38
C GLY A 470 -4.05 -24.95 -9.20
N ASP A 471 -4.64 -23.79 -9.51
CA ASP A 471 -3.91 -22.76 -10.24
C ASP A 471 -2.70 -22.29 -9.44
N ALA A 472 -2.88 -22.08 -8.13
CA ALA A 472 -1.78 -21.63 -7.29
C ALA A 472 -0.65 -22.65 -7.27
N PHE A 473 -1.00 -23.92 -7.05
CA PHE A 473 0.03 -24.97 -7.04
C PHE A 473 0.78 -25.03 -8.36
N SER A 474 0.04 -25.10 -9.48
CA SER A 474 0.68 -25.25 -10.78
C SER A 474 1.56 -24.04 -11.10
N ASP A 475 1.05 -22.83 -10.87
CA ASP A 475 1.81 -21.64 -11.20
C ASP A 475 3.05 -21.49 -10.33
N PHE A 476 2.94 -21.75 -9.02
CA PHE A 476 4.11 -21.66 -8.17
C PHE A 476 5.15 -22.70 -8.54
N THR A 477 4.72 -23.94 -8.82
CA THR A 477 5.67 -24.98 -9.20
C THR A 477 6.37 -24.63 -10.51
N LEU A 478 5.61 -24.10 -11.48
CA LEU A 478 6.22 -23.71 -12.76
C LEU A 478 7.19 -22.55 -12.57
N ALA A 479 6.83 -21.57 -11.74
CA ALA A 479 7.72 -20.43 -11.51
C ALA A 479 9.01 -20.84 -10.83
N ARG A 480 8.92 -21.78 -9.87
CA ARG A 480 10.13 -22.24 -9.19
C ARG A 480 11.09 -22.93 -10.14
N GLN A 481 10.58 -23.75 -11.05
CA GLN A 481 11.43 -24.55 -11.92
C GLN A 481 12.17 -23.74 -12.96
N GLY A 482 11.77 -22.52 -13.24
CA GLY A 482 12.44 -21.69 -14.23
C GLY A 482 11.62 -21.29 -15.43
N TYR A 483 10.29 -21.23 -15.31
CA TYR A 483 9.45 -20.75 -16.39
C TYR A 483 8.49 -19.68 -15.89
N PRO A 484 9.00 -18.54 -15.42
CA PRO A 484 8.09 -17.51 -14.88
C PRO A 484 7.19 -16.89 -15.94
N ARG A 485 7.67 -16.76 -17.17
CA ARG A 485 6.89 -16.10 -18.21
C ARG A 485 5.61 -16.87 -18.51
N MET A 486 5.71 -18.19 -18.63
CA MET A 486 4.53 -19.01 -18.94
C MET A 486 3.50 -18.90 -17.82
N ALA A 487 3.95 -19.00 -16.57
CA ALA A 487 3.02 -18.89 -15.44
C ALA A 487 2.37 -17.52 -15.39
N PHE A 488 3.15 -16.46 -15.61
CA PHE A 488 2.60 -15.11 -15.56
C PHE A 488 1.58 -14.89 -16.66
N SER A 489 1.85 -15.39 -17.87
CA SER A 489 0.88 -15.26 -18.96
C SER A 489 -0.37 -16.07 -18.69
N ALA A 490 -0.22 -17.29 -18.15
CA ALA A 490 -1.38 -18.09 -17.79
C ALA A 490 -2.20 -17.41 -16.70
N CYS A 491 -1.56 -16.63 -15.83
CA CYS A 491 -2.27 -15.95 -14.76
C CYS A 491 -3.38 -15.06 -15.29
N PHE A 492 -3.26 -14.59 -16.53
CA PHE A 492 -4.33 -13.83 -17.15
C PHE A 492 -5.12 -14.66 -18.16
N GLY A 493 -4.44 -15.55 -18.89
CA GLY A 493 -5.13 -16.36 -19.89
C GLY A 493 -6.17 -17.28 -19.29
N GLY A 494 -5.83 -17.97 -18.20
CA GLY A 494 -6.77 -18.86 -17.56
C GLY A 494 -8.02 -18.12 -17.11
N ILE A 495 -7.86 -16.92 -16.59
CA ILE A 495 -9.00 -16.22 -16.02
C ILE A 495 -9.86 -15.58 -17.11
N ILE A 496 -9.24 -15.10 -18.19
CA ILE A 496 -10.06 -14.59 -19.29
C ILE A 496 -10.87 -15.73 -19.90
N PHE A 497 -10.24 -16.89 -20.08
CA PHE A 497 -10.97 -18.08 -20.51
C PHE A 497 -12.10 -18.40 -19.54
N ASN A 498 -11.79 -18.42 -18.23
CA ASN A 498 -12.82 -18.76 -17.24
C ASN A 498 -14.02 -17.84 -17.36
N ILE A 499 -13.81 -16.53 -17.32
CA ILE A 499 -14.92 -15.60 -17.36
C ILE A 499 -15.74 -15.80 -18.63
N LEU A 500 -15.08 -15.68 -19.80
CA LEU A 500 -15.82 -15.74 -21.05
C LEU A 500 -16.57 -17.06 -21.20
N VAL A 501 -15.85 -18.17 -21.21
CA VAL A 501 -16.48 -19.45 -21.51
C VAL A 501 -17.45 -19.85 -20.41
N GLY A 502 -17.15 -19.56 -19.14
CA GLY A 502 -18.08 -19.88 -18.09
C GLY A 502 -19.41 -19.18 -18.24
N VAL A 503 -19.37 -17.84 -18.32
CA VAL A 503 -20.63 -17.11 -18.45
C VAL A 503 -21.38 -17.56 -19.69
N GLY A 504 -20.70 -17.59 -20.83
CA GLY A 504 -21.39 -17.90 -22.08
C GLY A 504 -21.97 -19.30 -22.09
N LEU A 505 -21.15 -20.32 -21.82
CA LEU A 505 -21.61 -21.70 -21.90
C LEU A 505 -22.67 -21.98 -20.84
N GLY A 506 -22.47 -21.51 -19.61
CA GLY A 506 -23.47 -21.75 -18.58
C GLY A 506 -24.81 -21.12 -18.91
N CYS A 507 -24.79 -19.86 -19.34
CA CYS A 507 -26.06 -19.20 -19.68
C CYS A 507 -26.73 -19.87 -20.87
N LEU A 508 -25.95 -20.25 -21.88
CA LEU A 508 -26.53 -20.89 -23.07
C LEU A 508 -27.14 -22.24 -22.72
N LEU A 509 -26.43 -23.03 -21.91
CA LEU A 509 -26.95 -24.34 -21.51
C LEU A 509 -28.21 -24.19 -20.66
N GLN A 510 -28.23 -23.23 -19.75
CA GLN A 510 -29.42 -23.00 -18.95
C GLN A 510 -30.59 -22.55 -19.81
N ILE A 511 -30.31 -21.70 -20.80
CA ILE A 511 -31.37 -21.25 -21.70
C ILE A 511 -31.95 -22.41 -22.48
N VAL A 512 -31.07 -23.27 -23.01
CA VAL A 512 -31.53 -24.41 -23.79
C VAL A 512 -32.34 -25.37 -22.92
N ARG A 513 -31.85 -25.66 -21.72
CA ARG A 513 -32.52 -26.64 -20.86
C ARG A 513 -33.82 -26.09 -20.29
N SER A 514 -33.83 -24.82 -19.88
CA SER A 514 -35.01 -24.21 -19.27
C SER A 514 -36.00 -23.67 -20.31
N HIS A 515 -35.63 -23.68 -21.59
CA HIS A 515 -36.52 -23.22 -22.67
C HIS A 515 -36.93 -21.77 -22.49
N ALA A 516 -36.08 -20.97 -21.85
CA ALA A 516 -36.37 -19.57 -21.60
C ALA A 516 -35.67 -18.70 -22.65
N SER A 517 -36.15 -17.45 -22.76
CA SER A 517 -35.56 -16.51 -23.70
C SER A 517 -34.42 -15.71 -23.08
N GLU A 518 -34.41 -15.54 -21.76
CA GLU A 518 -33.35 -14.79 -21.09
C GLU A 518 -33.18 -15.34 -19.69
N VAL A 519 -32.01 -15.09 -19.11
CA VAL A 519 -31.70 -15.48 -17.74
C VAL A 519 -31.62 -14.20 -16.90
N LYS A 520 -32.44 -14.13 -15.85
CA LYS A 520 -32.49 -12.95 -15.00
C LYS A 520 -31.35 -13.00 -13.99
N LEU A 521 -30.71 -11.85 -13.77
CA LEU A 521 -29.57 -11.74 -12.88
C LEU A 521 -29.97 -10.85 -11.70
N GLU A 522 -29.82 -11.37 -10.49
CA GLU A 522 -30.14 -10.61 -9.28
C GLU A 522 -28.88 -10.20 -8.53
N PRO A 523 -28.69 -8.91 -8.27
CA PRO A 523 -27.56 -8.49 -7.43
C PRO A 523 -27.81 -8.76 -5.96
N ASP A 524 -27.08 -9.72 -5.39
CA ASP A 524 -27.26 -10.13 -4.00
C ASP A 524 -26.41 -9.27 -3.05
N GLY A 525 -26.81 -8.01 -2.92
CA GLY A 525 -26.14 -7.08 -2.03
C GLY A 525 -25.00 -6.33 -2.71
N LEU A 526 -24.23 -5.62 -1.88
CA LEU A 526 -23.16 -4.78 -2.38
C LEU A 526 -21.87 -5.58 -2.63
N LEU A 527 -21.84 -6.85 -2.23
CA LEU A 527 -20.59 -7.60 -2.26
C LEU A 527 -20.13 -7.87 -3.70
N VAL A 528 -21.07 -8.16 -4.60
CA VAL A 528 -20.72 -8.40 -5.99
C VAL A 528 -20.13 -7.14 -6.61
N TRP A 529 -20.74 -5.98 -6.35
CA TRP A 529 -20.20 -4.73 -6.87
C TRP A 529 -18.83 -4.43 -6.28
N VAL A 530 -18.64 -4.75 -4.99
CA VAL A 530 -17.32 -4.59 -4.38
C VAL A 530 -16.29 -5.47 -5.08
N LEU A 531 -16.66 -6.72 -5.36
CA LEU A 531 -15.74 -7.64 -6.05
C LEU A 531 -15.38 -7.11 -7.43
N ALA A 532 -16.38 -6.63 -8.18
CA ALA A 532 -16.13 -6.12 -9.52
C ALA A 532 -15.23 -4.90 -9.48
N SER A 533 -15.49 -3.98 -8.54
CA SER A 533 -14.63 -2.79 -8.41
C SER A 533 -13.21 -3.18 -8.05
N ALA A 534 -13.05 -4.16 -7.15
CA ALA A 534 -11.71 -4.61 -6.76
C ALA A 534 -10.97 -5.21 -7.96
N LEU A 535 -11.67 -6.03 -8.75
CA LEU A 535 -11.03 -6.63 -9.92
C LEU A 535 -10.61 -5.55 -10.92
N GLY A 536 -11.49 -4.59 -11.18
CA GLY A 536 -11.16 -3.52 -12.11
C GLY A 536 -9.97 -2.69 -11.63
N LEU A 537 -9.94 -2.39 -10.32
CA LEU A 537 -8.86 -1.58 -9.79
C LEU A 537 -7.54 -2.33 -9.79
N SER A 538 -7.57 -3.65 -9.52
CA SER A 538 -6.36 -4.46 -9.63
C SER A 538 -5.83 -4.47 -11.06
N LEU A 539 -6.73 -4.62 -12.03
CA LEU A 539 -6.30 -4.59 -13.43
C LEU A 539 -5.71 -3.23 -13.80
N VAL A 540 -6.32 -2.15 -13.33
CA VAL A 540 -5.80 -0.81 -13.60
C VAL A 540 -4.42 -0.64 -12.99
N PHE A 541 -4.24 -1.09 -11.75
CA PHE A 541 -2.94 -0.97 -11.09
C PHE A 541 -1.87 -1.74 -11.84
N SER A 542 -2.19 -2.96 -12.27
CA SER A 542 -1.22 -3.73 -13.05
C SER A 542 -0.88 -3.05 -14.37
N LEU A 543 -1.92 -2.58 -15.08
CA LEU A 543 -1.71 -1.95 -16.39
C LEU A 543 -0.90 -0.67 -16.28
N VAL A 544 -0.99 0.02 -15.15
CA VAL A 544 -0.18 1.22 -14.96
C VAL A 544 1.23 0.88 -14.50
N SER A 545 1.37 -0.10 -13.60
CA SER A 545 2.67 -0.36 -12.98
C SER A 545 3.62 -1.09 -13.92
N VAL A 546 3.14 -2.12 -14.62
CA VAL A 546 4.04 -2.99 -15.37
C VAL A 546 4.78 -2.23 -16.47
N PRO A 547 4.11 -1.47 -17.35
CA PRO A 547 4.86 -0.69 -18.34
C PRO A 547 5.79 0.35 -17.72
N LEU A 548 5.41 0.92 -16.59
CA LEU A 548 6.25 1.93 -15.94
C LEU A 548 7.57 1.34 -15.47
N GLN A 549 7.59 0.04 -15.20
CA GLN A 549 8.79 -0.66 -14.72
C GLN A 549 9.70 -1.10 -15.86
N CYS A 550 9.40 -0.68 -17.10
CA CYS A 550 10.11 -1.17 -18.29
C CYS A 550 10.02 -2.68 -18.40
N PHE A 551 8.89 -3.24 -17.96
CA PHE A 551 8.59 -4.66 -18.06
C PHE A 551 9.60 -5.54 -17.32
N GLN A 552 10.19 -5.00 -16.24
CA GLN A 552 11.03 -5.78 -15.34
C GLN A 552 10.26 -5.98 -14.06
N LEU A 553 9.73 -7.19 -13.85
CA LEU A 553 8.89 -7.49 -12.70
C LEU A 553 9.78 -7.88 -11.53
N SER A 554 9.96 -6.94 -10.60
CA SER A 554 10.77 -7.18 -9.42
C SER A 554 9.90 -7.67 -8.27
N LYS A 555 10.51 -7.72 -7.09
CA LYS A 555 9.81 -8.22 -5.91
C LYS A 555 8.90 -7.16 -5.28
N ALA A 556 9.21 -5.88 -5.51
CA ALA A 556 8.38 -4.81 -4.96
C ALA A 556 6.98 -4.85 -5.53
N TYR A 557 6.86 -5.16 -6.83
CA TYR A 557 5.55 -5.28 -7.45
C TYR A 557 4.72 -6.37 -6.78
N GLY A 558 5.34 -7.52 -6.51
CA GLY A 558 4.63 -8.59 -5.83
C GLY A 558 4.22 -8.24 -4.42
N LEU A 559 5.12 -7.57 -3.68
CA LEU A 559 4.78 -7.16 -2.32
C LEU A 559 3.63 -6.16 -2.32
N CYS A 560 3.64 -5.21 -3.25
CA CYS A 560 2.54 -4.27 -3.36
C CYS A 560 1.23 -4.98 -3.71
N LEU A 561 1.30 -5.98 -4.59
CA LEU A 561 0.09 -6.75 -4.90
C LEU A 561 -0.44 -7.47 -3.67
N LEU A 562 0.45 -8.06 -2.86
CA LEU A 562 0.02 -8.74 -1.65
C LEU A 562 -0.66 -7.76 -0.69
N LEU A 563 -0.08 -6.56 -0.54
CA LEU A 563 -0.71 -5.55 0.31
C LEU A 563 -2.07 -5.15 -0.25
N PHE A 564 -2.19 -5.06 -1.57
CA PHE A 564 -3.47 -4.73 -2.19
C PHE A 564 -4.52 -5.80 -1.87
N TYR A 565 -4.11 -7.07 -1.92
CA TYR A 565 -5.06 -8.14 -1.59
C TYR A 565 -5.46 -8.07 -0.12
N ILE A 566 -4.52 -7.71 0.75
CA ILE A 566 -4.86 -7.54 2.17
C ILE A 566 -5.90 -6.44 2.33
N CYS A 567 -5.71 -5.33 1.62
CA CYS A 567 -6.69 -4.25 1.67
C CYS A 567 -8.05 -4.69 1.14
N PHE A 568 -8.06 -5.47 0.06
CA PHE A 568 -9.31 -5.97 -0.49
C PHE A 568 -10.04 -6.87 0.49
N ILE A 569 -9.30 -7.76 1.16
CA ILE A 569 -9.93 -8.64 2.15
C ILE A 569 -10.43 -7.82 3.33
N VAL A 570 -9.73 -6.73 3.66
CA VAL A 570 -10.20 -5.82 4.69
C VAL A 570 -11.55 -5.25 4.31
N VAL A 571 -11.67 -4.78 3.07
CA VAL A 571 -12.92 -4.17 2.61
C VAL A 571 -14.05 -5.18 2.61
N VAL A 572 -13.78 -6.39 2.12
CA VAL A 572 -14.83 -7.40 2.01
C VAL A 572 -15.27 -7.87 3.39
N LEU A 573 -14.32 -7.98 4.32
CA LEU A 573 -14.67 -8.37 5.69
C LEU A 573 -15.47 -7.28 6.38
N LEU A 574 -15.12 -6.01 6.10
CA LEU A 574 -15.90 -4.91 6.66
C LEU A 574 -17.31 -4.91 6.11
N THR A 575 -17.47 -5.21 4.82
CA THR A 575 -18.79 -5.20 4.20
C THR A 575 -19.65 -6.36 4.69
N GLU A 576 -19.05 -7.54 4.87
CA GLU A 576 -19.84 -8.72 5.22
C GLU A 576 -20.51 -8.56 6.58
N PHE A 577 -19.83 -7.94 7.54
CA PHE A 577 -20.40 -7.73 8.86
C PHE A 577 -21.49 -6.66 8.90
N GLY A 578 -21.71 -5.91 7.83
CA GLY A 578 -22.74 -4.89 7.83
C GLY A 578 -22.42 -3.65 8.60
N VAL A 579 -21.16 -3.46 9.01
CA VAL A 579 -20.79 -2.25 9.74
C VAL A 579 -20.69 -1.07 8.77
N ILE A 580 -20.57 -1.34 7.48
CA ILE A 580 -20.54 -0.31 6.45
C ILE A 580 -21.82 -0.49 5.64
N HIS A 581 -22.87 0.25 6.01
CA HIS A 581 -24.21 0.05 5.46
C HIS A 581 -24.47 1.08 4.38
N LEU A 582 -25.22 0.69 3.35
CA LEU A 582 -25.56 1.58 2.25
C LEU A 582 -26.61 2.58 2.73
N MET B 50 -16.37 15.91 40.04
CA MET B 50 -15.03 16.02 39.51
C MET B 50 -15.03 16.65 38.12
N ALA B 51 -14.74 17.95 38.07
CA ALA B 51 -14.70 18.67 36.80
C ALA B 51 -13.48 18.25 35.99
N ASP B 52 -13.62 18.33 34.67
CA ASP B 52 -12.52 17.98 33.78
C ASP B 52 -11.36 18.96 33.95
N CYS B 53 -10.14 18.46 33.77
CA CYS B 53 -8.96 19.31 33.92
C CYS B 53 -8.92 20.39 32.85
N ARG B 54 -9.52 20.13 31.68
CA ARG B 54 -9.52 21.11 30.60
C ARG B 54 -10.18 22.42 31.04
N ALA B 55 -11.12 22.35 31.99
CA ALA B 55 -11.77 23.55 32.50
C ALA B 55 -10.79 24.51 33.14
N VAL B 56 -9.53 24.12 33.31
CA VAL B 56 -8.51 25.04 33.82
C VAL B 56 -8.31 26.19 32.84
N CYS B 57 -8.63 25.97 31.56
CA CYS B 57 -8.50 27.02 30.56
C CYS B 57 -9.59 28.08 30.67
N SER B 58 -10.81 27.69 31.02
CA SER B 58 -11.93 28.63 31.09
C SER B 58 -11.98 29.43 32.38
N LEU B 59 -11.28 29.00 33.42
CA LEU B 59 -11.31 29.71 34.69
C LEU B 59 -10.43 30.96 34.62
N ASN B 60 -10.66 31.87 35.56
CA ASN B 60 -9.86 33.08 35.65
C ASN B 60 -8.43 32.73 36.06
N THR B 61 -7.50 33.61 35.68
CA THR B 61 -6.09 33.36 35.94
C THR B 61 -5.79 33.25 37.44
N SER B 62 -6.64 33.87 38.28
CA SER B 62 -6.38 33.85 39.71
C SER B 62 -6.48 32.45 40.31
N ASP B 63 -7.49 31.67 39.92
CA ASP B 63 -7.76 30.39 40.56
C ASP B 63 -7.33 29.18 39.75
N ARG B 64 -6.59 29.37 38.66
CA ARG B 64 -6.12 28.23 37.87
C ARG B 64 -5.14 27.37 38.67
N CYS B 65 -4.24 28.02 39.43
CA CYS B 65 -3.27 27.27 40.22
C CYS B 65 -3.96 26.44 41.29
N ASP B 66 -4.95 27.02 41.98
CA ASP B 66 -5.66 26.27 43.01
C ASP B 66 -6.49 25.15 42.40
N PHE B 67 -7.05 25.38 41.21
CA PHE B 67 -7.76 24.32 40.49
C PHE B 67 -6.84 23.15 40.18
N VAL B 68 -5.63 23.46 39.70
CA VAL B 68 -4.64 22.42 39.49
C VAL B 68 -4.31 21.73 40.81
N LYS B 69 -4.29 22.51 41.91
CA LYS B 69 -3.92 21.95 43.20
C LYS B 69 -4.93 20.95 43.73
N ARG B 70 -6.23 21.27 43.74
CA ARG B 70 -7.13 20.32 44.38
C ARG B 70 -7.59 19.19 43.46
N ASN B 71 -7.63 19.43 42.16
CA ASN B 71 -8.17 18.44 41.23
C ASN B 71 -7.18 17.28 41.10
N PRO B 72 -7.56 16.06 41.45
CA PRO B 72 -6.62 14.93 41.31
C PRO B 72 -6.33 14.56 39.88
N ASP B 73 -7.28 14.75 38.96
CA ASP B 73 -7.07 14.36 37.57
C ASP B 73 -5.98 15.19 36.89
N CYS B 74 -5.66 16.36 37.42
CA CYS B 74 -4.68 17.24 36.80
C CYS B 74 -3.24 16.89 37.16
N HIS B 75 -3.01 15.98 38.09
CA HIS B 75 -1.66 15.63 38.53
C HIS B 75 -1.25 14.29 37.93
N SER B 76 -0.01 14.21 37.47
CA SER B 76 0.50 12.97 36.90
C SER B 76 1.13 12.10 37.99
N GLU B 77 0.78 10.82 38.00
CA GLU B 77 1.20 9.93 39.08
C GLU B 77 2.65 9.48 38.94
N GLY B 78 3.16 9.33 37.73
CA GLY B 78 4.46 8.71 37.54
C GLY B 78 5.62 9.63 37.20
N GLY B 79 5.35 10.94 37.11
CA GLY B 79 6.38 11.88 36.72
C GLY B 79 7.10 12.52 37.89
N TYR B 80 8.35 12.93 37.63
CA TYR B 80 9.11 13.65 38.64
C TYR B 80 8.67 15.10 38.77
N LEU B 81 8.28 15.73 37.67
CA LEU B 81 7.91 17.15 37.64
C LEU B 81 6.44 17.28 37.30
N ASP B 82 5.74 18.16 38.01
CA ASP B 82 4.33 18.45 37.75
C ASP B 82 4.28 19.62 36.79
N TYR B 83 4.17 19.30 35.49
CA TYR B 83 4.24 20.33 34.45
C TYR B 83 3.06 21.29 34.53
N LEU B 84 1.85 20.77 34.78
CA LEU B 84 0.69 21.64 34.90
C LEU B 84 0.83 22.58 36.07
N LYS B 85 1.31 22.08 37.21
CA LYS B 85 1.56 22.94 38.36
C LYS B 85 2.58 24.02 38.02
N GLY B 86 3.63 23.65 37.28
CA GLY B 86 4.63 24.64 36.92
C GLY B 86 4.09 25.73 36.01
N ILE B 87 3.30 25.35 35.01
CA ILE B 87 2.83 26.33 34.03
C ILE B 87 1.75 27.22 34.65
N PHE B 88 0.89 26.66 35.51
CA PHE B 88 -0.23 27.43 36.03
C PHE B 88 0.04 28.06 37.39
N CYS B 89 1.17 27.76 38.04
CA CYS B 89 1.47 28.31 39.34
C CYS B 89 2.76 29.13 39.38
N TYR B 90 3.86 28.58 38.88
CA TYR B 90 5.15 29.26 38.95
C TYR B 90 5.27 30.42 37.98
N PHE B 91 4.68 30.31 36.80
CA PHE B 91 4.85 31.34 35.78
C PHE B 91 3.59 32.19 35.67
N PRO B 92 3.74 33.52 35.53
CA PRO B 92 2.56 34.36 35.34
C PRO B 92 1.92 34.07 33.99
N PRO B 93 0.61 34.29 33.87
CA PRO B 93 -0.08 33.97 32.61
C PRO B 93 0.46 34.71 31.39
N ASN B 94 0.93 35.95 31.57
CA ASN B 94 1.42 36.72 30.43
C ASN B 94 2.67 36.10 29.80
N LEU B 95 3.42 35.30 30.56
CA LEU B 95 4.56 34.57 30.02
C LEU B 95 4.21 33.13 29.66
N LEU B 96 2.92 32.82 29.54
CA LEU B 96 2.50 31.46 29.20
C LEU B 96 3.08 30.94 27.90
N PRO B 97 3.07 31.68 26.78
CA PRO B 97 3.68 31.13 25.55
C PRO B 97 5.15 30.77 25.72
N LEU B 98 5.92 31.62 26.41
CA LEU B 98 7.34 31.35 26.62
C LEU B 98 7.54 29.98 27.24
N ALA B 99 6.83 29.71 28.34
CA ALA B 99 6.91 28.40 28.98
C ALA B 99 6.72 27.29 27.96
N ILE B 100 5.71 27.43 27.10
CA ILE B 100 5.43 26.39 26.11
C ILE B 100 6.68 26.14 25.27
N THR B 101 7.27 27.20 24.71
CA THR B 101 8.43 27.00 23.86
C THR B 101 9.58 26.45 24.68
N LEU B 102 9.71 26.90 25.94
CA LEU B 102 10.72 26.34 26.82
C LEU B 102 10.53 24.84 26.96
N TYR B 103 9.30 24.41 27.21
CA TYR B 103 9.03 22.99 27.29
C TYR B 103 9.46 22.29 26.02
N VAL B 104 9.15 22.88 24.85
CA VAL B 104 9.56 22.28 23.59
C VAL B 104 11.06 22.06 23.59
N PHE B 105 11.83 23.08 23.97
CA PHE B 105 13.27 22.91 24.04
C PHE B 105 13.64 21.77 24.97
N TRP B 106 13.04 21.75 26.17
CA TRP B 106 13.27 20.65 27.09
C TRP B 106 12.96 19.32 26.42
N LEU B 107 11.82 19.25 25.73
CA LEU B 107 11.46 18.02 25.03
C LEU B 107 12.58 17.61 24.09
N LEU B 108 13.08 18.55 23.28
CA LEU B 108 14.15 18.22 22.36
C LEU B 108 15.38 17.72 23.10
N TYR B 109 15.70 18.36 24.24
CA TYR B 109 16.86 17.92 25.00
C TYR B 109 16.69 16.49 25.46
N LEU B 110 15.47 16.10 25.82
CA LEU B 110 15.22 14.71 26.20
C LEU B 110 15.54 13.77 25.05
N PHE B 111 15.15 14.14 23.83
CA PHE B 111 15.46 13.30 22.68
C PHE B 111 16.96 13.16 22.48
N LEU B 112 17.74 14.11 23.00
CA LEU B 112 19.19 13.95 22.96
C LEU B 112 19.66 12.87 23.93
N ILE B 113 19.11 12.86 25.15
CA ILE B 113 19.55 11.89 26.16
C ILE B 113 19.26 10.48 25.68
N LEU B 114 18.04 10.23 25.23
CA LEU B 114 17.69 8.93 24.67
C LEU B 114 18.60 8.60 23.49
N GLY B 115 19.06 9.62 22.77
CA GLY B 115 19.99 9.38 21.68
C GLY B 115 21.33 8.89 22.15
N VAL B 116 21.80 9.39 23.30
CA VAL B 116 23.13 9.05 23.78
C VAL B 116 23.12 7.74 24.54
N THR B 117 22.18 7.60 25.48
CA THR B 117 22.17 6.44 26.36
C THR B 117 22.09 5.15 25.58
N ALA B 118 21.23 5.10 24.56
CA ALA B 118 21.14 3.92 23.72
C ALA B 118 22.41 3.71 22.91
N ALA B 119 23.01 4.80 22.42
CA ALA B 119 24.10 4.67 21.46
C ALA B 119 25.39 4.20 22.12
N LYS B 120 25.71 4.72 23.31
CA LYS B 120 27.01 4.50 23.91
C LYS B 120 27.01 3.54 25.10
N PHE B 121 25.86 3.32 25.74
CA PHE B 121 25.83 2.60 27.00
C PHE B 121 24.94 1.36 26.97
N PHE B 122 23.77 1.44 26.35
CA PHE B 122 22.86 0.30 26.32
C PHE B 122 23.33 -0.75 25.31
N CYS B 123 23.47 -0.34 24.05
CA CYS B 123 23.84 -1.29 23.00
C CYS B 123 25.21 -1.91 23.19
N PRO B 124 26.28 -1.17 23.54
CA PRO B 124 27.56 -1.86 23.81
C PRO B 124 27.49 -2.88 24.93
N ASN B 125 26.74 -2.58 25.99
CA ASN B 125 26.58 -3.54 27.08
C ASN B 125 25.82 -4.78 26.62
N LEU B 126 24.77 -4.58 25.82
CA LEU B 126 24.03 -5.72 25.30
C LEU B 126 24.91 -6.58 24.40
N SER B 127 25.72 -5.94 23.56
CA SER B 127 26.63 -6.70 22.68
C SER B 127 27.67 -7.46 23.49
N ALA B 128 28.20 -6.84 24.55
CA ALA B 128 29.15 -7.52 25.41
C ALA B 128 28.52 -8.72 26.09
N ILE B 129 27.28 -8.57 26.57
CA ILE B 129 26.58 -9.70 27.19
C ILE B 129 26.36 -10.82 26.17
N SER B 130 25.96 -10.47 24.95
CA SER B 130 25.73 -11.48 23.92
C SER B 130 27.01 -12.22 23.56
N THR B 131 28.13 -11.49 23.44
CA THR B 131 29.38 -12.12 23.07
C THR B 131 29.94 -12.98 24.20
N SER B 132 29.85 -12.50 25.44
CA SER B 132 30.45 -13.22 26.57
C SER B 132 29.76 -14.56 26.80
N LEU B 133 28.44 -14.60 26.66
CA LEU B 133 27.67 -15.82 26.87
C LEU B 133 27.59 -16.68 25.61
N LYS B 134 28.20 -16.25 24.51
CA LYS B 134 28.19 -16.98 23.25
C LYS B 134 26.76 -17.25 22.78
N LEU B 135 25.88 -16.30 23.03
CA LEU B 135 24.49 -16.40 22.58
C LEU B 135 24.37 -15.88 21.15
N SER B 136 23.56 -16.58 20.35
CA SER B 136 23.23 -16.10 19.02
C SER B 136 22.38 -14.84 19.13
N HIS B 137 22.38 -14.04 18.06
CA HIS B 137 21.63 -12.79 18.08
C HIS B 137 20.16 -13.02 18.34
N ASN B 138 19.60 -14.10 17.77
CA ASN B 138 18.19 -14.41 17.95
C ASN B 138 17.84 -14.58 19.42
N VAL B 139 18.61 -15.41 20.14
CA VAL B 139 18.28 -15.71 21.53
C VAL B 139 18.38 -14.46 22.39
N ALA B 140 19.47 -13.70 22.23
CA ALA B 140 19.66 -12.49 23.03
C ALA B 140 18.55 -11.47 22.77
N GLY B 141 18.19 -11.26 21.51
CA GLY B 141 17.10 -10.36 21.21
C GLY B 141 15.77 -10.87 21.76
N VAL B 142 15.59 -12.18 21.77
CA VAL B 142 14.35 -12.76 22.29
C VAL B 142 14.24 -12.59 23.79
N THR B 143 15.36 -12.65 24.52
CA THR B 143 15.23 -12.56 25.97
C THR B 143 15.56 -11.19 26.56
N PHE B 144 16.81 -10.72 26.41
CA PHE B 144 17.26 -9.60 27.21
C PHE B 144 16.68 -8.29 26.70
N LEU B 145 16.81 -8.04 25.40
CA LEU B 145 16.18 -6.87 24.80
C LEU B 145 14.67 -6.91 25.01
N ALA B 146 14.10 -8.11 25.10
CA ALA B 146 12.67 -8.24 25.33
C ALA B 146 12.27 -7.69 26.71
N PHE B 147 12.93 -8.14 27.78
CA PHE B 147 12.61 -7.54 29.08
C PHE B 147 12.89 -6.05 29.09
N GLY B 148 14.04 -5.64 28.51
CA GLY B 148 14.40 -4.23 28.54
C GLY B 148 13.37 -3.34 27.86
N ASN B 149 12.78 -3.82 26.78
CA ASN B 149 11.78 -3.02 26.08
C ASN B 149 10.39 -3.18 26.69
N GLY B 150 10.14 -4.30 27.37
CA GLY B 150 8.80 -4.61 27.80
C GLY B 150 8.45 -4.28 29.23
N ALA B 151 9.44 -3.92 30.05
CA ALA B 151 9.13 -3.56 31.44
C ALA B 151 8.10 -2.43 31.57
N PRO B 152 8.23 -1.28 30.90
CA PRO B 152 7.21 -0.24 31.07
C PRO B 152 5.82 -0.66 30.60
N ASP B 153 5.72 -1.50 29.59
CA ASP B 153 4.39 -1.97 29.21
C ASP B 153 3.79 -2.69 30.36
N ILE B 154 4.50 -3.69 30.85
CA ILE B 154 3.90 -4.49 31.91
C ILE B 154 3.49 -3.60 33.08
N PHE B 155 4.33 -2.61 33.42
CA PHE B 155 3.97 -1.73 34.51
C PHE B 155 2.68 -0.96 34.21
N SER B 156 2.56 -0.42 33.00
CA SER B 156 1.35 0.31 32.62
C SER B 156 0.14 -0.62 32.57
N ALA B 157 0.33 -1.86 32.09
CA ALA B 157 -0.78 -2.81 32.04
C ALA B 157 -1.26 -3.16 33.43
N LEU B 158 -0.33 -3.35 34.38
CA LEU B 158 -0.74 -3.62 35.76
C LEU B 158 -1.50 -2.45 36.35
N VAL B 159 -0.99 -1.23 36.13
CA VAL B 159 -1.66 -0.05 36.67
C VAL B 159 -3.07 0.08 36.10
N ALA B 160 -3.22 -0.13 34.79
CA ALA B 160 -4.53 -0.03 34.16
C ALA B 160 -5.47 -1.13 34.62
N PHE B 161 -4.99 -2.37 34.73
CA PHE B 161 -5.82 -3.48 35.18
C PHE B 161 -6.16 -3.40 36.66
N SER B 162 -5.46 -2.55 37.43
CA SER B 162 -5.85 -2.35 38.82
C SER B 162 -7.29 -1.84 38.92
N ASP B 163 -7.73 -0.99 37.98
CA ASP B 163 -9.10 -0.52 37.92
C ASP B 163 -9.87 -1.29 36.86
N PRO B 164 -10.91 -2.04 37.23
CA PRO B 164 -11.62 -2.87 36.23
C PRO B 164 -12.21 -2.10 35.07
N ARG B 165 -12.61 -0.85 35.27
CA ARG B 165 -13.16 -0.05 34.17
C ARG B 165 -12.14 0.17 33.06
N THR B 166 -10.84 0.12 33.38
CA THR B 166 -9.79 0.37 32.41
C THR B 166 -9.23 -0.90 31.78
N ALA B 167 -9.87 -2.05 31.98
CA ALA B 167 -9.37 -3.29 31.39
C ALA B 167 -9.42 -3.25 29.87
N GLY B 168 -10.52 -2.75 29.31
CA GLY B 168 -10.60 -2.61 27.86
C GLY B 168 -9.56 -1.66 27.31
N LEU B 169 -9.33 -0.54 28.01
CA LEU B 169 -8.30 0.40 27.61
C LEU B 169 -6.92 -0.25 27.64
N ALA B 170 -6.66 -1.06 28.68
CA ALA B 170 -5.37 -1.73 28.77
C ALA B 170 -5.17 -2.72 27.63
N ILE B 171 -6.19 -3.51 27.31
CA ILE B 171 -6.05 -4.49 26.23
C ILE B 171 -5.92 -3.78 24.89
N GLY B 172 -6.62 -2.66 24.71
CA GLY B 172 -6.47 -1.89 23.49
C GLY B 172 -5.08 -1.29 23.36
N ALA B 173 -4.52 -0.79 24.46
CA ALA B 173 -3.17 -0.27 24.43
C ALA B 173 -2.16 -1.36 24.10
N LEU B 174 -2.34 -2.55 24.67
CA LEU B 174 -1.45 -3.66 24.36
C LEU B 174 -1.52 -4.02 22.87
N PHE B 175 -2.73 -4.10 22.32
CA PHE B 175 -2.87 -4.41 20.90
C PHE B 175 -2.27 -3.31 20.02
N GLY B 176 -2.47 -2.05 20.39
CA GLY B 176 -1.91 -0.96 19.61
C GLY B 176 -0.39 -0.95 19.62
N ALA B 177 0.20 -1.20 20.80
CA ALA B 177 1.65 -1.29 20.88
C ALA B 177 2.17 -2.46 20.06
N GLY B 178 1.46 -3.59 20.11
CA GLY B 178 1.85 -4.73 19.29
C GLY B 178 1.83 -4.39 17.80
N VAL B 179 0.76 -3.74 17.35
CA VAL B 179 0.65 -3.37 15.94
C VAL B 179 1.80 -2.44 15.56
N LEU B 180 2.03 -1.41 16.37
CA LEU B 180 3.06 -0.42 16.03
C LEU B 180 4.43 -1.06 15.96
N VAL B 181 4.77 -1.88 16.96
CA VAL B 181 6.10 -2.48 16.97
C VAL B 181 6.27 -3.47 15.82
N THR B 182 5.25 -4.32 15.60
CA THR B 182 5.37 -5.33 14.54
C THR B 182 5.39 -4.72 13.16
N THR B 183 4.83 -3.52 12.97
CA THR B 183 4.80 -2.93 11.64
C THR B 183 5.89 -1.88 11.43
N VAL B 184 5.85 -0.78 12.20
CA VAL B 184 6.69 0.36 11.88
C VAL B 184 8.14 0.10 12.26
N VAL B 185 8.36 -0.45 13.45
CA VAL B 185 9.73 -0.74 13.90
C VAL B 185 10.37 -1.77 13.00
N ALA B 186 9.63 -2.82 12.64
CA ALA B 186 10.16 -3.84 11.74
C ALA B 186 10.47 -3.25 10.36
N GLY B 187 9.58 -2.40 9.84
CA GLY B 187 9.85 -1.79 8.55
C GLY B 187 11.07 -0.90 8.57
N GLY B 188 11.21 -0.07 9.59
CA GLY B 188 12.38 0.78 9.71
C GLY B 188 13.66 -0.02 9.87
N ILE B 189 13.60 -1.10 10.65
CA ILE B 189 14.77 -1.95 10.87
C ILE B 189 15.21 -2.57 9.55
N THR B 190 14.25 -3.07 8.78
CA THR B 190 14.59 -3.68 7.49
C THR B 190 15.12 -2.64 6.51
N ILE B 191 14.53 -1.44 6.49
CA ILE B 191 14.98 -0.41 5.56
C ILE B 191 16.40 0.04 5.89
N LEU B 192 16.69 0.26 7.18
CA LEU B 192 17.98 0.80 7.57
C LEU B 192 19.12 -0.15 7.22
N ARG B 193 18.87 -1.46 7.33
CA ARG B 193 19.92 -2.46 7.11
C ARG B 193 19.28 -3.76 6.64
N PRO B 194 19.32 -4.05 5.33
CA PRO B 194 18.84 -5.34 4.85
C PRO B 194 19.68 -6.48 5.37
N PHE B 195 19.05 -7.63 5.57
CA PHE B 195 19.71 -8.77 6.18
C PHE B 195 18.96 -10.04 5.83
N MET B 196 19.53 -11.18 6.25
CA MET B 196 18.91 -12.47 6.06
C MET B 196 18.46 -13.03 7.41
N ALA B 197 17.16 -13.16 7.61
CA ALA B 197 16.63 -13.65 8.87
C ALA B 197 16.76 -15.16 8.95
N ALA B 198 16.86 -15.67 10.18
CA ALA B 198 16.90 -17.10 10.43
C ALA B 198 15.50 -17.68 10.22
N SER B 199 15.42 -18.82 9.54
CA SER B 199 14.13 -19.36 9.15
C SER B 199 13.39 -19.98 10.34
N ARG B 200 13.98 -21.00 10.96
CA ARG B 200 13.30 -21.71 12.04
C ARG B 200 12.98 -20.82 13.23
N PRO B 201 13.89 -19.98 13.75
CA PRO B 201 13.50 -19.08 14.85
C PRO B 201 12.37 -18.14 14.47
N PHE B 202 12.38 -17.61 13.25
CA PHE B 202 11.32 -16.71 12.83
C PHE B 202 9.97 -17.45 12.79
N LEU B 203 9.96 -18.66 12.24
CA LEU B 203 8.72 -19.42 12.17
C LEU B 203 8.19 -19.74 13.57
N ARG B 204 9.08 -20.16 14.48
CA ARG B 204 8.67 -20.47 15.83
C ARG B 204 8.10 -19.25 16.53
N ASP B 205 8.80 -18.11 16.43
CA ASP B 205 8.34 -16.90 17.09
C ASP B 205 7.00 -16.43 16.53
N ILE B 206 6.84 -16.45 15.21
CA ILE B 206 5.59 -15.98 14.62
C ILE B 206 4.44 -16.91 14.97
N THR B 207 4.69 -18.23 15.02
CA THR B 207 3.63 -19.17 15.40
C THR B 207 3.21 -18.93 16.85
N PHE B 208 4.17 -18.76 17.75
CA PHE B 208 3.82 -18.52 19.16
C PHE B 208 3.07 -17.20 19.31
N TYR B 209 3.50 -16.17 18.60
CA TYR B 209 2.80 -14.88 18.68
C TYR B 209 1.37 -14.98 18.15
N MET B 210 1.18 -15.70 17.04
CA MET B 210 -0.17 -15.87 16.52
C MET B 210 -1.04 -16.63 17.49
N VAL B 211 -0.49 -17.67 18.14
CA VAL B 211 -1.25 -18.42 19.13
C VAL B 211 -1.66 -17.51 20.28
N ALA B 212 -0.72 -16.69 20.76
CA ALA B 212 -1.03 -15.79 21.88
C ALA B 212 -2.10 -14.78 21.48
N VAL B 213 -2.01 -14.22 20.28
CA VAL B 213 -2.99 -13.23 19.82
C VAL B 213 -4.37 -13.87 19.72
N PHE B 214 -4.45 -15.09 19.16
CA PHE B 214 -5.74 -15.75 19.04
C PHE B 214 -6.33 -16.09 20.40
N LEU B 215 -5.48 -16.51 21.34
CA LEU B 215 -5.95 -16.82 22.69
C LEU B 215 -6.50 -15.57 23.37
N THR B 216 -5.80 -14.44 23.23
CA THR B 216 -6.31 -13.19 23.79
C THR B 216 -7.61 -12.78 23.10
N PHE B 217 -7.71 -13.02 21.79
CA PHE B 217 -8.93 -12.71 21.06
C PHE B 217 -10.13 -13.47 21.61
N THR B 218 -9.99 -14.79 21.79
CA THR B 218 -11.11 -15.57 22.28
C THR B 218 -11.42 -15.23 23.75
N ALA B 219 -10.38 -14.94 24.54
CA ALA B 219 -10.62 -14.51 25.91
C ALA B 219 -11.41 -13.21 25.96
N LEU B 220 -11.10 -12.27 25.07
CA LEU B 220 -11.86 -11.04 24.98
C LEU B 220 -13.30 -11.31 24.51
N TYR B 221 -13.46 -12.21 23.54
CA TYR B 221 -14.79 -12.50 23.03
C TYR B 221 -15.69 -13.10 24.11
N LEU B 222 -15.15 -14.01 24.92
CA LEU B 222 -15.93 -14.55 26.03
C LEU B 222 -16.26 -13.49 27.07
N GLY B 223 -15.47 -12.43 27.19
CA GLY B 223 -15.76 -11.33 28.09
C GLY B 223 -15.29 -11.51 29.52
N ARG B 224 -14.74 -12.67 29.86
CA ARG B 224 -14.25 -12.91 31.21
C ARG B 224 -12.89 -13.59 31.14
N ILE B 225 -12.05 -13.34 32.13
CA ILE B 225 -10.79 -14.04 32.31
C ILE B 225 -10.77 -14.59 33.72
N THR B 226 -10.63 -15.90 33.86
CA THR B 226 -10.60 -16.53 35.17
C THR B 226 -9.15 -16.77 35.61
N LEU B 227 -9.02 -17.34 36.80
CA LEU B 227 -7.70 -17.68 37.34
C LEU B 227 -7.02 -18.73 36.46
N VAL B 228 -7.79 -19.67 35.92
CA VAL B 228 -7.23 -20.70 35.04
C VAL B 228 -6.61 -20.07 33.81
N TRP B 229 -7.26 -19.02 33.26
CA TRP B 229 -6.72 -18.37 32.07
C TRP B 229 -5.39 -17.70 32.36
N ALA B 230 -5.27 -17.03 33.51
CA ALA B 230 -4.01 -16.37 33.88
C ALA B 230 -2.91 -17.40 34.10
N LEU B 231 -3.23 -18.49 34.79
CA LEU B 231 -2.23 -19.54 34.97
C LEU B 231 -1.82 -20.15 33.64
N GLY B 232 -2.77 -20.31 32.71
CA GLY B 232 -2.42 -20.80 31.39
C GLY B 232 -1.50 -19.86 30.64
N TYR B 233 -1.75 -18.56 30.76
CA TYR B 233 -0.88 -17.57 30.12
C TYR B 233 0.54 -17.67 30.66
N LEU B 234 0.67 -17.70 31.99
CA LEU B 234 2.01 -17.77 32.59
C LEU B 234 2.71 -19.08 32.22
N GLY B 235 1.97 -20.19 32.25
CA GLY B 235 2.56 -21.46 31.85
C GLY B 235 2.97 -21.48 30.40
N LEU B 236 2.19 -20.84 29.53
CA LEU B 236 2.55 -20.74 28.13
C LEU B 236 3.84 -19.94 27.94
N TYR B 237 3.99 -18.84 28.68
CA TYR B 237 5.23 -18.09 28.57
C TYR B 237 6.43 -18.90 29.07
N VAL B 238 6.25 -19.61 30.18
CA VAL B 238 7.33 -20.45 30.70
C VAL B 238 7.69 -21.54 29.69
N PHE B 239 6.67 -22.14 29.08
CA PHE B 239 6.91 -23.15 28.04
C PHE B 239 7.66 -22.55 26.86
N TYR B 240 7.31 -21.33 26.47
CA TYR B 240 8.01 -20.68 25.35
C TYR B 240 9.49 -20.47 25.67
N VAL B 241 9.78 -19.99 26.88
CA VAL B 241 11.17 -19.76 27.27
C VAL B 241 11.94 -21.08 27.30
N VAL B 242 11.33 -22.12 27.89
CA VAL B 242 12.00 -23.42 27.97
C VAL B 242 12.23 -23.98 26.57
N THR B 243 11.26 -23.82 25.68
CA THR B 243 11.42 -24.30 24.31
C THR B 243 12.56 -23.57 23.60
N VAL B 244 12.66 -22.25 23.79
CA VAL B 244 13.75 -21.50 23.17
C VAL B 244 15.09 -22.03 23.66
N ILE B 245 15.22 -22.21 24.99
CA ILE B 245 16.49 -22.67 25.55
C ILE B 245 16.85 -24.06 25.03
N ILE B 246 15.87 -24.97 25.02
CA ILE B 246 16.12 -26.35 24.62
C ILE B 246 16.49 -26.42 23.15
N CYS B 247 15.77 -25.67 22.30
CA CYS B 247 16.07 -25.66 20.88
C CYS B 247 17.45 -25.08 20.61
N THR B 248 17.84 -24.03 21.33
CA THR B 248 19.17 -23.48 21.17
C THR B 248 20.24 -24.48 21.57
N TRP B 249 20.01 -25.20 22.68
CA TRP B 249 20.94 -26.24 23.10
C TRP B 249 21.07 -27.33 22.04
N VAL B 250 19.95 -27.77 21.48
CA VAL B 250 19.97 -28.82 20.47
C VAL B 250 20.73 -28.36 19.24
N TYR B 251 20.48 -27.11 18.80
CA TYR B 251 21.18 -26.59 17.63
C TYR B 251 22.68 -26.52 17.89
N GLN B 252 23.08 -26.00 19.06
CA GLN B 252 24.50 -25.87 19.37
C GLN B 252 25.18 -27.24 19.44
N ARG B 253 24.51 -28.22 20.04
CA ARG B 253 25.08 -29.56 20.12
C ARG B 253 25.21 -30.18 18.74
N GLN B 254 24.22 -29.99 17.87
CA GLN B 254 24.25 -30.55 16.52
C GLN B 254 25.34 -29.90 15.68
N THR B 300 49.04 7.24 38.07
CA THR B 300 48.34 7.25 39.35
C THR B 300 46.85 7.02 39.16
N THR B 301 46.14 6.77 40.27
CA THR B 301 44.70 6.56 40.19
C THR B 301 43.97 7.85 39.86
N GLY B 302 44.46 8.99 40.36
CA GLY B 302 43.78 10.25 40.10
C GLY B 302 43.78 10.63 38.63
N GLN B 303 44.93 10.48 37.96
CA GLN B 303 45.00 10.83 36.55
C GLN B 303 44.15 9.89 35.71
N ILE B 304 44.13 8.59 36.05
CA ILE B 304 43.31 7.65 35.30
C ILE B 304 41.83 7.92 35.51
N LEU B 305 41.45 8.35 36.72
CA LEU B 305 40.07 8.72 36.98
C LEU B 305 39.68 9.97 36.19
N LEU B 306 40.57 10.97 36.17
CA LEU B 306 40.29 12.19 35.42
C LEU B 306 40.17 11.91 33.94
N GLN B 307 41.06 11.08 33.39
CA GLN B 307 40.99 10.75 31.97
C GLN B 307 39.77 9.92 31.63
N ALA B 308 39.42 8.97 32.50
CA ALA B 308 38.24 8.14 32.26
C ALA B 308 36.95 8.95 32.33
N LEU B 309 36.86 9.89 33.26
CA LEU B 309 35.65 10.70 33.42
C LEU B 309 35.61 11.89 32.48
N ASN B 310 36.65 12.10 31.66
CA ASN B 310 36.67 13.21 30.73
C ASN B 310 36.03 12.78 29.42
N PRO B 311 34.86 13.31 29.05
CA PRO B 311 34.23 12.90 27.79
C PRO B 311 34.77 13.64 26.57
N LEU B 312 35.72 14.56 26.75
CA LEU B 312 36.22 15.41 25.66
C LEU B 312 37.53 14.84 25.14
N ASP B 313 37.58 14.58 23.83
CA ASP B 313 38.82 14.24 23.15
C ASP B 313 39.34 15.51 22.48
N TYR B 314 40.48 16.02 22.98
CA TYR B 314 40.98 17.32 22.52
C TYR B 314 41.34 17.28 21.04
N ARG B 315 41.92 16.17 20.58
CA ARG B 315 42.29 16.06 19.16
C ARG B 315 41.07 16.17 18.27
N LYS B 316 39.98 15.48 18.62
CA LYS B 316 38.75 15.63 17.87
C LYS B 316 38.04 16.94 18.19
N TRP B 317 38.30 17.50 19.38
CA TRP B 317 37.71 18.78 19.74
C TRP B 317 38.21 19.89 18.82
N ARG B 318 39.51 19.89 18.52
CA ARG B 318 40.10 20.99 17.77
C ARG B 318 39.66 20.98 16.31
N THR B 319 39.50 19.81 15.71
CA THR B 319 39.25 19.70 14.28
C THR B 319 37.78 19.81 13.92
N GLN B 320 36.89 20.00 14.88
CA GLN B 320 35.47 19.94 14.62
C GLN B 320 34.92 21.34 14.34
N SER B 321 33.76 21.39 13.68
CA SER B 321 33.15 22.65 13.29
C SER B 321 32.42 23.30 14.47
N ILE B 322 32.05 24.57 14.27
CA ILE B 322 31.47 25.36 15.36
C ILE B 322 30.13 24.78 15.81
N SER B 323 29.27 24.44 14.85
CA SER B 323 27.97 23.89 15.21
C SER B 323 28.11 22.55 15.94
N CYS B 324 29.00 21.69 15.44
CA CYS B 324 29.24 20.43 16.12
C CYS B 324 29.97 20.64 17.45
N LYS B 325 30.75 21.72 17.56
CA LYS B 325 31.31 22.09 18.85
C LYS B 325 30.21 22.40 19.86
N LEU B 326 29.20 23.16 19.42
CA LEU B 326 28.07 23.46 20.29
C LEU B 326 27.31 22.18 20.64
N LEU B 327 27.16 21.28 19.68
CA LEU B 327 26.48 20.02 19.95
C LEU B 327 27.24 19.19 21.00
N LYS B 328 28.57 19.14 20.87
CA LYS B 328 29.38 18.42 21.85
C LYS B 328 29.29 19.07 23.23
N VAL B 329 29.29 20.40 23.29
CA VAL B 329 29.16 21.09 24.57
C VAL B 329 27.81 20.76 25.21
N ALA B 330 26.75 20.73 24.39
CA ALA B 330 25.44 20.36 24.90
C ALA B 330 25.41 18.92 25.40
N LYS B 331 26.08 18.01 24.69
CA LYS B 331 26.07 16.61 25.09
C LYS B 331 27.00 16.32 26.27
N LEU B 332 27.89 17.24 26.60
CA LEU B 332 28.89 16.98 27.65
C LEU B 332 28.27 16.62 29.00
N PRO B 333 27.30 17.35 29.55
CA PRO B 333 26.85 17.02 30.92
C PRO B 333 26.21 15.65 31.04
N VAL B 334 25.31 15.30 30.11
CA VAL B 334 24.66 14.00 30.17
C VAL B 334 25.68 12.89 29.98
N GLU B 335 26.67 13.10 29.12
CA GLU B 335 27.71 12.10 28.92
C GLU B 335 28.52 11.91 30.20
N PHE B 336 28.86 13.00 30.89
CA PHE B 336 29.58 12.88 32.15
C PHE B 336 28.76 12.12 33.19
N LEU B 337 27.46 12.46 33.28
CA LEU B 337 26.62 11.78 34.26
C LEU B 337 26.50 10.28 33.95
N LEU B 338 26.33 9.94 32.66
CA LEU B 338 26.25 8.53 32.28
C LEU B 338 27.55 7.80 32.54
N LEU B 339 28.69 8.46 32.27
CA LEU B 339 29.98 7.84 32.58
C LEU B 339 30.13 7.59 34.07
N LEU B 340 29.67 8.53 34.89
CA LEU B 340 29.75 8.35 36.33
C LEU B 340 28.82 7.23 36.82
N THR B 341 27.66 7.07 36.18
CA THR B 341 26.66 6.14 36.67
C THR B 341 26.72 4.77 36.00
N VAL B 342 26.83 4.71 34.67
CA VAL B 342 26.67 3.45 33.95
C VAL B 342 28.03 2.87 33.55
N PRO B 343 28.42 1.72 34.10
CA PRO B 343 29.65 1.07 33.63
C PRO B 343 29.48 0.52 32.22
N VAL B 344 30.59 0.45 31.48
CA VAL B 344 30.59 -0.04 30.11
C VAL B 344 31.69 -1.10 29.98
N VAL B 345 31.35 -2.21 29.35
CA VAL B 345 32.31 -3.27 29.04
C VAL B 345 32.36 -3.44 27.53
N ASP B 346 33.55 -3.27 26.95
CA ASP B 346 33.74 -3.37 25.51
C ASP B 346 34.72 -4.48 25.20
N PRO B 347 34.27 -5.61 24.62
CA PRO B 347 35.21 -6.70 24.30
C PRO B 347 36.13 -6.40 23.12
N ASP B 348 35.84 -5.38 22.32
CA ASP B 348 36.66 -5.07 21.15
C ASP B 348 37.92 -4.29 21.49
N LYS B 349 38.06 -3.82 22.73
CA LYS B 349 39.22 -3.06 23.15
C LYS B 349 40.22 -3.97 23.85
N ASP B 350 41.49 -3.61 23.78
CA ASP B 350 42.54 -4.41 24.42
C ASP B 350 42.35 -4.41 25.94
N ASP B 351 42.11 -3.24 26.53
CA ASP B 351 41.93 -3.12 27.96
C ASP B 351 40.54 -3.52 28.43
N ARG B 352 39.63 -3.83 27.50
CA ARG B 352 38.25 -4.22 27.82
C ARG B 352 37.53 -3.11 28.59
N ASN B 353 37.91 -1.86 28.35
CA ASN B 353 37.33 -0.69 29.01
C ASN B 353 37.43 -0.79 30.53
N TRP B 354 38.52 -1.38 31.03
CA TRP B 354 38.69 -1.59 32.46
C TRP B 354 39.31 -0.34 33.08
N LYS B 355 38.52 0.38 33.88
CA LYS B 355 39.00 1.52 34.66
C LYS B 355 38.67 1.20 36.11
N ARG B 356 39.66 0.66 36.83
CA ARG B 356 39.47 0.07 38.15
C ARG B 356 38.82 1.02 39.15
N PRO B 357 39.33 2.26 39.33
CA PRO B 357 38.67 3.15 40.30
C PRO B 357 37.26 3.56 39.89
N LEU B 358 37.06 3.83 38.60
CA LEU B 358 35.71 4.19 38.13
C LEU B 358 34.74 3.03 38.31
N ASN B 359 35.17 1.81 38.00
CA ASN B 359 34.29 0.65 38.18
C ASN B 359 34.01 0.40 39.65
N CYS B 360 35.02 0.58 40.51
CA CYS B 360 34.79 0.41 41.95
C CYS B 360 33.79 1.43 42.46
N LEU B 361 33.90 2.68 42.01
CA LEU B 361 32.94 3.71 42.43
C LEU B 361 31.54 3.42 41.88
N GLN B 362 31.47 2.91 40.64
CA GLN B 362 30.18 2.54 40.06
C GLN B 362 29.55 1.39 40.83
N LEU B 363 30.36 0.48 41.37
CA LEU B 363 29.84 -0.60 42.19
C LEU B 363 29.08 -0.09 43.41
N VAL B 364 29.39 1.13 43.85
CA VAL B 364 28.63 1.78 44.93
C VAL B 364 27.47 2.58 44.39
N ILE B 365 27.72 3.33 43.31
CA ILE B 365 26.72 4.29 42.81
C ILE B 365 25.51 3.56 42.23
N SER B 366 25.75 2.50 41.45
CA SER B 366 24.64 1.86 40.72
C SER B 366 23.55 1.30 41.64
N PRO B 367 23.85 0.52 42.68
CA PRO B 367 22.78 0.12 43.60
C PRO B 367 22.10 1.30 44.25
N LEU B 368 22.87 2.35 44.57
CA LEU B 368 22.29 3.54 45.19
C LEU B 368 21.26 4.20 44.27
N VAL B 369 21.63 4.42 43.02
CA VAL B 369 20.71 5.09 42.10
C VAL B 369 19.53 4.19 41.80
N LEU B 370 19.76 2.88 41.68
CA LEU B 370 18.65 1.94 41.47
C LEU B 370 17.62 2.04 42.58
N VAL B 371 18.09 1.98 43.84
CA VAL B 371 17.18 2.07 44.98
C VAL B 371 16.49 3.42 45.00
N LEU B 372 17.21 4.49 44.70
CA LEU B 372 16.64 5.83 44.78
C LEU B 372 15.65 6.12 43.66
N THR B 373 15.71 5.42 42.54
CA THR B 373 14.71 5.64 41.50
C THR B 373 13.55 4.65 41.54
N LEU B 374 13.75 3.48 42.16
CA LEU B 374 12.67 2.50 42.21
C LEU B 374 11.49 3.05 42.99
N GLN B 375 10.37 3.24 42.28
CA GLN B 375 9.13 3.80 42.84
C GLN B 375 9.39 5.16 43.49
N SER B 376 10.23 5.97 42.83
CA SER B 376 10.54 7.33 43.27
C SER B 376 11.09 7.38 44.69
N GLY B 377 11.85 6.35 45.09
CA GLY B 377 12.54 6.35 46.36
C GLY B 377 11.76 5.84 47.55
N VAL B 378 10.60 5.20 47.34
CA VAL B 378 9.84 4.67 48.46
C VAL B 378 10.66 3.65 49.24
N TYR B 379 11.34 2.75 48.53
CA TYR B 379 12.22 1.80 49.19
C TYR B 379 13.43 2.49 49.81
N GLY B 380 13.88 3.60 49.24
CA GLY B 380 14.99 4.33 49.82
C GLY B 380 14.65 4.94 51.17
N ILE B 381 13.44 5.50 51.29
CA ILE B 381 13.01 6.10 52.55
C ILE B 381 12.67 5.06 53.61
N TYR B 382 12.47 3.80 53.21
CA TYR B 382 12.10 2.75 54.16
C TYR B 382 13.19 2.57 55.21
N GLU B 383 12.77 2.43 56.46
CA GLU B 383 13.69 2.19 57.57
C GLU B 383 13.50 0.75 58.06
N ILE B 384 14.61 0.02 58.16
CA ILE B 384 14.55 -1.38 58.59
C ILE B 384 14.40 -1.40 60.11
N GLY B 385 13.20 -1.67 60.59
CA GLY B 385 12.95 -1.70 62.02
C GLY B 385 12.95 -0.34 62.68
N GLY B 386 12.93 0.73 61.90
CA GLY B 386 12.97 2.07 62.45
C GLY B 386 14.32 2.52 62.96
N LEU B 387 15.38 1.77 62.66
CA LEU B 387 16.72 2.10 63.15
C LEU B 387 17.71 2.37 62.02
N LEU B 388 17.72 1.53 60.98
CA LEU B 388 18.64 1.69 59.86
C LEU B 388 17.85 1.79 58.56
N PRO B 389 17.99 2.88 57.80
CA PRO B 389 17.31 2.96 56.51
C PRO B 389 17.96 2.04 55.48
N VAL B 390 17.19 1.72 54.44
CA VAL B 390 17.67 0.82 53.38
C VAL B 390 18.86 1.44 52.66
N TRP B 391 18.82 2.75 52.42
CA TRP B 391 19.88 3.39 51.66
C TRP B 391 21.21 3.30 52.40
N ALA B 392 21.20 3.45 53.73
CA ALA B 392 22.43 3.29 54.50
C ALA B 392 22.97 1.86 54.37
N VAL B 393 22.09 0.87 54.44
CA VAL B 393 22.52 -0.52 54.33
C VAL B 393 23.14 -0.79 52.97
N VAL B 394 22.50 -0.35 51.90
CA VAL B 394 23.03 -0.61 50.57
C VAL B 394 24.33 0.15 50.35
N VAL B 395 24.44 1.36 50.92
CA VAL B 395 25.70 2.09 50.85
C VAL B 395 26.81 1.31 51.54
N ILE B 396 26.54 0.78 52.73
CA ILE B 396 27.56 0.04 53.46
C ILE B 396 27.99 -1.20 52.68
N VAL B 397 27.01 -1.95 52.15
CA VAL B 397 27.31 -3.17 51.42
C VAL B 397 28.11 -2.85 50.16
N GLY B 398 27.70 -1.81 49.43
CA GLY B 398 28.42 -1.43 48.23
C GLY B 398 29.84 -0.97 48.52
N THR B 399 30.02 -0.20 49.60
CA THR B 399 31.37 0.23 49.96
C THR B 399 32.26 -0.95 50.32
N ALA B 400 31.72 -1.92 51.08
CA ALA B 400 32.50 -3.10 51.41
C ALA B 400 32.90 -3.88 50.16
N LEU B 401 31.93 -4.10 49.25
CA LEU B 401 32.22 -4.84 48.03
C LEU B 401 33.23 -4.09 47.17
N ALA B 402 33.09 -2.77 47.05
CA ALA B 402 34.01 -1.97 46.25
C ALA B 402 35.41 -2.01 46.83
N SER B 403 35.53 -1.93 48.16
CA SER B 403 36.85 -2.01 48.78
C SER B 403 37.49 -3.37 48.54
N VAL B 404 36.69 -4.43 48.66
CA VAL B 404 37.22 -5.78 48.43
C VAL B 404 37.71 -5.92 46.98
N THR B 405 36.90 -5.45 46.03
CA THR B 405 37.29 -5.53 44.62
C THR B 405 38.54 -4.69 44.35
N PHE B 406 38.59 -3.48 44.92
CA PHE B 406 39.74 -2.61 44.73
C PHE B 406 41.02 -3.25 45.25
N PHE B 407 40.96 -3.88 46.42
CA PHE B 407 42.15 -4.52 46.97
C PHE B 407 42.46 -5.84 46.26
N ALA B 408 41.48 -6.44 45.57
CA ALA B 408 41.67 -7.77 45.00
C ALA B 408 42.09 -7.75 43.53
N THR B 409 42.16 -6.59 42.88
CA THR B 409 42.49 -6.53 41.47
C THR B 409 43.49 -5.41 41.20
N SER B 410 44.15 -5.50 40.05
CA SER B 410 45.16 -4.52 39.64
C SER B 410 44.64 -3.69 38.46
N ASN B 411 45.39 -2.63 38.16
CA ASN B 411 45.01 -1.74 37.07
C ASN B 411 45.33 -2.35 35.70
N SER B 412 46.33 -3.22 35.63
CA SER B 412 46.82 -3.69 34.34
C SER B 412 45.87 -4.69 33.69
N GLU B 413 45.20 -5.53 34.48
CA GLU B 413 44.40 -6.61 33.92
C GLU B 413 42.98 -6.60 34.49
N PRO B 414 41.99 -6.92 33.67
CA PRO B 414 40.61 -6.98 34.14
C PRO B 414 40.31 -8.33 34.77
N PRO B 415 39.55 -8.35 35.86
CA PRO B 415 39.23 -9.64 36.51
C PRO B 415 38.36 -10.51 35.62
N ARG B 416 38.38 -11.81 35.92
CA ARG B 416 37.63 -12.77 35.10
C ARG B 416 36.14 -12.49 35.13
N LEU B 417 35.60 -12.06 36.27
CA LEU B 417 34.18 -11.77 36.40
C LEU B 417 33.79 -10.41 35.83
N HIS B 418 34.68 -9.79 35.04
CA HIS B 418 34.41 -8.46 34.51
C HIS B 418 33.10 -8.41 33.73
N TRP B 419 32.75 -9.48 33.02
CA TRP B 419 31.54 -9.48 32.22
C TRP B 419 30.29 -9.29 33.08
N LEU B 420 30.35 -9.68 34.36
CA LEU B 420 29.23 -9.41 35.24
C LEU B 420 28.92 -7.93 35.32
N PHE B 421 29.95 -7.08 35.32
CA PHE B 421 29.73 -5.64 35.29
C PHE B 421 28.80 -5.24 34.16
N ALA B 422 28.92 -5.88 33.00
CA ALA B 422 28.05 -5.57 31.87
C ALA B 422 26.59 -5.64 32.28
N PHE B 423 26.21 -6.71 32.99
CA PHE B 423 24.83 -6.81 33.47
C PHE B 423 24.41 -5.56 34.21
N LEU B 424 25.22 -5.13 35.19
CA LEU B 424 24.92 -3.88 35.87
C LEU B 424 24.83 -2.73 34.89
N GLY B 425 25.85 -2.58 34.04
CA GLY B 425 25.83 -1.52 33.04
C GLY B 425 24.63 -1.61 32.13
N PHE B 426 24.12 -2.83 31.95
CA PHE B 426 22.86 -3.00 31.23
C PHE B 426 21.70 -2.46 32.05
N LEU B 427 21.50 -3.02 33.25
CA LEU B 427 20.27 -2.79 33.99
C LEU B 427 20.04 -1.31 34.26
N THR B 428 21.04 -0.64 34.85
CA THR B 428 20.90 0.79 35.13
C THR B 428 20.56 1.55 33.86
N SER B 429 21.25 1.26 32.75
CA SER B 429 20.99 1.98 31.52
C SER B 429 19.53 1.86 31.12
N ALA B 430 18.94 0.67 31.29
CA ALA B 430 17.53 0.50 30.96
C ALA B 430 16.68 1.52 31.70
N LEU B 431 16.89 1.66 33.00
CA LEU B 431 16.11 2.64 33.75
C LEU B 431 16.36 4.05 33.23
N TRP B 432 17.61 4.37 32.90
CA TRP B 432 17.92 5.71 32.44
C TRP B 432 17.20 6.00 31.13
N ILE B 433 16.79 4.95 30.40
CA ILE B 433 15.92 5.16 29.25
C ILE B 433 14.48 5.35 29.71
N ASN B 434 13.99 4.42 30.53
CA ASN B 434 12.57 4.38 30.87
C ASN B 434 12.11 5.71 31.45
N ALA B 435 12.80 6.17 32.50
CA ALA B 435 12.46 7.46 33.10
C ALA B 435 12.37 8.55 32.05
N ALA B 436 13.40 8.66 31.20
CA ALA B 436 13.38 9.68 30.16
C ALA B 436 12.13 9.56 29.32
N ALA B 437 11.80 8.35 28.86
CA ALA B 437 10.59 8.16 28.08
C ALA B 437 9.38 8.67 28.83
N THR B 438 9.26 8.30 30.11
CA THR B 438 8.13 8.77 30.91
C THR B 438 8.02 10.29 30.84
N GLU B 439 9.15 10.98 31.01
CA GLU B 439 9.11 12.45 31.02
C GLU B 439 8.48 12.97 29.73
N VAL B 440 8.88 12.39 28.59
CA VAL B 440 8.34 12.85 27.31
C VAL B 440 6.81 12.77 27.34
N VAL B 441 6.28 11.64 27.79
CA VAL B 441 4.83 11.50 27.87
C VAL B 441 4.24 12.58 28.76
N ASN B 442 4.85 12.78 29.94
CA ASN B 442 4.30 13.74 30.88
C ASN B 442 4.36 15.16 30.32
N ILE B 443 5.19 15.37 29.30
CA ILE B 443 5.16 16.66 28.61
C ILE B 443 4.00 16.69 27.62
N LEU B 444 3.91 15.66 26.77
CA LEU B 444 2.93 15.69 25.68
C LEU B 444 1.51 15.78 26.23
N ARG B 445 1.20 14.96 27.23
CA ARG B 445 -0.11 15.03 27.87
C ARG B 445 -0.40 16.45 28.35
N SER B 446 0.59 17.10 28.96
CA SER B 446 0.39 18.47 29.40
C SER B 446 0.06 19.37 28.23
N LEU B 447 0.79 19.22 27.12
CA LEU B 447 0.47 20.00 25.93
C LEU B 447 -0.93 19.68 25.43
N GLY B 448 -1.35 18.41 25.55
CA GLY B 448 -2.70 18.05 25.17
C GLY B 448 -3.73 18.78 26.00
N VAL B 449 -3.40 19.12 27.25
CA VAL B 449 -4.30 19.92 28.06
C VAL B 449 -4.41 21.34 27.50
N VAL B 450 -3.30 21.88 27.01
CA VAL B 450 -3.30 23.25 26.51
C VAL B 450 -4.09 23.33 25.20
N PHE B 451 -3.88 22.37 24.31
CA PHE B 451 -4.55 22.37 23.01
C PHE B 451 -5.91 21.70 23.03
N ARG B 452 -6.36 21.22 24.20
CA ARG B 452 -7.70 20.65 24.37
C ARG B 452 -7.93 19.44 23.46
N LEU B 453 -6.81 18.80 23.17
CA LEU B 453 -6.90 17.62 22.30
C LEU B 453 -7.95 16.72 22.92
N SER B 454 -8.74 16.06 22.08
CA SER B 454 -9.75 15.09 22.60
C SER B 454 -9.02 13.83 23.09
N ASN B 455 -9.39 13.35 24.28
CA ASN B 455 -8.74 12.13 24.85
C ASN B 455 -9.12 10.91 24.01
N THR B 456 -10.22 10.99 23.26
CA THR B 456 -10.69 9.84 22.46
C THR B 456 -9.53 9.16 21.76
N VAL B 457 -8.68 9.93 21.08
CA VAL B 457 -7.57 9.29 20.27
C VAL B 457 -6.42 8.92 21.19
N LEU B 458 -6.12 9.81 22.12
CA LEU B 458 -4.92 9.66 22.97
C LEU B 458 -5.03 8.40 23.81
N GLY B 459 -6.21 8.07 24.25
CA GLY B 459 -6.26 7.00 25.25
C GLY B 459 -5.64 5.73 24.71
N LEU B 460 -5.92 5.36 23.47
CA LEU B 460 -5.21 4.13 23.06
C LEU B 460 -3.99 4.46 22.22
N THR B 461 -4.12 5.30 21.19
CA THR B 461 -2.95 5.55 20.32
C THR B 461 -1.78 6.27 21.01
N LEU B 462 -2.05 7.41 21.66
CA LEU B 462 -0.92 8.20 22.22
C LEU B 462 -0.23 7.40 23.32
N LEU B 463 -0.99 6.56 24.03
CA LEU B 463 -0.40 5.73 25.11
C LEU B 463 0.63 4.79 24.48
N ALA B 464 0.29 4.25 23.30
CA ALA B 464 1.20 3.27 22.64
C ALA B 464 2.50 3.93 22.19
N TRP B 465 2.45 5.14 21.63
CA TRP B 465 3.68 5.69 21.07
C TRP B 465 4.67 6.05 22.18
N GLY B 466 4.19 6.68 23.24
CA GLY B 466 5.07 7.00 24.36
C GLY B 466 5.60 5.76 25.03
N ASN B 467 4.81 4.70 25.05
CA ASN B 467 5.24 3.46 25.69
C ASN B 467 6.23 2.69 24.82
N SER B 468 6.17 2.90 23.52
CA SER B 468 7.04 2.14 22.62
C SER B 468 8.26 2.93 22.17
N ILE B 469 8.31 4.22 22.52
CA ILE B 469 9.41 5.06 22.07
C ILE B 469 10.76 4.47 22.46
N GLY B 470 10.84 3.87 23.65
CA GLY B 470 12.10 3.24 24.06
C GLY B 470 12.46 2.05 23.18
N ASP B 471 11.48 1.27 22.79
CA ASP B 471 11.79 0.18 21.88
C ASP B 471 12.28 0.78 20.62
N ALA B 472 11.52 1.67 20.06
CA ALA B 472 11.92 2.22 18.77
C ALA B 472 13.36 2.70 18.80
N PHE B 473 13.72 3.47 19.83
CA PHE B 473 15.10 3.95 19.95
C PHE B 473 16.09 2.80 20.00
N SER B 474 15.84 1.82 20.88
CA SER B 474 16.79 0.72 21.05
C SER B 474 16.93 -0.09 19.76
N ASP B 475 15.81 -0.41 19.11
CA ASP B 475 15.85 -1.21 17.89
C ASP B 475 16.55 -0.49 16.76
N PHE B 476 16.23 0.80 16.54
CA PHE B 476 16.89 1.53 15.47
C PHE B 476 18.39 1.69 15.73
N THR B 477 18.78 1.98 16.97
CA THR B 477 20.20 2.11 17.28
C THR B 477 20.93 0.79 17.11
N LEU B 478 20.30 -0.32 17.51
CA LEU B 478 20.93 -1.63 17.31
C LEU B 478 21.04 -1.97 15.83
N ALA B 479 20.02 -1.63 15.03
CA ALA B 479 20.07 -1.91 13.60
C ALA B 479 21.18 -1.12 12.92
N ARG B 480 21.34 0.15 13.32
CA ARG B 480 22.39 0.98 12.70
C ARG B 480 23.78 0.44 12.99
N GLN B 481 24.02 -0.04 14.22
CA GLN B 481 25.36 -0.44 14.62
C GLN B 481 25.83 -1.74 14.00
N GLY B 482 24.94 -2.52 13.41
CA GLY B 482 25.33 -3.75 12.75
C GLY B 482 24.78 -5.03 13.33
N TYR B 483 23.66 -4.98 14.06
CA TYR B 483 23.03 -6.19 14.57
C TYR B 483 21.55 -6.18 14.22
N PRO B 484 21.19 -6.23 12.93
CA PRO B 484 19.76 -6.19 12.59
C PRO B 484 18.99 -7.41 13.03
N ARG B 485 19.62 -8.59 13.03
CA ARG B 485 18.91 -9.82 13.35
C ARG B 485 18.40 -9.81 14.78
N MET B 486 19.22 -9.34 15.72
CA MET B 486 18.82 -9.32 17.13
C MET B 486 17.61 -8.43 17.34
N ALA B 487 17.64 -7.22 16.77
CA ALA B 487 16.52 -6.30 16.93
C ALA B 487 15.27 -6.82 16.25
N PHE B 488 15.43 -7.42 15.06
CA PHE B 488 14.26 -7.96 14.36
C PHE B 488 13.62 -9.09 15.13
N SER B 489 14.42 -9.99 15.72
CA SER B 489 13.87 -11.05 16.55
C SER B 489 13.22 -10.48 17.80
N ALA B 490 13.81 -9.43 18.38
CA ALA B 490 13.19 -8.77 19.52
C ALA B 490 11.82 -8.20 19.16
N CYS B 491 11.66 -7.72 17.93
CA CYS B 491 10.40 -7.09 17.53
C CYS B 491 9.21 -8.04 17.66
N PHE B 492 9.46 -9.35 17.73
CA PHE B 492 8.39 -10.31 17.97
C PHE B 492 8.47 -10.92 19.37
N GLY B 493 9.68 -11.26 19.82
CA GLY B 493 9.82 -11.85 21.14
C GLY B 493 9.36 -10.94 22.26
N GLY B 494 9.76 -9.67 22.20
CA GLY B 494 9.36 -8.73 23.22
C GLY B 494 7.86 -8.53 23.26
N ILE B 495 7.21 -8.49 22.08
CA ILE B 495 5.77 -8.29 22.08
C ILE B 495 5.05 -9.52 22.62
N ILE B 496 5.56 -10.72 22.33
CA ILE B 496 5.05 -11.92 22.99
C ILE B 496 5.14 -11.76 24.50
N PHE B 497 6.29 -11.27 24.97
CA PHE B 497 6.51 -11.08 26.41
C PHE B 497 5.49 -10.11 27.00
N ASN B 498 5.35 -8.93 26.39
CA ASN B 498 4.32 -7.97 26.81
C ASN B 498 2.95 -8.63 26.88
N ILE B 499 2.43 -9.14 25.76
CA ILE B 499 1.06 -9.67 25.78
C ILE B 499 0.90 -10.70 26.89
N LEU B 500 1.68 -11.79 26.81
CA LEU B 500 1.48 -12.89 27.74
C LEU B 500 1.65 -12.45 29.19
N VAL B 501 2.82 -11.92 29.55
CA VAL B 501 3.10 -11.63 30.95
C VAL B 501 2.21 -10.51 31.47
N GLY B 502 2.02 -9.44 30.71
CA GLY B 502 1.17 -8.36 31.16
C GLY B 502 -0.25 -8.83 31.45
N VAL B 503 -0.88 -9.50 30.48
CA VAL B 503 -2.26 -9.93 30.69
C VAL B 503 -2.34 -10.90 31.86
N GLY B 504 -1.45 -11.90 31.88
CA GLY B 504 -1.53 -12.91 32.94
C GLY B 504 -1.31 -12.33 34.32
N LEU B 505 -0.27 -11.49 34.47
CA LEU B 505 0.04 -10.92 35.77
C LEU B 505 -1.04 -9.96 36.23
N GLY B 506 -1.56 -9.12 35.32
CA GLY B 506 -2.61 -8.20 35.70
C GLY B 506 -3.85 -8.94 36.17
N CYS B 507 -4.28 -9.95 35.40
CA CYS B 507 -5.47 -10.71 35.79
C CYS B 507 -5.24 -11.43 37.11
N LEU B 508 -4.09 -12.08 37.28
CA LEU B 508 -3.82 -12.82 38.50
C LEU B 508 -3.79 -11.90 39.72
N LEU B 509 -3.15 -10.74 39.58
CA LEU B 509 -3.08 -9.79 40.69
C LEU B 509 -4.46 -9.26 41.03
N GLN B 510 -5.30 -9.02 40.02
CA GLN B 510 -6.65 -8.52 40.30
C GLN B 510 -7.49 -9.58 41.01
N ILE B 511 -7.38 -10.85 40.59
CA ILE B 511 -8.13 -11.91 41.27
C ILE B 511 -7.64 -12.06 42.71
N VAL B 512 -6.32 -12.05 42.92
CA VAL B 512 -5.79 -12.24 44.27
C VAL B 512 -6.19 -11.08 45.17
N ARG B 513 -6.10 -9.85 44.67
CA ARG B 513 -6.37 -8.68 45.50
C ARG B 513 -7.85 -8.53 45.82
N SER B 514 -8.71 -8.70 44.82
CA SER B 514 -10.15 -8.47 44.98
C SER B 514 -10.90 -9.69 45.51
N HIS B 515 -10.23 -10.83 45.64
CA HIS B 515 -10.85 -12.06 46.14
C HIS B 515 -12.05 -12.49 45.31
N ALA B 516 -12.06 -12.10 44.03
CA ALA B 516 -13.07 -12.54 43.10
C ALA B 516 -12.65 -13.86 42.45
N SER B 517 -13.49 -14.35 41.54
CA SER B 517 -13.14 -15.56 40.80
C SER B 517 -12.85 -15.28 39.33
N GLU B 518 -13.41 -14.22 38.76
CA GLU B 518 -13.09 -13.85 37.38
C GLU B 518 -13.00 -12.34 37.29
N VAL B 519 -12.34 -11.87 36.24
CA VAL B 519 -12.29 -10.45 35.90
C VAL B 519 -13.10 -10.27 34.62
N LYS B 520 -14.06 -9.35 34.66
CA LYS B 520 -14.96 -9.15 33.54
C LYS B 520 -14.41 -8.07 32.62
N LEU B 521 -14.27 -8.41 31.34
CA LEU B 521 -13.74 -7.51 30.33
C LEU B 521 -14.90 -6.97 29.51
N GLU B 522 -15.13 -5.66 29.59
CA GLU B 522 -16.18 -5.04 28.80
C GLU B 522 -15.59 -4.53 27.48
N PRO B 523 -16.17 -4.90 26.34
CA PRO B 523 -15.68 -4.36 25.07
C PRO B 523 -16.20 -2.95 24.81
N ASP B 524 -15.29 -1.98 24.79
CA ASP B 524 -15.67 -0.57 24.65
C ASP B 524 -15.71 -0.19 23.17
N GLY B 525 -16.80 -0.54 22.51
CA GLY B 525 -17.02 -0.14 21.14
C GLY B 525 -16.27 -0.98 20.12
N LEU B 526 -16.22 -0.45 18.90
CA LEU B 526 -15.61 -1.17 17.78
C LEU B 526 -14.10 -1.02 17.73
N LEU B 527 -13.54 -0.08 18.50
CA LEU B 527 -12.12 0.23 18.35
C LEU B 527 -11.24 -0.94 18.76
N VAL B 528 -11.62 -1.66 19.83
CA VAL B 528 -10.83 -2.80 20.28
C VAL B 528 -10.82 -3.89 19.22
N TRP B 529 -11.99 -4.18 18.64
CA TRP B 529 -12.05 -5.19 17.59
C TRP B 529 -11.25 -4.76 16.37
N VAL B 530 -11.29 -3.47 16.02
CA VAL B 530 -10.50 -2.98 14.89
C VAL B 530 -9.01 -3.18 15.16
N LEU B 531 -8.56 -2.85 16.38
CA LEU B 531 -7.15 -3.01 16.73
C LEU B 531 -6.73 -4.47 16.64
N ALA B 532 -7.55 -5.37 17.20
CA ALA B 532 -7.20 -6.79 17.19
C ALA B 532 -7.16 -7.35 15.78
N SER B 533 -8.14 -6.98 14.95
CA SER B 533 -8.15 -7.44 13.57
C SER B 533 -6.96 -6.91 12.80
N ALA B 534 -6.57 -5.66 13.05
CA ALA B 534 -5.39 -5.11 12.39
C ALA B 534 -4.12 -5.86 12.79
N LEU B 535 -4.00 -6.19 14.09
CA LEU B 535 -2.84 -6.96 14.53
C LEU B 535 -2.80 -8.32 13.85
N GLY B 536 -3.95 -9.01 13.79
CA GLY B 536 -3.98 -10.30 13.13
C GLY B 536 -3.64 -10.22 11.66
N LEU B 537 -4.14 -9.18 10.98
CA LEU B 537 -3.88 -9.02 9.56
C LEU B 537 -2.40 -8.72 9.30
N SER B 538 -1.78 -7.88 10.14
CA SER B 538 -0.36 -7.62 9.99
C SER B 538 0.45 -8.89 10.20
N LEU B 539 0.08 -9.70 11.20
CA LEU B 539 0.78 -10.95 11.42
C LEU B 539 0.64 -11.88 10.23
N VAL B 540 -0.56 -11.98 9.65
CA VAL B 540 -0.76 -12.84 8.50
C VAL B 540 0.06 -12.36 7.31
N PHE B 541 0.07 -11.04 7.08
CA PHE B 541 0.85 -10.49 5.97
C PHE B 541 2.32 -10.80 6.13
N SER B 542 2.86 -10.64 7.34
CA SER B 542 4.27 -10.96 7.56
C SER B 542 4.54 -12.45 7.35
N LEU B 543 3.67 -13.31 7.91
CA LEU B 543 3.87 -14.75 7.82
C LEU B 543 3.77 -15.24 6.38
N VAL B 544 3.05 -14.52 5.53
CA VAL B 544 2.98 -14.89 4.11
C VAL B 544 4.16 -14.31 3.34
N SER B 545 4.52 -13.06 3.61
CA SER B 545 5.51 -12.38 2.79
C SER B 545 6.93 -12.87 3.06
N VAL B 546 7.30 -13.04 4.33
CA VAL B 546 8.69 -13.34 4.65
C VAL B 546 9.14 -14.67 4.07
N PRO B 547 8.41 -15.79 4.27
CA PRO B 547 8.85 -17.04 3.64
C PRO B 547 8.84 -16.99 2.12
N LEU B 548 7.89 -16.27 1.51
CA LEU B 548 7.87 -16.16 0.05
C LEU B 548 9.08 -15.40 -0.46
N GLN B 549 9.71 -14.59 0.39
CA GLN B 549 10.86 -13.78 0.03
C GLN B 549 12.17 -14.55 0.22
N CYS B 550 12.10 -15.82 0.58
CA CYS B 550 13.28 -16.65 0.87
C CYS B 550 14.12 -16.05 1.98
N PHE B 551 13.45 -15.41 2.95
CA PHE B 551 14.07 -14.86 4.16
C PHE B 551 15.15 -13.83 3.84
N GLN B 552 15.08 -13.19 2.68
CA GLN B 552 15.98 -12.08 2.34
C GLN B 552 15.16 -10.80 2.45
N LEU B 553 15.41 -10.03 3.52
CA LEU B 553 14.57 -8.89 3.88
C LEU B 553 15.11 -7.64 3.21
N SER B 554 14.40 -7.16 2.18
CA SER B 554 14.82 -5.96 1.47
C SER B 554 13.88 -4.80 1.78
N LYS B 555 14.18 -3.65 1.18
CA LYS B 555 13.51 -2.40 1.56
C LYS B 555 12.03 -2.40 1.19
N ALA B 556 11.65 -3.19 0.17
CA ALA B 556 10.25 -3.22 -0.25
C ALA B 556 9.35 -3.70 0.87
N TYR B 557 9.81 -4.68 1.66
CA TYR B 557 9.02 -5.18 2.79
C TYR B 557 8.75 -4.07 3.80
N GLY B 558 9.77 -3.29 4.13
CA GLY B 558 9.58 -2.20 5.08
C GLY B 558 8.67 -1.12 4.54
N LEU B 559 8.82 -0.78 3.26
CA LEU B 559 7.95 0.23 2.65
C LEU B 559 6.49 -0.23 2.67
N CYS B 560 6.26 -1.50 2.33
CA CYS B 560 4.90 -2.04 2.36
C CYS B 560 4.33 -2.04 3.78
N LEU B 561 5.16 -2.36 4.77
CA LEU B 561 4.70 -2.31 6.15
C LEU B 561 4.32 -0.88 6.56
N LEU B 562 5.12 0.10 6.17
CA LEU B 562 4.78 1.49 6.49
C LEU B 562 3.47 1.90 5.83
N LEU B 563 3.26 1.50 4.57
CA LEU B 563 1.99 1.78 3.91
C LEU B 563 0.83 1.10 4.64
N PHE B 564 1.06 -0.12 5.12
CA PHE B 564 0.03 -0.82 5.88
C PHE B 564 -0.31 -0.07 7.16
N TYR B 565 0.69 0.47 7.83
CA TYR B 565 0.42 1.24 9.06
C TYR B 565 -0.36 2.50 8.75
N ILE B 566 -0.05 3.15 7.63
CA ILE B 566 -0.81 4.35 7.25
C ILE B 566 -2.26 3.99 6.97
N CYS B 567 -2.48 2.86 6.29
CA CYS B 567 -3.86 2.40 6.08
C CYS B 567 -4.56 2.10 7.40
N PHE B 568 -3.84 1.49 8.34
CA PHE B 568 -4.41 1.18 9.64
C PHE B 568 -4.81 2.43 10.39
N ILE B 569 -3.95 3.46 10.38
CA ILE B 569 -4.28 4.70 11.07
C ILE B 569 -5.43 5.40 10.36
N VAL B 570 -5.53 5.23 9.03
CA VAL B 570 -6.69 5.76 8.30
C VAL B 570 -7.96 5.11 8.82
N VAL B 571 -7.95 3.79 8.96
CA VAL B 571 -9.15 3.07 9.42
C VAL B 571 -9.50 3.49 10.85
N VAL B 572 -8.49 3.63 11.70
CA VAL B 572 -8.73 4.01 13.09
C VAL B 572 -9.33 5.40 13.17
N LEU B 573 -8.76 6.34 12.41
CA LEU B 573 -9.29 7.71 12.40
C LEU B 573 -10.71 7.74 11.87
N LEU B 574 -11.00 6.94 10.83
CA LEU B 574 -12.35 6.89 10.30
C LEU B 574 -13.34 6.35 11.32
N THR B 575 -12.94 5.32 12.06
CA THR B 575 -13.85 4.73 13.05
C THR B 575 -14.06 5.67 14.23
N GLU B 576 -13.00 6.30 14.72
CA GLU B 576 -13.11 7.14 15.92
C GLU B 576 -14.00 8.34 15.68
N PHE B 577 -13.90 8.96 14.51
CA PHE B 577 -14.70 10.14 14.18
C PHE B 577 -16.16 9.81 13.95
N GLY B 578 -16.57 8.55 14.00
CA GLY B 578 -17.95 8.21 13.74
C GLY B 578 -18.36 8.30 12.29
N VAL B 579 -17.42 8.17 11.35
CA VAL B 579 -17.78 8.20 9.94
C VAL B 579 -18.61 6.98 9.57
N ILE B 580 -18.24 5.81 10.09
CA ILE B 580 -18.96 4.56 9.83
C ILE B 580 -19.83 4.28 11.05
N HIS B 581 -21.14 4.19 10.82
CA HIS B 581 -22.10 3.91 11.89
C HIS B 581 -22.47 2.44 11.87
N LEU B 582 -22.45 1.80 13.03
CA LEU B 582 -22.98 0.44 13.14
C LEU B 582 -24.47 0.52 13.40
N MET C 50 -37.50 30.73 -8.24
CA MET C 50 -36.49 30.25 -9.17
C MET C 50 -36.10 28.80 -8.86
N ALA C 51 -36.46 27.90 -9.76
CA ALA C 51 -36.13 26.49 -9.60
C ALA C 51 -34.65 26.26 -9.91
N ASP C 52 -34.03 25.35 -9.17
CA ASP C 52 -32.62 25.05 -9.36
C ASP C 52 -32.38 24.34 -10.69
N CYS C 53 -31.23 24.60 -11.30
CA CYS C 53 -30.84 23.91 -12.52
C CYS C 53 -30.82 22.40 -12.36
N ARG C 54 -30.40 21.90 -11.18
CA ARG C 54 -30.20 20.47 -10.99
C ARG C 54 -31.48 19.65 -11.20
N ALA C 55 -32.64 20.28 -11.07
CA ALA C 55 -33.91 19.56 -11.24
C ALA C 55 -34.22 19.27 -12.70
N VAL C 56 -33.36 19.68 -13.64
CA VAL C 56 -33.69 19.53 -15.06
C VAL C 56 -33.91 18.06 -15.42
N CYS C 57 -33.11 17.16 -14.85
CA CYS C 57 -33.25 15.74 -15.16
C CYS C 57 -34.54 15.14 -14.61
N SER C 58 -35.25 15.84 -13.72
CA SER C 58 -36.49 15.34 -13.14
C SER C 58 -37.72 15.78 -13.90
N LEU C 59 -37.58 16.56 -14.97
CA LEU C 59 -38.71 17.05 -15.72
C LEU C 59 -38.91 16.23 -17.00
N ASN C 60 -40.09 16.40 -17.60
CA ASN C 60 -40.38 15.74 -18.87
C ASN C 60 -39.50 16.28 -19.98
N THR C 61 -39.24 15.44 -20.98
CA THR C 61 -38.36 15.83 -22.08
C THR C 61 -38.93 16.99 -22.89
N SER C 62 -40.25 17.13 -22.91
CA SER C 62 -40.89 18.20 -23.66
C SER C 62 -40.72 19.59 -23.03
N ASP C 63 -40.36 19.65 -21.75
CA ASP C 63 -40.20 20.92 -21.05
C ASP C 63 -38.75 21.25 -20.74
N ARG C 64 -37.81 20.38 -21.12
CA ARG C 64 -36.40 20.61 -20.80
C ARG C 64 -35.88 21.87 -21.47
N CYS C 65 -36.20 22.05 -22.75
CA CYS C 65 -35.73 23.22 -23.48
C CYS C 65 -36.29 24.51 -22.87
N ASP C 66 -37.58 24.52 -22.55
CA ASP C 66 -38.18 25.70 -21.94
C ASP C 66 -37.56 26.00 -20.58
N PHE C 67 -37.34 24.98 -19.76
CA PHE C 67 -36.75 25.21 -18.44
C PHE C 67 -35.34 25.76 -18.57
N VAL C 68 -34.54 25.19 -19.48
CA VAL C 68 -33.18 25.68 -19.67
C VAL C 68 -33.18 27.10 -20.19
N LYS C 69 -34.06 27.43 -21.14
CA LYS C 69 -34.10 28.77 -21.70
C LYS C 69 -34.63 29.80 -20.71
N ARG C 70 -35.45 29.38 -19.75
CA ARG C 70 -36.14 30.33 -18.88
C ARG C 70 -35.45 30.57 -17.54
N ASN C 71 -34.61 29.65 -17.08
CA ASN C 71 -34.02 29.75 -15.75
C ASN C 71 -32.73 30.55 -15.82
N PRO C 72 -32.62 31.75 -15.19
CA PRO C 72 -31.37 32.50 -15.19
C PRO C 72 -30.21 31.67 -14.63
N ASP C 73 -30.50 30.82 -13.64
CA ASP C 73 -29.44 30.00 -12.99
C ASP C 73 -28.76 29.11 -14.04
N CYS C 74 -29.54 28.56 -14.97
CA CYS C 74 -28.97 27.60 -15.97
C CYS C 74 -28.18 28.36 -17.05
N HIS C 75 -27.85 29.63 -16.83
CA HIS C 75 -27.02 30.35 -17.78
C HIS C 75 -25.67 30.69 -17.17
N SER C 76 -24.61 30.50 -17.95
CA SER C 76 -23.25 30.80 -17.51
C SER C 76 -22.91 32.25 -17.84
N GLU C 77 -22.21 32.91 -16.91
CA GLU C 77 -21.86 34.32 -17.08
C GLU C 77 -20.67 34.51 -18.02
N GLY C 78 -19.91 33.46 -18.32
CA GLY C 78 -18.76 33.60 -19.19
C GLY C 78 -18.58 32.39 -20.07
N GLY C 79 -17.96 32.64 -21.22
CA GLY C 79 -17.74 31.58 -22.20
C GLY C 79 -18.35 31.90 -23.56
N TYR C 80 -18.02 31.08 -24.55
CA TYR C 80 -18.53 31.28 -25.92
C TYR C 80 -19.64 30.32 -26.29
N LEU C 81 -19.71 29.15 -25.65
CA LEU C 81 -20.68 28.13 -26.00
C LEU C 81 -21.54 27.79 -24.79
N ASP C 82 -22.83 27.61 -25.02
CA ASP C 82 -23.77 27.16 -24.00
C ASP C 82 -23.91 25.65 -24.11
N TYR C 83 -23.18 24.92 -23.27
CA TYR C 83 -23.13 23.46 -23.38
C TYR C 83 -24.44 22.82 -22.94
N LEU C 84 -25.09 23.38 -21.92
CA LEU C 84 -26.36 22.82 -21.47
C LEU C 84 -27.43 22.93 -22.56
N LYS C 85 -27.46 24.05 -23.27
CA LYS C 85 -28.40 24.20 -24.38
C LYS C 85 -28.14 23.16 -25.46
N GLY C 86 -26.87 22.92 -25.79
CA GLY C 86 -26.56 21.89 -26.77
C GLY C 86 -26.96 20.51 -26.31
N ILE C 87 -26.78 20.22 -25.02
CA ILE C 87 -27.14 18.91 -24.49
C ILE C 87 -28.65 18.70 -24.54
N PHE C 88 -29.42 19.71 -24.13
CA PHE C 88 -30.85 19.52 -23.91
C PHE C 88 -31.73 20.09 -25.02
N CYS C 89 -31.18 20.89 -25.94
CA CYS C 89 -31.99 21.43 -27.02
C CYS C 89 -31.52 21.04 -28.41
N TYR C 90 -30.22 21.19 -28.70
CA TYR C 90 -29.71 20.91 -30.04
C TYR C 90 -29.75 19.41 -30.36
N PHE C 91 -29.44 18.56 -29.39
CA PHE C 91 -29.39 17.14 -29.70
C PHE C 91 -30.66 16.43 -29.23
N PRO C 92 -31.10 15.39 -29.93
CA PRO C 92 -32.25 14.65 -29.46
C PRO C 92 -31.92 13.88 -28.20
N PRO C 93 -32.92 13.62 -27.35
CA PRO C 93 -32.63 12.90 -26.09
C PRO C 93 -32.04 11.52 -26.31
N ASN C 94 -32.44 10.81 -27.36
CA ASN C 94 -31.95 9.46 -27.60
C ASN C 94 -30.44 9.42 -27.82
N LEU C 95 -29.84 10.53 -28.25
CA LEU C 95 -28.40 10.63 -28.43
C LEU C 95 -27.72 11.32 -27.25
N LEU C 96 -28.37 11.32 -26.08
CA LEU C 96 -27.79 11.97 -24.91
C LEU C 96 -26.44 11.39 -24.49
N PRO C 97 -26.25 10.06 -24.40
CA PRO C 97 -24.93 9.57 -23.97
C PRO C 97 -23.81 9.94 -24.90
N LEU C 98 -23.95 9.69 -26.21
CA LEU C 98 -22.89 9.98 -27.16
C LEU C 98 -22.42 11.43 -27.04
N ALA C 99 -23.37 12.37 -26.99
CA ALA C 99 -23.01 13.77 -26.84
C ALA C 99 -22.07 13.98 -25.66
N ILE C 100 -22.40 13.42 -24.50
CA ILE C 100 -21.55 13.56 -23.33
C ILE C 100 -20.15 13.06 -23.65
N THR C 101 -20.05 11.88 -24.27
CA THR C 101 -18.74 11.38 -24.68
C THR C 101 -18.01 12.39 -25.54
N LEU C 102 -18.70 12.94 -26.54
CA LEU C 102 -18.09 13.98 -27.36
C LEU C 102 -17.54 15.10 -26.50
N TYR C 103 -18.34 15.58 -25.55
CA TYR C 103 -17.88 16.65 -24.67
C TYR C 103 -16.58 16.27 -24.00
N VAL C 104 -16.50 15.05 -23.45
CA VAL C 104 -15.28 14.61 -22.81
C VAL C 104 -14.11 14.73 -23.76
N PHE C 105 -14.27 14.22 -24.99
CA PHE C 105 -13.22 14.37 -25.99
C PHE C 105 -12.84 15.83 -26.16
N TRP C 106 -13.85 16.69 -26.36
CA TRP C 106 -13.57 18.12 -26.50
C TRP C 106 -12.80 18.62 -25.28
N LEU C 107 -13.25 18.23 -24.08
CA LEU C 107 -12.56 18.64 -22.86
C LEU C 107 -11.09 18.27 -22.94
N LEU C 108 -10.80 17.02 -23.32
CA LEU C 108 -9.40 16.59 -23.39
C LEU C 108 -8.62 17.49 -24.32
N TYR C 109 -9.19 17.81 -25.48
CA TYR C 109 -8.47 18.64 -26.44
C TYR C 109 -8.11 19.98 -25.83
N LEU C 110 -9.02 20.56 -25.04
CA LEU C 110 -8.72 21.83 -24.39
C LEU C 110 -7.45 21.73 -23.57
N PHE C 111 -7.32 20.65 -22.78
CA PHE C 111 -6.13 20.51 -21.95
C PHE C 111 -4.87 20.46 -22.80
N LEU C 112 -4.96 19.81 -23.97
CA LEU C 112 -3.81 19.80 -24.88
C LEU C 112 -3.37 21.21 -25.21
N ILE C 113 -4.33 22.09 -25.54
CA ILE C 113 -4.00 23.48 -25.78
C ILE C 113 -3.31 24.07 -24.55
N LEU C 114 -3.88 23.84 -23.37
CA LEU C 114 -3.31 24.37 -22.14
C LEU C 114 -1.87 23.89 -21.96
N GLY C 115 -1.54 22.73 -22.51
CA GLY C 115 -0.15 22.30 -22.50
C GLY C 115 0.72 23.14 -23.41
N VAL C 116 0.36 23.22 -24.69
CA VAL C 116 1.28 23.78 -25.68
C VAL C 116 1.55 25.25 -25.39
N THR C 117 0.49 26.03 -25.16
CA THR C 117 0.66 27.44 -24.84
C THR C 117 1.51 27.64 -23.60
N ALA C 118 1.47 26.67 -22.68
CA ALA C 118 2.28 26.80 -21.46
C ALA C 118 3.74 26.49 -21.74
N ALA C 119 4.02 25.60 -22.70
CA ALA C 119 5.38 25.09 -22.83
C ALA C 119 6.18 25.84 -23.91
N LYS C 120 5.53 26.20 -25.01
CA LYS C 120 6.25 26.72 -26.18
C LYS C 120 6.24 28.24 -26.30
N PHE C 121 5.27 28.93 -25.69
CA PHE C 121 5.15 30.36 -25.89
C PHE C 121 5.22 31.15 -24.59
N PHE C 122 4.47 30.71 -23.57
CA PHE C 122 4.41 31.45 -22.31
C PHE C 122 5.74 31.38 -21.57
N CYS C 123 6.21 30.17 -21.30
CA CYS C 123 7.45 29.93 -20.57
C CYS C 123 8.67 30.50 -21.30
N PRO C 124 8.83 30.29 -22.61
CA PRO C 124 9.96 30.95 -23.29
C PRO C 124 9.92 32.47 -23.25
N ASN C 125 8.72 33.06 -23.31
CA ASN C 125 8.62 34.51 -23.21
C ASN C 125 9.04 35.00 -21.83
N LEU C 126 8.58 34.30 -20.78
CA LEU C 126 9.01 34.66 -19.42
C LEU C 126 10.50 34.46 -19.26
N SER C 127 11.06 33.42 -19.87
CA SER C 127 12.50 33.18 -19.79
C SER C 127 13.28 34.29 -20.48
N ALA C 128 12.79 34.76 -21.63
CA ALA C 128 13.44 35.88 -22.30
C ALA C 128 13.38 37.14 -21.45
N ILE C 129 12.23 37.38 -20.82
CA ILE C 129 12.10 38.54 -19.93
C ILE C 129 13.09 38.45 -18.78
N SER C 130 13.23 37.27 -18.18
CA SER C 130 14.17 37.10 -17.07
C SER C 130 15.61 37.25 -17.54
N THR C 131 15.93 36.71 -18.72
CA THR C 131 17.28 36.86 -19.27
C THR C 131 17.60 38.31 -19.54
N SER C 132 16.58 39.11 -19.86
CA SER C 132 16.77 40.56 -19.92
C SER C 132 17.14 41.13 -18.55
N LEU C 133 16.81 40.43 -17.46
CA LEU C 133 17.16 40.85 -16.12
C LEU C 133 18.38 40.11 -15.56
N LYS C 134 19.01 39.26 -16.37
CA LYS C 134 20.26 38.57 -16.01
C LYS C 134 20.10 37.72 -14.75
N LEU C 135 19.26 36.69 -14.85
CA LEU C 135 19.11 35.73 -13.77
C LEU C 135 19.99 34.51 -13.99
N SER C 136 20.33 33.84 -12.88
CA SER C 136 21.23 32.70 -12.95
C SER C 136 20.53 31.46 -13.50
N HIS C 137 21.34 30.47 -13.89
CA HIS C 137 20.80 29.27 -14.51
C HIS C 137 20.17 28.33 -13.48
N ASN C 138 20.76 28.25 -12.30
CA ASN C 138 20.21 27.36 -11.27
C ASN C 138 18.82 27.80 -10.82
N VAL C 139 18.65 29.12 -10.62
CA VAL C 139 17.34 29.64 -10.29
C VAL C 139 16.34 29.38 -11.41
N ALA C 140 16.77 29.49 -12.67
CA ALA C 140 15.89 29.16 -13.78
C ALA C 140 15.45 27.70 -13.72
N GLY C 141 16.40 26.79 -13.54
CA GLY C 141 16.05 25.37 -13.46
C GLY C 141 15.12 25.07 -12.30
N VAL C 142 15.32 25.75 -11.18
CA VAL C 142 14.45 25.55 -10.02
C VAL C 142 13.04 26.09 -10.24
N THR C 143 12.89 27.26 -10.85
CA THR C 143 11.61 27.98 -10.86
C THR C 143 10.86 27.90 -12.19
N PHE C 144 11.53 28.14 -13.32
CA PHE C 144 10.82 28.35 -14.58
C PHE C 144 10.00 27.14 -14.97
N LEU C 145 10.51 25.93 -14.72
CA LEU C 145 9.72 24.75 -15.00
C LEU C 145 8.47 24.71 -14.13
N ALA C 146 8.58 25.13 -12.87
CA ALA C 146 7.41 25.18 -12.00
C ALA C 146 6.37 26.18 -12.50
N PHE C 147 6.81 27.37 -12.90
CA PHE C 147 5.87 28.33 -13.49
C PHE C 147 5.20 27.78 -14.74
N GLY C 148 5.99 27.19 -15.65
CA GLY C 148 5.42 26.66 -16.86
C GLY C 148 4.42 25.55 -16.61
N ASN C 149 4.71 24.70 -15.62
CA ASN C 149 3.80 23.60 -15.30
C ASN C 149 2.57 24.06 -14.53
N GLY C 150 2.69 25.15 -13.76
CA GLY C 150 1.60 25.57 -12.91
C GLY C 150 0.72 26.68 -13.42
N ALA C 151 1.09 27.34 -14.52
CA ALA C 151 0.23 28.39 -15.05
C ALA C 151 -1.20 27.92 -15.34
N PRO C 152 -1.43 26.79 -15.99
CA PRO C 152 -2.83 26.34 -16.18
C PRO C 152 -3.57 26.15 -14.88
N ASP C 153 -2.91 25.65 -13.83
CA ASP C 153 -3.56 25.51 -12.54
C ASP C 153 -4.02 26.86 -11.99
N ILE C 154 -3.15 27.88 -12.06
CA ILE C 154 -3.52 29.19 -11.57
C ILE C 154 -4.69 29.75 -12.34
N PHE C 155 -4.67 29.64 -13.68
CA PHE C 155 -5.74 30.22 -14.47
C PHE C 155 -7.06 29.49 -14.24
N SER C 156 -7.02 28.16 -14.13
CA SER C 156 -8.23 27.41 -13.84
C SER C 156 -8.79 27.78 -12.46
N ALA C 157 -7.92 27.90 -11.45
CA ALA C 157 -8.37 28.28 -10.13
C ALA C 157 -8.97 29.67 -10.12
N LEU C 158 -8.35 30.61 -10.85
CA LEU C 158 -8.88 31.97 -10.93
C LEU C 158 -10.26 31.97 -11.58
N VAL C 159 -10.42 31.25 -12.68
CA VAL C 159 -11.72 31.22 -13.35
C VAL C 159 -12.77 30.58 -12.45
N ALA C 160 -12.41 29.51 -11.74
CA ALA C 160 -13.35 28.86 -10.83
C ALA C 160 -13.75 29.77 -9.69
N PHE C 161 -12.80 30.51 -9.11
CA PHE C 161 -13.10 31.42 -8.02
C PHE C 161 -13.85 32.66 -8.48
N SER C 162 -13.82 32.97 -9.78
CA SER C 162 -14.53 34.14 -10.28
C SER C 162 -16.03 34.05 -10.07
N ASP C 163 -16.58 32.83 -9.94
CA ASP C 163 -18.00 32.63 -9.73
C ASP C 163 -18.22 31.80 -8.47
N PRO C 164 -19.09 32.24 -7.55
CA PRO C 164 -19.30 31.47 -6.31
C PRO C 164 -19.78 30.05 -6.53
N ARG C 165 -20.65 29.81 -7.53
CA ARG C 165 -21.20 28.47 -7.74
C ARG C 165 -20.13 27.45 -8.08
N THR C 166 -19.02 27.88 -8.69
CA THR C 166 -17.92 26.99 -9.02
C THR C 166 -16.77 27.09 -8.01
N ALA C 167 -16.98 27.79 -6.89
CA ALA C 167 -15.90 27.97 -5.92
C ALA C 167 -15.42 26.63 -5.39
N GLY C 168 -16.35 25.73 -5.07
CA GLY C 168 -15.96 24.41 -4.60
C GLY C 168 -15.09 23.66 -5.60
N LEU C 169 -15.22 23.98 -6.88
CA LEU C 169 -14.34 23.39 -7.89
C LEU C 169 -12.89 23.78 -7.64
N ALA C 170 -12.64 25.06 -7.35
CA ALA C 170 -11.28 25.58 -7.32
C ALA C 170 -10.42 24.80 -6.33
N ILE C 171 -10.89 24.70 -5.07
CA ILE C 171 -10.14 23.94 -4.08
C ILE C 171 -10.00 22.49 -4.52
N GLY C 172 -11.05 21.92 -5.11
CA GLY C 172 -10.96 20.55 -5.60
C GLY C 172 -9.92 20.41 -6.69
N ALA C 173 -9.69 21.48 -7.45
CA ALA C 173 -8.63 21.45 -8.45
C ALA C 173 -7.26 21.43 -7.81
N LEU C 174 -7.10 22.13 -6.68
CA LEU C 174 -5.78 22.30 -6.10
C LEU C 174 -5.36 21.06 -5.30
N PHE C 175 -6.10 20.75 -4.23
CA PHE C 175 -5.71 19.67 -3.34
C PHE C 175 -5.60 18.35 -4.09
N GLY C 176 -6.56 18.06 -4.96
CA GLY C 176 -6.47 16.84 -5.75
C GLY C 176 -5.18 16.76 -6.54
N ALA C 177 -4.79 17.86 -7.18
CA ALA C 177 -3.51 17.88 -7.87
C ALA C 177 -2.37 17.61 -6.91
N GLY C 178 -2.43 18.21 -5.72
CA GLY C 178 -1.41 17.93 -4.72
C GLY C 178 -1.36 16.47 -4.35
N VAL C 179 -2.51 15.80 -4.36
CA VAL C 179 -2.54 14.37 -4.10
C VAL C 179 -1.88 13.61 -5.25
N LEU C 180 -2.12 14.07 -6.49
CA LEU C 180 -1.65 13.31 -7.64
C LEU C 180 -0.15 13.48 -7.85
N VAL C 181 0.29 14.73 -8.06
CA VAL C 181 1.68 15.00 -8.41
C VAL C 181 2.63 14.47 -7.35
N THR C 182 2.26 14.62 -6.07
CA THR C 182 3.07 14.08 -5.00
C THR C 182 3.15 12.56 -5.02
N THR C 183 2.04 11.86 -5.31
CA THR C 183 2.00 10.40 -5.21
C THR C 183 2.38 9.71 -6.50
N VAL C 184 1.66 9.96 -7.59
CA VAL C 184 1.90 9.22 -8.82
C VAL C 184 3.15 9.76 -9.52
N VAL C 185 3.10 11.01 -9.96
CA VAL C 185 4.15 11.53 -10.85
C VAL C 185 5.52 11.41 -10.19
N ALA C 186 5.65 11.92 -8.96
CA ALA C 186 6.91 11.78 -8.23
C ALA C 186 7.32 10.31 -8.15
N GLY C 187 6.39 9.45 -7.73
CA GLY C 187 6.70 8.03 -7.68
C GLY C 187 7.16 7.51 -9.02
N GLY C 188 6.49 7.94 -10.09
CA GLY C 188 6.90 7.50 -11.42
C GLY C 188 8.35 7.79 -11.70
N ILE C 189 8.83 8.96 -11.29
CA ILE C 189 10.24 9.30 -11.50
C ILE C 189 11.12 8.26 -10.83
N THR C 190 10.82 7.94 -9.56
CA THR C 190 11.65 6.97 -8.85
C THR C 190 11.59 5.60 -9.49
N ILE C 191 10.54 5.32 -10.26
CA ILE C 191 10.48 4.04 -10.98
C ILE C 191 11.35 4.11 -12.22
N LEU C 192 11.37 5.26 -12.91
CA LEU C 192 12.05 5.34 -14.19
C LEU C 192 13.56 5.39 -14.02
N ARG C 193 14.04 6.11 -13.01
CA ARG C 193 15.47 6.28 -12.78
C ARG C 193 15.73 6.45 -11.29
N PRO C 194 16.18 5.40 -10.60
CA PRO C 194 16.59 5.57 -9.20
C PRO C 194 17.78 6.51 -9.11
N PHE C 195 17.83 7.28 -8.03
CA PHE C 195 18.85 8.29 -7.85
C PHE C 195 19.01 8.61 -6.38
N MET C 196 19.84 9.62 -6.10
CA MET C 196 20.03 10.12 -4.75
C MET C 196 19.52 11.56 -4.69
N ALA C 197 18.57 11.81 -3.79
CA ALA C 197 17.97 13.13 -3.67
C ALA C 197 18.76 14.01 -2.71
N ALA C 198 18.84 15.29 -3.03
CA ALA C 198 19.49 16.25 -2.14
C ALA C 198 18.71 16.37 -0.84
N SER C 199 19.43 16.46 0.28
CA SER C 199 18.77 16.41 1.58
C SER C 199 18.13 17.74 1.94
N ARG C 200 18.94 18.80 2.03
CA ARG C 200 18.49 20.11 2.48
C ARG C 200 17.40 20.70 1.59
N PRO C 201 17.54 20.71 0.26
CA PRO C 201 16.42 21.21 -0.56
C PRO C 201 15.14 20.43 -0.36
N PHE C 202 15.24 19.11 -0.23
CA PHE C 202 14.04 18.29 -0.03
C PHE C 202 13.36 18.64 1.29
N LEU C 203 14.16 18.77 2.36
CA LEU C 203 13.59 19.11 3.65
C LEU C 203 12.93 20.49 3.61
N ARG C 204 13.60 21.46 2.98
CA ARG C 204 13.02 22.80 2.87
C ARG C 204 11.70 22.78 2.11
N ASP C 205 11.68 22.10 0.96
CA ASP C 205 10.47 22.04 0.16
C ASP C 205 9.33 21.36 0.91
N ILE C 206 9.62 20.24 1.57
CA ILE C 206 8.57 19.52 2.27
C ILE C 206 8.05 20.33 3.46
N THR C 207 8.93 21.05 4.16
CA THR C 207 8.47 21.88 5.26
C THR C 207 7.58 23.01 4.78
N PHE C 208 7.98 23.69 3.70
CA PHE C 208 7.17 24.78 3.17
C PHE C 208 5.82 24.26 2.67
N TYR C 209 5.82 23.12 1.99
CA TYR C 209 4.56 22.54 1.53
C TYR C 209 3.66 22.16 2.70
N MET C 210 4.22 21.59 3.76
CA MET C 210 3.42 21.25 4.92
C MET C 210 2.82 22.49 5.56
N VAL C 211 3.60 23.57 5.66
CA VAL C 211 3.09 24.81 6.23
C VAL C 211 1.93 25.35 5.39
N ALA C 212 2.11 25.36 4.06
CA ALA C 212 1.05 25.86 3.19
C ALA C 212 -0.21 25.01 3.30
N VAL C 213 -0.04 23.69 3.32
CA VAL C 213 -1.20 22.79 3.41
C VAL C 213 -1.93 23.00 4.72
N PHE C 214 -1.20 23.15 5.83
CA PHE C 214 -1.86 23.38 7.12
C PHE C 214 -2.57 24.72 7.15
N LEU C 215 -1.97 25.75 6.55
CA LEU C 215 -2.63 27.04 6.49
C LEU C 215 -3.93 26.97 5.71
N THR C 216 -3.92 26.29 4.56
CA THR C 216 -5.15 26.16 3.79
C THR C 216 -6.17 25.29 4.51
N PHE C 217 -5.69 24.30 5.27
CA PHE C 217 -6.59 23.45 6.06
C PHE C 217 -7.33 24.28 7.10
N THR C 218 -6.60 25.11 7.84
CA THR C 218 -7.25 25.93 8.86
C THR C 218 -8.14 27.00 8.23
N ALA C 219 -7.76 27.49 7.04
CA ALA C 219 -8.62 28.42 6.32
C ALA C 219 -9.94 27.77 5.92
N LEU C 220 -9.86 26.52 5.45
CA LEU C 220 -11.07 25.77 5.10
C LEU C 220 -11.93 25.50 6.32
N TYR C 221 -11.30 25.17 7.45
CA TYR C 221 -12.06 24.94 8.68
C TYR C 221 -12.75 26.22 9.11
N LEU C 222 -12.08 27.37 9.00
CA LEU C 222 -12.72 28.65 9.32
C LEU C 222 -13.88 28.95 8.38
N GLY C 223 -13.86 28.40 7.16
CA GLY C 223 -14.96 28.59 6.23
C GLY C 223 -14.99 29.91 5.52
N ARG C 224 -13.90 30.67 5.53
CA ARG C 224 -13.90 31.99 4.91
C ARG C 224 -12.47 32.39 4.59
N ILE C 225 -12.32 33.27 3.60
CA ILE C 225 -11.02 33.82 3.23
C ILE C 225 -11.15 35.34 3.21
N THR C 226 -10.31 36.01 3.97
CA THR C 226 -10.32 37.47 3.99
C THR C 226 -9.20 38.02 3.10
N LEU C 227 -9.23 39.34 2.91
CA LEU C 227 -8.22 40.00 2.10
C LEU C 227 -6.82 39.84 2.70
N VAL C 228 -6.72 40.01 4.02
CA VAL C 228 -5.44 39.90 4.70
C VAL C 228 -4.89 38.48 4.56
N TRP C 229 -5.77 37.49 4.46
CA TRP C 229 -5.31 36.12 4.29
C TRP C 229 -4.65 35.92 2.92
N ALA C 230 -5.25 36.46 1.87
CA ALA C 230 -4.65 36.37 0.54
C ALA C 230 -3.33 37.13 0.49
N LEU C 231 -3.28 38.31 1.12
CA LEU C 231 -2.03 39.05 1.17
C LEU C 231 -0.96 38.26 1.92
N GLY C 232 -1.35 37.58 2.99
CA GLY C 232 -0.39 36.73 3.70
C GLY C 232 0.09 35.55 2.87
N TYR C 233 -0.81 34.99 2.07
CA TYR C 233 -0.41 33.91 1.16
C TYR C 233 0.65 34.39 0.17
N LEU C 234 0.41 35.55 -0.45
CA LEU C 234 1.38 36.09 -1.40
C LEU C 234 2.70 36.43 -0.70
N GLY C 235 2.62 36.99 0.51
CA GLY C 235 3.83 37.26 1.27
C GLY C 235 4.61 36.01 1.61
N LEU C 236 3.90 34.93 1.95
CA LEU C 236 4.56 33.67 2.21
C LEU C 236 5.26 33.13 0.98
N TYR C 237 4.62 33.24 -0.19
CA TYR C 237 5.27 32.77 -1.41
C TYR C 237 6.52 33.58 -1.74
N VAL C 238 6.44 34.91 -1.60
CA VAL C 238 7.62 35.73 -1.91
C VAL C 238 8.72 35.47 -0.88
N PHE C 239 8.33 35.20 0.37
CA PHE C 239 9.31 34.80 1.39
C PHE C 239 9.99 33.50 1.00
N TYR C 240 9.22 32.53 0.50
CA TYR C 240 9.81 31.27 0.08
C TYR C 240 10.79 31.47 -1.06
N VAL C 241 10.45 32.31 -2.03
CA VAL C 241 11.36 32.58 -3.14
C VAL C 241 12.64 33.23 -2.65
N VAL C 242 12.52 34.23 -1.76
CA VAL C 242 13.70 34.90 -1.22
C VAL C 242 14.55 33.93 -0.43
N THR C 243 13.92 33.05 0.34
CA THR C 243 14.66 32.05 1.12
C THR C 243 15.42 31.10 0.20
N VAL C 244 14.79 30.67 -0.90
CA VAL C 244 15.46 29.80 -1.84
C VAL C 244 16.68 30.51 -2.44
N ILE C 245 16.52 31.78 -2.82
CA ILE C 245 17.63 32.52 -3.39
C ILE C 245 18.78 32.65 -2.39
N ILE C 246 18.45 33.00 -1.15
CA ILE C 246 19.48 33.21 -0.13
C ILE C 246 20.21 31.90 0.17
N CYS C 247 19.46 30.80 0.31
CA CYS C 247 20.08 29.51 0.60
C CYS C 247 20.97 29.05 -0.55
N THR C 248 20.54 29.26 -1.79
CA THR C 248 21.37 28.90 -2.93
C THR C 248 22.66 29.72 -2.95
N TRP C 249 22.55 31.03 -2.68
CA TRP C 249 23.74 31.87 -2.63
C TRP C 249 24.70 31.42 -1.54
N VAL C 250 24.17 31.11 -0.35
CA VAL C 250 25.01 30.68 0.75
C VAL C 250 25.70 29.36 0.43
N TYR C 251 24.96 28.41 -0.14
CA TYR C 251 25.56 27.12 -0.49
C TYR C 251 26.64 27.28 -1.55
N GLN C 252 26.39 28.11 -2.56
CA GLN C 252 27.39 28.32 -3.61
C GLN C 252 28.63 29.00 -3.05
N ARG C 253 28.46 29.98 -2.17
CA ARG C 253 29.61 30.66 -1.57
C ARG C 253 30.43 29.70 -0.71
N GLN C 254 29.77 28.83 0.05
CA GLN C 254 30.45 27.88 0.90
C GLN C 254 31.13 26.79 0.08
N THR C 300 14.01 35.24 -49.62
CA THR C 300 12.86 36.12 -49.81
C THR C 300 11.91 36.01 -48.63
N THR C 301 11.16 37.09 -48.38
CA THR C 301 10.26 37.18 -47.24
C THR C 301 9.18 36.10 -47.28
N GLY C 302 8.70 35.77 -48.48
CA GLY C 302 7.70 34.72 -48.60
C GLY C 302 8.20 33.38 -48.08
N GLN C 303 9.44 33.03 -48.41
CA GLN C 303 10.00 31.77 -47.93
C GLN C 303 10.16 31.77 -46.41
N ILE C 304 10.60 32.89 -45.84
CA ILE C 304 10.79 32.92 -44.38
C ILE C 304 9.44 32.88 -43.68
N LEU C 305 8.40 33.43 -44.30
CA LEU C 305 7.06 33.32 -43.72
C LEU C 305 6.53 31.89 -43.83
N LEU C 306 6.77 31.24 -44.97
CA LEU C 306 6.33 29.85 -45.12
C LEU C 306 7.04 28.94 -44.13
N GLN C 307 8.34 29.16 -43.92
CA GLN C 307 9.10 28.33 -42.98
C GLN C 307 8.71 28.63 -41.54
N ALA C 308 8.54 29.92 -41.20
CA ALA C 308 8.17 30.30 -39.84
C ALA C 308 6.78 29.79 -39.47
N LEU C 309 5.84 29.85 -40.39
CA LEU C 309 4.48 29.39 -40.14
C LEU C 309 4.34 27.88 -40.27
N ASN C 310 5.40 27.18 -40.66
CA ASN C 310 5.35 25.74 -40.83
C ASN C 310 5.79 25.12 -39.52
N PRO C 311 4.90 24.43 -38.79
CA PRO C 311 5.33 23.78 -37.54
C PRO C 311 5.80 22.34 -37.73
N LEU C 312 5.86 21.85 -38.97
CA LEU C 312 6.22 20.46 -39.23
C LEU C 312 7.70 20.39 -39.58
N ASP C 313 8.49 19.82 -38.67
CA ASP C 313 9.88 19.48 -38.98
C ASP C 313 9.87 18.12 -39.66
N TYR C 314 10.05 18.12 -40.98
CA TYR C 314 9.80 16.91 -41.77
C TYR C 314 10.73 15.78 -41.38
N ARG C 315 12.00 16.08 -41.12
CA ARG C 315 12.94 15.04 -40.73
C ARG C 315 12.55 14.41 -39.40
N LYS C 316 12.26 15.25 -38.40
CA LYS C 316 11.84 14.73 -37.10
C LYS C 316 10.53 13.96 -37.20
N TRP C 317 9.57 14.49 -37.96
CA TRP C 317 8.30 13.79 -38.12
C TRP C 317 8.49 12.43 -38.79
N ARG C 318 9.37 12.36 -39.78
CA ARG C 318 9.69 11.09 -40.42
C ARG C 318 10.37 10.12 -39.47
N THR C 319 11.23 10.61 -38.59
CA THR C 319 12.00 9.77 -37.67
C THR C 319 11.15 9.23 -36.52
N GLN C 320 10.10 9.94 -36.12
CA GLN C 320 9.30 9.56 -34.96
C GLN C 320 8.47 8.32 -35.26
N SER C 321 7.98 7.69 -34.18
CA SER C 321 7.17 6.49 -34.31
C SER C 321 5.73 6.85 -34.65
N ILE C 322 4.90 5.81 -34.77
CA ILE C 322 3.52 5.99 -35.21
C ILE C 322 2.73 6.81 -34.19
N SER C 323 2.88 6.51 -32.90
CA SER C 323 2.15 7.24 -31.88
C SER C 323 2.55 8.71 -31.85
N CYS C 324 3.86 8.98 -31.95
CA CYS C 324 4.32 10.37 -32.02
C CYS C 324 3.81 11.06 -33.27
N LYS C 325 3.75 10.36 -34.40
CA LYS C 325 3.17 10.93 -35.61
C LYS C 325 1.72 11.32 -35.40
N LEU C 326 0.93 10.44 -34.77
CA LEU C 326 -0.47 10.73 -34.50
C LEU C 326 -0.61 11.92 -33.56
N LEU C 327 0.22 11.99 -32.52
CA LEU C 327 0.17 13.12 -31.61
C LEU C 327 0.49 14.43 -32.34
N LYS C 328 1.51 14.41 -33.19
CA LYS C 328 1.89 15.63 -33.90
C LYS C 328 0.80 16.08 -34.88
N VAL C 329 0.20 15.13 -35.61
CA VAL C 329 -0.82 15.53 -36.58
C VAL C 329 -2.06 16.03 -35.85
N ALA C 330 -2.38 15.45 -34.69
CA ALA C 330 -3.48 15.97 -33.89
C ALA C 330 -3.15 17.35 -33.32
N LYS C 331 -1.88 17.63 -33.09
CA LYS C 331 -1.49 18.90 -32.47
C LYS C 331 -1.30 20.05 -33.47
N LEU C 332 -1.13 19.75 -34.77
CA LEU C 332 -0.76 20.79 -35.72
C LEU C 332 -1.60 22.05 -35.67
N PRO C 333 -2.94 22.01 -35.66
CA PRO C 333 -3.70 23.27 -35.71
C PRO C 333 -3.43 24.19 -34.53
N VAL C 334 -3.18 23.61 -33.34
CA VAL C 334 -3.00 24.42 -32.14
C VAL C 334 -1.79 25.33 -32.28
N GLU C 335 -0.62 24.76 -32.61
CA GLU C 335 0.55 25.62 -32.76
C GLU C 335 0.46 26.46 -34.03
N PHE C 336 -0.23 25.96 -35.06
CA PHE C 336 -0.43 26.81 -36.23
C PHE C 336 -1.08 28.13 -35.84
N LEU C 337 -2.20 28.04 -35.12
CA LEU C 337 -2.86 29.24 -34.62
C LEU C 337 -1.95 30.03 -33.69
N LEU C 338 -1.16 29.33 -32.86
CA LEU C 338 -0.35 30.03 -31.86
C LEU C 338 0.74 30.88 -32.51
N LEU C 339 1.48 30.26 -33.44
CA LEU C 339 2.50 31.01 -34.20
C LEU C 339 1.80 32.14 -34.94
N LEU C 340 0.59 31.88 -35.46
CA LEU C 340 -0.10 32.91 -36.22
C LEU C 340 -0.40 34.14 -35.35
N THR C 341 -0.79 33.93 -34.10
CA THR C 341 -1.26 35.04 -33.27
C THR C 341 -0.32 35.45 -32.15
N VAL C 342 0.52 34.55 -31.65
CA VAL C 342 1.34 34.82 -30.47
C VAL C 342 2.79 34.96 -30.92
N PRO C 343 3.47 36.07 -30.63
CA PRO C 343 4.90 36.17 -30.92
C PRO C 343 5.73 35.50 -29.83
N VAL C 344 6.87 34.95 -30.23
CA VAL C 344 7.78 34.27 -29.32
C VAL C 344 9.18 34.87 -29.51
N VAL C 345 9.84 35.20 -28.41
CA VAL C 345 11.19 35.74 -28.43
C VAL C 345 12.11 34.74 -27.74
N ASP C 346 13.10 34.24 -28.48
CA ASP C 346 14.03 33.25 -27.95
C ASP C 346 15.42 33.87 -27.82
N PRO C 347 15.89 34.15 -26.61
CA PRO C 347 17.25 34.71 -26.45
C PRO C 347 18.35 33.77 -26.86
N ASP C 348 18.10 32.45 -26.93
CA ASP C 348 19.11 31.48 -27.32
C ASP C 348 19.45 31.54 -28.80
N LYS C 349 18.59 32.14 -29.61
CA LYS C 349 18.80 32.27 -31.05
C LYS C 349 19.55 33.56 -31.33
N ASP C 350 20.55 33.50 -32.23
CA ASP C 350 21.37 34.67 -32.49
C ASP C 350 20.54 35.80 -33.13
N ASP C 351 19.53 35.44 -33.92
CA ASP C 351 18.65 36.42 -34.53
C ASP C 351 17.44 36.77 -33.65
N ARG C 352 17.33 36.13 -32.48
CA ARG C 352 16.24 36.37 -31.54
C ARG C 352 14.87 36.13 -32.18
N ASN C 353 14.79 35.18 -33.10
CA ASN C 353 13.54 34.85 -33.81
C ASN C 353 12.93 36.07 -34.47
N TRP C 354 13.77 36.90 -35.09
CA TRP C 354 13.31 38.10 -35.77
C TRP C 354 12.76 37.71 -37.14
N LYS C 355 11.45 37.84 -37.31
CA LYS C 355 10.78 37.65 -38.59
C LYS C 355 10.04 38.95 -38.91
N ARG C 356 10.68 39.79 -39.73
CA ARG C 356 10.20 41.16 -39.96
C ARG C 356 8.78 41.24 -40.50
N PRO C 357 8.41 40.57 -41.61
CA PRO C 357 7.03 40.71 -42.08
C PRO C 357 6.03 39.92 -41.24
N LEU C 358 6.43 38.76 -40.73
CA LEU C 358 5.54 38.02 -39.83
C LEU C 358 5.22 38.85 -38.60
N ASN C 359 6.24 39.45 -37.98
CA ASN C 359 5.98 40.26 -36.79
C ASN C 359 5.25 41.55 -37.14
N CYS C 360 5.47 42.10 -38.33
CA CYS C 360 4.71 43.28 -38.72
C CYS C 360 3.23 42.96 -38.90
N LEU C 361 2.92 41.77 -39.42
CA LEU C 361 1.53 41.31 -39.41
C LEU C 361 1.03 41.08 -37.99
N GLN C 362 1.88 40.56 -37.12
CA GLN C 362 1.46 40.28 -35.75
C GLN C 362 1.18 41.54 -34.95
N LEU C 363 1.85 42.66 -35.24
CA LEU C 363 1.50 43.92 -34.57
C LEU C 363 0.07 44.35 -34.85
N VAL C 364 -0.55 43.83 -35.91
CA VAL C 364 -1.96 44.05 -36.16
C VAL C 364 -2.81 42.91 -35.59
N ILE C 365 -2.34 41.68 -35.74
CA ILE C 365 -3.13 40.52 -35.33
C ILE C 365 -3.30 40.47 -33.81
N SER C 366 -2.21 40.63 -33.05
CA SER C 366 -2.27 40.45 -31.61
C SER C 366 -3.19 41.45 -30.91
N PRO C 367 -3.13 42.76 -31.16
CA PRO C 367 -4.11 43.65 -30.53
C PRO C 367 -5.54 43.31 -30.86
N LEU C 368 -5.81 42.86 -32.08
CA LEU C 368 -7.17 42.50 -32.47
C LEU C 368 -7.68 41.32 -31.66
N VAL C 369 -6.89 40.26 -31.54
CA VAL C 369 -7.33 39.10 -30.77
C VAL C 369 -7.42 39.45 -29.29
N LEU C 370 -6.51 40.29 -28.80
CA LEU C 370 -6.58 40.73 -27.41
C LEU C 370 -7.89 41.43 -27.12
N VAL C 371 -8.25 42.42 -27.96
CA VAL C 371 -9.50 43.16 -27.75
C VAL C 371 -10.71 42.25 -27.91
N LEU C 372 -10.72 41.39 -28.93
CA LEU C 372 -11.87 40.54 -29.19
C LEU C 372 -12.01 39.39 -28.21
N THR C 373 -10.98 39.06 -27.44
CA THR C 373 -11.05 37.94 -26.50
C THR C 373 -11.14 38.38 -25.05
N LEU C 374 -10.59 39.54 -24.68
CA LEU C 374 -10.64 39.98 -23.29
C LEU C 374 -12.08 40.08 -22.79
N GLN C 375 -12.34 39.45 -21.65
CA GLN C 375 -13.67 39.43 -21.03
C GLN C 375 -14.74 38.96 -22.01
N SER C 376 -14.39 37.90 -22.77
CA SER C 376 -15.26 37.32 -23.77
C SER C 376 -15.69 38.35 -24.83
N GLY C 377 -14.86 39.36 -25.05
CA GLY C 377 -15.10 40.35 -26.08
C GLY C 377 -16.08 41.44 -25.72
N VAL C 378 -16.49 41.55 -24.45
CA VAL C 378 -17.45 42.58 -24.06
C VAL C 378 -16.90 43.96 -24.38
N TYR C 379 -15.61 44.21 -24.11
CA TYR C 379 -14.99 45.47 -24.49
C TYR C 379 -14.91 45.63 -26.00
N GLY C 380 -15.02 44.54 -26.75
CA GLY C 380 -14.86 44.60 -28.20
C GLY C 380 -15.98 45.31 -28.92
N ILE C 381 -17.24 45.03 -28.55
CA ILE C 381 -18.39 45.59 -29.24
C ILE C 381 -18.84 46.92 -28.66
N TYR C 382 -18.20 47.39 -27.57
CA TYR C 382 -18.51 48.71 -27.05
C TYR C 382 -18.25 49.76 -28.11
N GLU C 383 -19.23 50.63 -28.32
CA GLU C 383 -19.22 51.55 -29.45
C GLU C 383 -18.97 52.96 -28.93
N ILE C 384 -17.89 53.59 -29.40
CA ILE C 384 -17.44 54.87 -28.85
C ILE C 384 -18.30 55.99 -29.40
N GLY C 385 -18.98 56.71 -28.52
CA GLY C 385 -19.76 57.87 -28.92
C GLY C 385 -20.97 57.55 -29.77
N GLY C 386 -21.35 56.29 -29.87
CA GLY C 386 -22.48 55.91 -30.70
C GLY C 386 -22.21 55.87 -32.18
N LEU C 387 -20.95 56.01 -32.60
CA LEU C 387 -20.60 55.99 -34.02
C LEU C 387 -19.62 54.90 -34.39
N LEU C 388 -18.48 54.79 -33.70
CA LEU C 388 -17.39 53.92 -34.11
C LEU C 388 -17.14 52.84 -33.05
N PRO C 389 -17.09 51.57 -33.45
CA PRO C 389 -16.71 50.52 -32.49
C PRO C 389 -15.22 50.58 -32.17
N VAL C 390 -14.86 49.94 -31.06
CA VAL C 390 -13.47 49.95 -30.60
C VAL C 390 -12.58 49.18 -31.58
N TRP C 391 -13.07 48.05 -32.09
CA TRP C 391 -12.22 47.17 -32.90
C TRP C 391 -11.75 47.85 -34.18
N ALA C 392 -12.58 48.69 -34.78
CA ALA C 392 -12.18 49.36 -36.02
C ALA C 392 -11.01 50.31 -35.78
N VAL C 393 -11.10 51.15 -34.76
CA VAL C 393 -10.01 52.08 -34.47
C VAL C 393 -8.77 51.32 -34.00
N VAL C 394 -8.97 50.20 -33.30
CA VAL C 394 -7.85 49.37 -32.89
C VAL C 394 -7.12 48.84 -34.12
N VAL C 395 -7.87 48.36 -35.11
CA VAL C 395 -7.26 47.84 -36.33
C VAL C 395 -6.54 48.94 -37.09
N ILE C 396 -7.14 50.14 -37.14
CA ILE C 396 -6.51 51.26 -37.85
C ILE C 396 -5.19 51.63 -37.20
N VAL C 397 -5.19 51.78 -35.87
CA VAL C 397 -3.95 52.12 -35.17
C VAL C 397 -2.92 51.00 -35.33
N GLY C 398 -3.38 49.75 -35.29
CA GLY C 398 -2.47 48.63 -35.44
C GLY C 398 -1.80 48.60 -36.80
N THR C 399 -2.57 48.83 -37.88
CA THR C 399 -1.96 48.79 -39.21
C THR C 399 -1.05 50.01 -39.43
N ALA C 400 -1.41 51.17 -38.87
CA ALA C 400 -0.52 52.32 -38.95
C ALA C 400 0.81 52.03 -38.26
N LEU C 401 0.74 51.46 -37.04
CA LEU C 401 1.97 51.13 -36.31
C LEU C 401 2.76 50.06 -37.05
N ALA C 402 2.08 49.08 -37.64
CA ALA C 402 2.78 48.03 -38.38
C ALA C 402 3.50 48.59 -39.58
N SER C 403 2.86 49.50 -40.32
CA SER C 403 3.52 50.14 -41.46
C SER C 403 4.72 50.95 -41.01
N VAL C 404 4.57 51.71 -39.92
CA VAL C 404 5.69 52.51 -39.41
C VAL C 404 6.86 51.62 -39.03
N THR C 405 6.58 50.54 -38.30
CA THR C 405 7.65 49.63 -37.88
C THR C 405 8.30 48.94 -39.08
N PHE C 406 7.49 48.52 -40.05
CA PHE C 406 8.04 47.83 -41.22
C PHE C 406 8.94 48.75 -42.03
N PHE C 407 8.54 50.01 -42.21
CA PHE C 407 9.37 50.94 -42.95
C PHE C 407 10.52 51.51 -42.12
N ALA C 408 10.49 51.33 -40.79
CA ALA C 408 11.53 51.87 -39.93
C ALA C 408 12.58 50.84 -39.52
N THR C 409 12.45 49.59 -39.94
CA THR C 409 13.38 48.54 -39.54
C THR C 409 13.86 47.77 -40.77
N SER C 410 14.86 46.92 -40.55
CA SER C 410 15.47 46.13 -41.61
C SER C 410 15.38 44.64 -41.27
N ASN C 411 15.41 43.81 -42.31
CA ASN C 411 15.26 42.37 -42.14
C ASN C 411 16.52 41.72 -41.56
N SER C 412 17.65 42.43 -41.55
CA SER C 412 18.90 41.85 -41.11
C SER C 412 19.21 42.09 -39.63
N GLU C 413 18.79 43.24 -39.08
CA GLU C 413 19.12 43.61 -37.72
C GLU C 413 17.81 43.82 -36.96
N PRO C 414 17.55 43.09 -35.88
CA PRO C 414 16.34 43.32 -35.09
C PRO C 414 16.34 44.70 -34.46
N PRO C 415 15.17 45.30 -34.27
CA PRO C 415 15.12 46.65 -33.71
C PRO C 415 15.52 46.66 -32.24
N ARG C 416 15.89 47.85 -31.77
CA ARG C 416 16.30 48.00 -30.38
C ARG C 416 15.18 47.68 -29.40
N LEU C 417 13.92 47.88 -29.82
CA LEU C 417 12.76 47.60 -29.00
C LEU C 417 12.19 46.21 -29.24
N HIS C 418 13.05 45.26 -29.64
CA HIS C 418 12.59 43.90 -29.90
C HIS C 418 12.07 43.23 -28.64
N TRP C 419 12.71 43.49 -27.49
CA TRP C 419 12.31 42.85 -26.24
C TRP C 419 10.86 43.16 -25.88
N LEU C 420 10.39 44.36 -26.21
CA LEU C 420 9.00 44.71 -25.94
C LEU C 420 8.04 43.73 -26.59
N PHE C 421 8.41 43.20 -27.77
CA PHE C 421 7.62 42.15 -28.41
C PHE C 421 7.32 41.01 -27.45
N ALA C 422 8.34 40.52 -26.75
CA ALA C 422 8.15 39.45 -25.78
C ALA C 422 7.07 39.82 -24.77
N PHE C 423 7.08 41.06 -24.30
CA PHE C 423 6.03 41.51 -23.39
C PHE C 423 4.66 41.26 -23.98
N LEU C 424 4.43 41.73 -25.21
CA LEU C 424 3.20 41.38 -25.90
C LEU C 424 3.05 39.87 -26.02
N GLY C 425 4.12 39.21 -26.48
CA GLY C 425 4.08 37.76 -26.60
C GLY C 425 3.81 37.08 -25.27
N PHE C 426 4.10 37.77 -24.17
CA PHE C 426 3.66 37.28 -22.87
C PHE C 426 2.17 37.46 -22.71
N LEU C 427 1.70 38.71 -22.75
CA LEU C 427 0.35 39.03 -22.30
C LEU C 427 -0.69 38.21 -23.07
N THR C 428 -0.72 38.36 -24.39
CA THR C 428 -1.71 37.62 -25.18
C THR C 428 -1.65 36.14 -24.89
N SER C 429 -0.44 35.58 -24.76
CA SER C 429 -0.33 34.15 -24.46
C SER C 429 -1.10 33.81 -23.20
N ALA C 430 -0.84 34.54 -22.12
CA ALA C 430 -1.59 34.30 -20.88
C ALA C 430 -3.08 34.40 -21.13
N LEU C 431 -3.50 35.47 -21.83
CA LEU C 431 -4.93 35.64 -22.11
C LEU C 431 -5.48 34.43 -22.84
N TRP C 432 -4.75 33.91 -23.83
CA TRP C 432 -5.21 32.73 -24.54
C TRP C 432 -5.48 31.60 -23.58
N ILE C 433 -4.53 31.32 -22.68
CA ILE C 433 -4.72 30.26 -21.69
C ILE C 433 -5.99 30.53 -20.92
N ASN C 434 -6.17 31.77 -20.46
CA ASN C 434 -7.37 32.12 -19.71
C ASN C 434 -8.62 31.68 -20.44
N ALA C 435 -8.72 32.04 -21.73
CA ALA C 435 -9.90 31.65 -22.49
C ALA C 435 -10.12 30.14 -22.41
N ALA C 436 -9.08 29.37 -22.74
CA ALA C 436 -9.22 27.92 -22.69
C ALA C 436 -9.68 27.48 -21.31
N ALA C 437 -9.04 28.00 -20.25
CA ALA C 437 -9.41 27.62 -18.91
C ALA C 437 -10.90 27.80 -18.69
N THR C 438 -11.42 28.98 -19.07
CA THR C 438 -12.84 29.25 -18.87
C THR C 438 -13.69 28.14 -19.46
N GLU C 439 -13.42 27.78 -20.72
CA GLU C 439 -14.22 26.75 -21.37
C GLU C 439 -14.25 25.49 -20.52
N VAL C 440 -13.08 25.03 -20.07
CA VAL C 440 -13.03 23.79 -19.31
C VAL C 440 -13.97 23.86 -18.13
N VAL C 441 -13.87 24.94 -17.35
CA VAL C 441 -14.68 25.07 -16.15
C VAL C 441 -16.15 24.95 -16.52
N ASN C 442 -16.58 25.67 -17.55
CA ASN C 442 -17.99 25.62 -17.94
C ASN C 442 -18.42 24.19 -18.21
N ILE C 443 -17.61 23.45 -18.98
CA ILE C 443 -17.98 22.09 -19.31
C ILE C 443 -18.20 21.29 -18.04
N LEU C 444 -17.28 21.40 -17.09
CA LEU C 444 -17.42 20.64 -15.85
C LEU C 444 -18.73 21.00 -15.15
N ARG C 445 -19.03 22.30 -15.08
CA ARG C 445 -20.27 22.71 -14.43
C ARG C 445 -21.46 22.06 -15.11
N SER C 446 -21.45 22.02 -16.45
CA SER C 446 -22.55 21.39 -17.17
C SER C 446 -22.73 19.95 -16.73
N LEU C 447 -21.62 19.22 -16.62
CA LEU C 447 -21.71 17.82 -16.19
C LEU C 447 -22.30 17.73 -14.79
N GLY C 448 -21.92 18.66 -13.91
CA GLY C 448 -22.48 18.66 -12.56
C GLY C 448 -23.98 18.80 -12.57
N VAL C 449 -24.52 19.51 -13.57
CA VAL C 449 -25.96 19.62 -13.69
C VAL C 449 -26.56 18.29 -14.14
N VAL C 450 -25.92 17.62 -15.11
CA VAL C 450 -26.54 16.47 -15.74
C VAL C 450 -26.51 15.25 -14.81
N PHE C 451 -25.34 14.96 -14.25
CA PHE C 451 -25.17 13.76 -13.43
C PHE C 451 -25.40 14.00 -11.95
N ARG C 452 -25.74 15.22 -11.55
CA ARG C 452 -25.98 15.58 -10.15
C ARG C 452 -24.76 15.25 -9.29
N LEU C 453 -23.57 15.48 -9.84
CA LEU C 453 -22.32 15.21 -9.15
C LEU C 453 -21.88 16.43 -8.35
N SER C 454 -21.22 16.17 -7.23
CA SER C 454 -20.68 17.25 -6.41
C SER C 454 -19.51 17.92 -7.12
N ASN C 455 -19.29 19.19 -6.78
CA ASN C 455 -18.22 19.95 -7.42
C ASN C 455 -16.84 19.40 -7.06
N THR C 456 -16.67 18.90 -5.83
CA THR C 456 -15.37 18.41 -5.41
C THR C 456 -14.96 17.17 -6.19
N VAL C 457 -15.90 16.28 -6.49
CA VAL C 457 -15.58 15.08 -7.26
C VAL C 457 -15.07 15.45 -8.64
N LEU C 458 -15.74 16.41 -9.30
CA LEU C 458 -15.27 16.87 -10.60
C LEU C 458 -13.92 17.57 -10.48
N GLY C 459 -13.71 18.33 -9.41
CA GLY C 459 -12.46 19.06 -9.25
C GLY C 459 -11.27 18.14 -9.05
N LEU C 460 -11.46 17.05 -8.30
CA LEU C 460 -10.33 16.21 -7.94
C LEU C 460 -10.08 15.07 -8.92
N THR C 461 -10.95 14.85 -9.91
CA THR C 461 -10.82 13.72 -10.82
C THR C 461 -10.51 14.17 -12.24
N LEU C 462 -11.34 15.03 -12.84
CA LEU C 462 -11.12 15.41 -14.23
C LEU C 462 -10.18 16.61 -14.33
N LEU C 463 -10.48 17.68 -13.60
CA LEU C 463 -9.68 18.90 -13.69
C LEU C 463 -8.25 18.65 -13.22
N ALA C 464 -8.08 17.87 -12.15
CA ALA C 464 -6.74 17.58 -11.64
C ALA C 464 -5.91 16.83 -12.67
N TRP C 465 -6.47 15.78 -13.28
CA TRP C 465 -5.75 15.02 -14.29
C TRP C 465 -5.42 15.90 -15.49
N GLY C 466 -6.39 16.71 -15.94
CA GLY C 466 -6.15 17.56 -17.08
C GLY C 466 -5.05 18.58 -16.83
N ASN C 467 -5.03 19.16 -15.63
CA ASN C 467 -4.02 20.14 -15.29
C ASN C 467 -2.66 19.51 -15.01
N SER C 468 -2.62 18.25 -14.58
CA SER C 468 -1.37 17.60 -14.24
C SER C 468 -0.81 16.73 -15.37
N ILE C 469 -1.51 16.62 -16.50
CA ILE C 469 -0.94 15.87 -17.62
C ILE C 469 0.34 16.53 -18.12
N GLY C 470 0.40 17.87 -18.11
CA GLY C 470 1.61 18.55 -18.51
C GLY C 470 2.75 18.31 -17.54
N ASP C 471 2.46 18.36 -16.24
CA ASP C 471 3.45 18.00 -15.24
C ASP C 471 3.99 16.59 -15.47
N ALA C 472 3.09 15.64 -15.70
CA ALA C 472 3.50 14.25 -15.90
C ALA C 472 4.41 14.12 -17.12
N PHE C 473 4.00 14.71 -18.25
CA PHE C 473 4.82 14.61 -19.45
C PHE C 473 6.19 15.25 -19.27
N SER C 474 6.23 16.48 -18.73
CA SER C 474 7.50 17.17 -18.59
C SER C 474 8.41 16.44 -17.61
N ASP C 475 7.87 15.98 -16.48
CA ASP C 475 8.71 15.31 -15.48
C ASP C 475 9.22 13.97 -16.00
N PHE C 476 8.37 13.20 -16.68
CA PHE C 476 8.83 11.92 -17.23
C PHE C 476 9.88 12.14 -18.31
N THR C 477 9.70 13.15 -19.16
CA THR C 477 10.70 13.44 -20.18
C THR C 477 12.03 13.85 -19.54
N LEU C 478 11.98 14.67 -18.49
CA LEU C 478 13.21 15.08 -17.82
C LEU C 478 13.89 13.89 -17.15
N ALA C 479 13.12 13.02 -16.50
CA ALA C 479 13.70 11.87 -15.84
C ALA C 479 14.31 10.90 -16.83
N ARG C 480 13.66 10.69 -17.98
CA ARG C 480 14.18 9.74 -18.96
C ARG C 480 15.46 10.26 -19.61
N GLN C 481 15.64 11.58 -19.69
CA GLN C 481 16.79 12.15 -20.37
C GLN C 481 18.04 12.18 -19.51
N GLY C 482 17.95 11.81 -18.24
CA GLY C 482 19.11 11.76 -17.37
C GLY C 482 19.22 12.86 -16.35
N TYR C 483 18.11 13.53 -16.00
CA TYR C 483 18.09 14.56 -14.97
C TYR C 483 16.95 14.28 -13.98
N PRO C 484 17.09 13.23 -13.17
CA PRO C 484 16.01 12.92 -12.21
C PRO C 484 15.99 13.84 -11.02
N ARG C 485 17.14 14.39 -10.61
CA ARG C 485 17.18 15.27 -9.45
C ARG C 485 16.37 16.53 -9.68
N MET C 486 16.54 17.16 -10.84
CA MET C 486 15.78 18.38 -11.15
C MET C 486 14.28 18.08 -11.23
N ALA C 487 13.91 16.98 -11.86
CA ALA C 487 12.50 16.62 -11.98
C ALA C 487 11.88 16.38 -10.61
N PHE C 488 12.57 15.63 -9.75
CA PHE C 488 12.02 15.35 -8.42
C PHE C 488 11.93 16.62 -7.58
N SER C 489 12.95 17.49 -7.67
CA SER C 489 12.90 18.74 -6.94
C SER C 489 11.74 19.61 -7.41
N ALA C 490 11.52 19.68 -8.72
CA ALA C 490 10.40 20.44 -9.25
C ALA C 490 9.07 19.83 -8.86
N CYS C 491 9.01 18.51 -8.71
CA CYS C 491 7.77 17.84 -8.35
C CYS C 491 7.22 18.31 -7.01
N PHE C 492 8.06 18.86 -6.14
CA PHE C 492 7.61 19.46 -4.89
C PHE C 492 7.69 20.98 -4.92
N GLY C 493 8.60 21.55 -5.71
CA GLY C 493 8.69 22.99 -5.80
C GLY C 493 7.51 23.62 -6.50
N GLY C 494 7.00 22.98 -7.55
CA GLY C 494 5.93 23.57 -8.32
C GLY C 494 4.59 23.55 -7.62
N ILE C 495 4.35 22.54 -6.77
CA ILE C 495 3.06 22.43 -6.10
C ILE C 495 2.86 23.54 -5.08
N ILE C 496 3.92 23.92 -4.35
CA ILE C 496 3.81 25.01 -3.40
C ILE C 496 3.45 26.31 -4.12
N PHE C 497 4.15 26.59 -5.22
CA PHE C 497 3.85 27.78 -6.01
C PHE C 497 2.42 27.73 -6.54
N ASN C 498 2.01 26.57 -7.06
CA ASN C 498 0.64 26.40 -7.53
C ASN C 498 -0.36 26.78 -6.46
N ILE C 499 -0.30 26.10 -5.30
CA ILE C 499 -1.31 26.32 -4.27
C ILE C 499 -1.29 27.77 -3.81
N LEU C 500 -0.11 28.28 -3.42
CA LEU C 500 -0.05 29.61 -2.84
C LEU C 500 -0.49 30.67 -3.82
N VAL C 501 0.10 30.70 -5.02
CA VAL C 501 -0.22 31.75 -5.97
C VAL C 501 -1.66 31.64 -6.43
N GLY C 502 -2.13 30.42 -6.74
CA GLY C 502 -3.51 30.28 -7.19
C GLY C 502 -4.51 30.78 -6.16
N VAL C 503 -4.39 30.28 -4.92
CA VAL C 503 -5.35 30.69 -3.90
C VAL C 503 -5.27 32.18 -3.65
N GLY C 504 -4.06 32.72 -3.45
CA GLY C 504 -3.92 34.13 -3.15
C GLY C 504 -4.45 35.02 -4.25
N LEU C 505 -4.05 34.74 -5.50
CA LEU C 505 -4.45 35.60 -6.61
C LEU C 505 -5.94 35.50 -6.88
N GLY C 506 -6.51 34.28 -6.84
CA GLY C 506 -7.94 34.15 -7.04
C GLY C 506 -8.74 34.89 -6.00
N CYS C 507 -8.37 34.72 -4.72
CA CYS C 507 -9.09 35.41 -3.66
C CYS C 507 -8.92 36.93 -3.77
N LEU C 508 -7.71 37.39 -4.09
CA LEU C 508 -7.47 38.83 -4.22
C LEU C 508 -8.31 39.42 -5.35
N LEU C 509 -8.35 38.74 -6.50
CA LEU C 509 -9.11 39.26 -7.63
C LEU C 509 -10.61 39.22 -7.34
N GLN C 510 -11.08 38.19 -6.63
CA GLN C 510 -12.49 38.15 -6.28
C GLN C 510 -12.85 39.27 -5.31
N ILE C 511 -11.98 39.56 -4.34
CA ILE C 511 -12.22 40.68 -3.42
C ILE C 511 -12.24 42.00 -4.19
N VAL C 512 -11.28 42.20 -5.09
CA VAL C 512 -11.20 43.48 -5.80
C VAL C 512 -12.39 43.66 -6.73
N ARG C 513 -12.76 42.61 -7.47
CA ARG C 513 -13.79 42.75 -8.50
C ARG C 513 -15.17 42.92 -7.90
N SER C 514 -15.52 42.12 -6.90
CA SER C 514 -16.86 42.12 -6.33
C SER C 514 -17.04 43.16 -5.24
N HIS C 515 -15.97 43.86 -4.84
CA HIS C 515 -16.02 44.85 -3.76
C HIS C 515 -16.52 44.23 -2.45
N ALA C 516 -16.40 42.92 -2.33
CA ALA C 516 -16.77 42.21 -1.12
C ALA C 516 -15.57 42.10 -0.20
N SER C 517 -15.84 42.01 1.10
CA SER C 517 -14.78 41.96 2.10
C SER C 517 -14.26 40.54 2.34
N GLU C 518 -14.86 39.53 1.72
CA GLU C 518 -14.55 38.16 2.10
C GLU C 518 -15.10 37.19 1.06
N VAL C 519 -14.37 36.11 0.84
CA VAL C 519 -14.80 35.01 -0.02
C VAL C 519 -15.29 33.88 0.87
N LYS C 520 -16.52 33.43 0.63
CA LYS C 520 -17.12 32.38 1.45
C LYS C 520 -16.83 31.02 0.84
N LEU C 521 -16.17 30.16 1.62
CA LEU C 521 -15.88 28.79 1.21
C LEU C 521 -16.91 27.87 1.85
N GLU C 522 -17.77 27.29 1.02
CA GLU C 522 -18.82 26.40 1.50
C GLU C 522 -18.34 24.97 1.33
N PRO C 523 -18.02 24.27 2.42
CA PRO C 523 -17.50 22.91 2.28
C PRO C 523 -18.59 21.94 1.85
N ASP C 524 -18.37 21.29 0.70
CA ASP C 524 -19.35 20.38 0.11
C ASP C 524 -19.37 19.05 0.86
N GLY C 525 -20.00 19.08 2.03
CA GLY C 525 -20.17 17.86 2.81
C GLY C 525 -18.86 17.36 3.39
N LEU C 526 -18.83 16.05 3.65
CA LEU C 526 -17.67 15.40 4.26
C LEU C 526 -16.51 15.19 3.30
N LEU C 527 -16.82 14.93 2.01
CA LEU C 527 -15.79 14.50 1.07
C LEU C 527 -14.58 15.41 1.07
N VAL C 528 -14.80 16.74 1.07
CA VAL C 528 -13.69 17.67 1.00
C VAL C 528 -12.69 17.41 2.12
N TRP C 529 -13.18 17.21 3.35
CA TRP C 529 -12.28 16.93 4.46
C TRP C 529 -11.41 15.72 4.15
N VAL C 530 -12.02 14.63 3.67
CA VAL C 530 -11.26 13.45 3.31
C VAL C 530 -10.14 13.82 2.36
N LEU C 531 -10.46 14.59 1.32
CA LEU C 531 -9.45 15.02 0.37
C LEU C 531 -8.26 15.64 1.10
N ALA C 532 -8.54 16.64 1.94
CA ALA C 532 -7.46 17.29 2.67
C ALA C 532 -6.66 16.27 3.47
N SER C 533 -7.38 15.41 4.21
CA SER C 533 -6.69 14.40 5.00
C SER C 533 -5.73 13.61 4.15
N ALA C 534 -6.21 13.12 3.00
CA ALA C 534 -5.36 12.31 2.13
C ALA C 534 -4.05 13.04 1.83
N LEU C 535 -4.15 14.30 1.41
CA LEU C 535 -2.96 15.05 1.06
C LEU C 535 -1.96 15.02 2.20
N GLY C 536 -2.41 15.38 3.41
CA GLY C 536 -1.50 15.41 4.53
C GLY C 536 -0.84 14.07 4.74
N LEU C 537 -1.61 13.00 4.70
CA LEU C 537 -1.05 11.68 4.94
C LEU C 537 0.06 11.38 3.95
N SER C 538 -0.17 11.71 2.67
CA SER C 538 0.85 11.46 1.67
C SER C 538 2.16 12.10 2.08
N LEU C 539 2.11 13.38 2.48
CA LEU C 539 3.33 14.08 2.87
C LEU C 539 4.01 13.35 4.02
N VAL C 540 3.22 12.93 5.01
CA VAL C 540 3.79 12.22 6.16
C VAL C 540 4.57 11.01 5.67
N PHE C 541 3.98 10.24 4.75
CA PHE C 541 4.69 9.08 4.21
C PHE C 541 6.05 9.48 3.67
N SER C 542 6.08 10.49 2.80
CA SER C 542 7.36 10.93 2.27
C SER C 542 8.27 11.42 3.40
N LEU C 543 7.70 12.18 4.34
CA LEU C 543 8.51 12.73 5.42
C LEU C 543 9.16 11.63 6.24
N VAL C 544 8.61 10.41 6.18
CA VAL C 544 9.24 9.29 6.86
C VAL C 544 10.00 8.41 5.88
N SER C 545 9.54 8.32 4.63
CA SER C 545 10.10 7.31 3.73
C SER C 545 11.46 7.75 3.20
N VAL C 546 11.58 8.99 2.75
CA VAL C 546 12.83 9.48 2.15
C VAL C 546 13.95 9.51 3.19
N PRO C 547 13.79 10.12 4.37
CA PRO C 547 14.91 10.11 5.33
C PRO C 547 15.28 8.72 5.81
N LEU C 548 14.32 7.79 5.90
CA LEU C 548 14.62 6.46 6.41
C LEU C 548 15.47 5.67 5.43
N GLN C 549 15.45 6.04 4.14
CA GLN C 549 16.26 5.39 3.13
C GLN C 549 17.60 6.09 2.92
N CYS C 550 17.94 7.05 3.79
CA CYS C 550 19.15 7.86 3.64
C CYS C 550 19.18 8.57 2.30
N PHE C 551 18.01 9.04 1.86
CA PHE C 551 17.82 9.86 0.67
C PHE C 551 18.19 9.15 -0.63
N GLN C 552 18.27 7.82 -0.62
CA GLN C 552 18.50 7.04 -1.84
C GLN C 552 17.17 6.44 -2.27
N LEU C 553 16.50 7.08 -3.22
CA LEU C 553 15.15 6.70 -3.62
C LEU C 553 15.20 5.52 -4.59
N SER C 554 14.38 4.52 -4.35
CA SER C 554 14.33 3.31 -5.14
C SER C 554 12.96 3.10 -5.76
N LYS C 555 12.78 1.93 -6.37
CA LYS C 555 11.55 1.60 -7.08
C LYS C 555 10.40 1.32 -6.12
N ALA C 556 10.70 0.72 -4.96
CA ALA C 556 9.64 0.36 -4.02
C ALA C 556 8.89 1.58 -3.51
N TYR C 557 9.60 2.70 -3.36
CA TYR C 557 8.96 3.94 -2.93
C TYR C 557 7.90 4.38 -3.93
N GLY C 558 8.25 4.36 -5.22
CA GLY C 558 7.27 4.72 -6.24
C GLY C 558 6.10 3.76 -6.30
N LEU C 559 6.37 2.46 -6.18
CA LEU C 559 5.28 1.48 -6.20
C LEU C 559 4.33 1.69 -5.02
N CYS C 560 4.89 1.96 -3.83
CA CYS C 560 4.05 2.21 -2.66
C CYS C 560 3.23 3.47 -2.83
N LEU C 561 3.82 4.53 -3.41
CA LEU C 561 3.06 5.75 -3.66
C LEU C 561 1.91 5.50 -4.63
N LEU C 562 2.16 4.70 -5.67
CA LEU C 562 1.09 4.37 -6.62
C LEU C 562 -0.04 3.61 -5.94
N LEU C 563 0.31 2.63 -5.10
CA LEU C 563 -0.72 1.88 -4.37
C LEU C 563 -1.48 2.81 -3.43
N PHE C 564 -0.79 3.77 -2.82
CA PHE C 564 -1.45 4.75 -1.96
C PHE C 564 -2.47 5.57 -2.75
N TYR C 565 -2.11 6.00 -3.96
CA TYR C 565 -3.06 6.74 -4.78
C TYR C 565 -4.27 5.88 -5.15
N ILE C 566 -4.03 4.59 -5.43
CA ILE C 566 -5.15 3.70 -5.73
C ILE C 566 -6.09 3.59 -4.53
N CYS C 567 -5.52 3.45 -3.34
CA CYS C 567 -6.35 3.39 -2.13
C CYS C 567 -7.12 4.69 -1.92
N PHE C 568 -6.48 5.83 -2.20
CA PHE C 568 -7.16 7.11 -2.08
C PHE C 568 -8.35 7.20 -3.02
N ILE C 569 -8.18 6.75 -4.26
CA ILE C 569 -9.29 6.78 -5.20
C ILE C 569 -10.38 5.81 -4.76
N VAL C 570 -9.99 4.70 -4.11
CA VAL C 570 -10.98 3.77 -3.56
C VAL C 570 -11.84 4.48 -2.52
N VAL C 571 -11.18 5.20 -1.60
CA VAL C 571 -11.90 5.89 -0.53
C VAL C 571 -12.81 6.97 -1.12
N VAL C 572 -12.33 7.71 -2.11
CA VAL C 572 -13.13 8.76 -2.72
C VAL C 572 -14.35 8.15 -3.41
N LEU C 573 -14.16 7.06 -4.14
CA LEU C 573 -15.28 6.43 -4.84
C LEU C 573 -16.31 5.91 -3.85
N LEU C 574 -15.86 5.32 -2.73
CA LEU C 574 -16.82 4.89 -1.71
C LEU C 574 -17.57 6.07 -1.11
N THR C 575 -16.87 7.17 -0.86
CA THR C 575 -17.51 8.33 -0.23
C THR C 575 -18.54 8.96 -1.15
N GLU C 576 -18.25 9.05 -2.46
CA GLU C 576 -19.15 9.72 -3.38
C GLU C 576 -20.49 9.00 -3.45
N PHE C 577 -20.47 7.69 -3.71
CA PHE C 577 -21.68 6.92 -3.95
C PHE C 577 -22.51 6.67 -2.69
N GLY C 578 -22.17 7.34 -1.58
CA GLY C 578 -22.96 7.23 -0.38
C GLY C 578 -22.84 5.93 0.36
N VAL C 579 -21.85 5.09 0.02
CA VAL C 579 -21.70 3.80 0.71
C VAL C 579 -21.38 4.02 2.18
N ILE C 580 -20.50 4.99 2.48
CA ILE C 580 -20.23 5.40 3.84
C ILE C 580 -20.90 6.75 4.03
N HIS C 581 -21.58 6.94 5.16
CA HIS C 581 -22.35 8.14 5.43
C HIS C 581 -22.66 8.26 6.91
N LEU C 582 -22.43 9.45 7.46
CA LEU C 582 -22.86 9.74 8.82
C LEU C 582 -24.35 10.09 8.84
CA CA D . -9.04 -22.01 -11.35
CA CA E . 8.02 -1.36 24.87
CA CA F . -0.10 21.41 -13.57
#